data_7Z6S
#
_entry.id   7Z6S
#
loop_
_entity.id
_entity.type
_entity.pdbx_description
1 polymer 'Tubulin alpha-1B chain'
2 polymer 'Tubulin beta-3 chain'
3 polymer 'Uncharacterized protein KIAA0895-like'
4 non-polymer "GUANOSINE-5'-TRIPHOSPHATE"
5 non-polymer 'MAGNESIUM ION'
6 non-polymer "GUANOSINE-5'-DIPHOSPHATE"
7 non-polymer 'ZINC ION'
#
loop_
_entity_poly.entity_id
_entity_poly.type
_entity_poly.pdbx_seq_one_letter_code
_entity_poly.pdbx_strand_id
1 'polypeptide(L)'
;MRECISIHVGQAGVQIGNACWELYCLEHGIQPDGQMPSDKTIHHHHHHGGGDDSFNTFFSETGAGKHVPRAVFVDLEPTV
IDEVRTGTYRQLFHPEQLITGKEDAANNYARGHYTIGKEIIDLVLDRIRKLADQCTGLQGFLVFHSFGGGTGSGFTSLLM
ERLSVDYGKKSKLEFSIYPAPQVSTAVVEPYNSILTTHTTLEHSDCAFMVDNEAIYDICRRNLDIERPTYTNLNRLISQI
VSSITASLRFDGALNVDLTEFQTNLVPYPRIHFPLATYAPVISAEKAYHEQLSVAEITNACFEPANQMVKCDPRHGKYMA
CCLLYRGDVVPKDVNAAIATIKTKRSIQFVDWCPTGFKVGINYQPPTVVPGGDLAKVQRAVCMLSNTTAIAEAWARLDHK
FDLMYAKRAFVHWYVGEGMEEGEFSEAREDMAALEKDYEEVGVDSVEGEGEEEGEEY
;
A,K
2 'polypeptide(L)'
;MREIVHIQAGQCGNQIGAKFWEVISDEHGIDPSGNYVGDSDLQLERISVYYNEASSHKYVPRAILVDLEPGTMDSVRSGA
FGHLFRPDNFIFGQSGAGNNWAKGHYTEGAELVDSVLDVVRKECENCDCLQGFQLTHSLGGGTGSGMGTLLISKVREEYP
DRIMNTFSVVPSPKVSDTVVEPYNATLSIHQLVENTDETYCIDNEALYDICFRTLKLATPTYGDLNHLVSATMSGVTTSL
RFPGQLNADLRKLAVNMVPFPRLHFFMPGFAPLTARGSQQYRALTVPELTQQMFDAKNMMAACDPRHGRYLTVATVFRGR
MSMKEVDEQMLAIQSKNSSYFVEWIPNNVKVAVCDIPPRGLKMSSTFIGNSTAIQELFKRISEQFTAMFRRKAFLHWYTG
EGMDEMEFTEAESNMNDLVSEYQQYQDATAEEEGEMYEDDEEESEAQGPKENLYFQ
;
B,H
3 'polypeptide(L)'
;MVLDSGAQAYDQAPPSPPTSPPSLRHRLKPSDRDGPPLYPWSQSLALPLALAVPPALQPQPEQQPFSQMLLGHRGHMRRS
ESTYSVNSTGRRGRGTLGRPPPGRGRNPGGGTLRPAASLPHIAKTQRDAGHIASKSPCMLVALRPTNMDRERDKFFQSHY
TYNPQFEYQEPMPTAVLEKYCEASGQFIHQAVGIIEAVLEKFGTYEHFEAATGGQLLTKCQIWSIVRKYMQKEGCAGEVV
VQLSEDLLSQAVMMVENSRPTLAINLTGARQYWLEGMLRHQIGTHYLRGVNNARQPWHNAEGRLRYGLRPANPTEEGLAS
LHSVLFRKQPFLWRAALLYYTIHRAARMSFRQLFQDLERYVQDADVRWEYCVRAKRGQTDTSLPGCFSKDQVYLDGIVRI
LRHRQTIDFPLLTSLGKVSYEDVDHLRPHGVLDNTRVPHFMQDLARYRQQLEHIMATNRLDEAELGRLLPD
;
C,E
#
# COMPACT_ATOMS: atom_id res chain seq x y z
N MET A 1 -13.27 7.71 28.75
CA MET A 1 -11.93 8.24 28.97
C MET A 1 -11.37 8.84 27.68
N ARG A 2 -12.24 9.03 26.69
CA ARG A 2 -11.93 9.77 25.48
C ARG A 2 -12.91 10.93 25.44
N GLU A 3 -12.55 12.03 26.09
CA GLU A 3 -13.49 13.13 26.24
C GLU A 3 -13.45 14.04 25.03
N CYS A 4 -14.56 14.74 24.81
CA CYS A 4 -14.70 15.67 23.70
C CYS A 4 -15.71 16.72 24.10
N ILE A 5 -15.27 17.98 24.17
CA ILE A 5 -16.16 19.05 24.60
C ILE A 5 -16.86 19.66 23.40
N SER A 6 -17.98 20.31 23.67
CA SER A 6 -18.79 20.98 22.65
C SER A 6 -18.86 22.46 22.95
N ILE A 7 -18.66 23.28 21.94
CA ILE A 7 -18.67 24.73 22.06
C ILE A 7 -19.69 25.26 21.07
N HIS A 8 -20.73 25.92 21.58
CA HIS A 8 -21.80 26.43 20.74
C HIS A 8 -21.72 27.95 20.71
N VAL A 9 -21.46 28.50 19.53
CA VAL A 9 -21.33 29.93 19.35
C VAL A 9 -22.51 30.41 18.52
N GLY A 10 -23.12 31.51 18.94
CA GLY A 10 -24.20 32.11 18.19
C GLY A 10 -25.51 31.38 18.38
N GLN A 11 -26.58 32.04 17.91
CA GLN A 11 -27.93 31.50 18.09
C GLN A 11 -28.10 30.16 17.39
N ALA A 12 -27.57 30.05 16.17
CA ALA A 12 -27.63 28.78 15.45
C ALA A 12 -26.98 27.67 16.25
N GLY A 13 -25.77 27.92 16.73
CA GLY A 13 -25.10 26.92 17.54
C GLY A 13 -25.91 26.54 18.76
N VAL A 14 -26.50 27.54 19.43
CA VAL A 14 -27.19 27.24 20.68
C VAL A 14 -28.43 26.39 20.42
N GLN A 15 -29.19 26.71 19.37
CA GLN A 15 -30.38 25.93 19.10
C GLN A 15 -30.02 24.52 18.63
N ILE A 16 -29.03 24.41 17.74
CA ILE A 16 -28.57 23.09 17.33
C ILE A 16 -28.14 22.29 18.55
N GLY A 17 -27.49 22.95 19.50
CA GLY A 17 -27.09 22.25 20.70
C GLY A 17 -28.26 21.82 21.55
N ASN A 18 -29.30 22.64 21.62
CA ASN A 18 -30.51 22.20 22.29
C ASN A 18 -30.97 20.88 21.72
N ALA A 19 -31.04 20.81 20.39
CA ALA A 19 -31.46 19.57 19.74
C ALA A 19 -30.50 18.43 20.05
N CYS A 20 -29.19 18.70 19.94
CA CYS A 20 -28.19 17.64 20.09
C CYS A 20 -28.21 17.05 21.49
N TRP A 21 -28.30 17.91 22.50
CA TRP A 21 -28.28 17.41 23.87
C TRP A 21 -29.60 16.77 24.25
N GLU A 22 -30.71 17.22 23.66
CA GLU A 22 -31.95 16.45 23.79
C GLU A 22 -31.75 15.04 23.26
N LEU A 23 -31.13 14.94 22.09
CA LEU A 23 -30.91 13.64 21.49
C LEU A 23 -30.03 12.76 22.37
N TYR A 24 -28.92 13.32 22.87
CA TYR A 24 -28.03 12.53 23.73
C TYR A 24 -28.75 12.07 24.97
N CYS A 25 -29.38 12.99 25.70
CA CYS A 25 -30.10 12.63 26.91
C CYS A 25 -31.13 11.54 26.63
N LEU A 26 -31.70 11.54 25.43
CA LEU A 26 -32.59 10.45 25.08
C LEU A 26 -31.83 9.15 24.84
N GLU A 27 -30.63 9.24 24.25
CA GLU A 27 -29.91 8.03 23.87
C GLU A 27 -29.51 7.22 25.08
N HIS A 28 -28.85 7.84 26.06
CA HIS A 28 -28.28 7.13 27.19
C HIS A 28 -29.26 6.99 28.35
N GLY A 29 -30.55 7.24 28.11
CA GLY A 29 -31.54 7.15 29.16
C GLY A 29 -31.29 8.15 30.28
N ILE A 30 -31.02 9.40 29.91
CA ILE A 30 -30.69 10.46 30.86
C ILE A 30 -31.89 11.38 30.98
N GLN A 31 -32.40 11.54 32.20
CA GLN A 31 -33.47 12.48 32.46
C GLN A 31 -32.96 13.90 32.22
N PRO A 32 -33.86 14.86 32.00
CA PRO A 32 -33.41 16.25 31.80
C PRO A 32 -32.62 16.80 32.95
N ASP A 33 -32.86 16.32 34.18
CA ASP A 33 -32.14 16.77 35.36
C ASP A 33 -30.86 15.97 35.60
N GLY A 34 -30.33 15.30 34.58
CA GLY A 34 -29.09 14.59 34.71
C GLY A 34 -29.16 13.25 35.40
N GLN A 35 -30.32 12.84 35.89
CA GLN A 35 -30.48 11.55 36.53
C GLN A 35 -30.78 10.49 35.49
N MET A 36 -30.53 9.23 35.87
CA MET A 36 -30.91 8.12 35.03
C MET A 36 -31.47 7.01 35.93
N PRO A 37 -32.72 6.58 35.69
CA PRO A 37 -33.39 5.55 36.49
C PRO A 37 -32.74 4.17 36.34
N HIS A 46 -26.01 -3.55 25.48
CA HIS A 46 -24.91 -3.08 24.63
C HIS A 46 -24.16 -1.92 25.29
N HIS A 47 -24.84 -1.22 26.18
CA HIS A 47 -24.24 -0.07 26.86
C HIS A 47 -23.10 -0.53 27.77
N HIS A 48 -22.13 0.36 27.97
CA HIS A 48 -21.02 0.09 28.88
C HIS A 48 -21.29 0.65 30.27
N ASP A 53 -16.64 3.81 29.91
CA ASP A 53 -18.09 3.81 29.85
C ASP A 53 -18.56 4.51 28.57
N SER A 54 -19.86 4.48 28.33
CA SER A 54 -20.41 5.12 27.14
C SER A 54 -20.56 6.63 27.34
N PHE A 55 -21.41 7.03 28.30
CA PHE A 55 -21.73 8.43 28.45
C PHE A 55 -20.57 9.26 28.98
N ASN A 56 -19.56 8.61 29.57
CA ASN A 56 -18.45 9.35 30.16
C ASN A 56 -17.77 10.26 29.15
N THR A 57 -17.80 9.90 27.87
CA THR A 57 -17.08 10.66 26.87
C THR A 57 -17.70 12.04 26.63
N PHE A 58 -19.01 12.16 26.85
CA PHE A 58 -19.68 13.44 26.71
C PHE A 58 -20.28 13.96 28.01
N PHE A 59 -20.64 13.09 28.93
CA PHE A 59 -21.22 13.50 30.20
C PHE A 59 -20.18 13.32 31.30
N SER A 60 -19.86 14.39 32.01
CA SER A 60 -19.13 14.19 33.25
C SER A 60 -20.12 13.90 34.36
N GLU A 61 -19.63 13.26 35.42
CA GLU A 61 -20.50 12.81 36.49
C GLU A 61 -20.06 13.40 37.82
N THR A 62 -21.03 13.83 38.60
CA THR A 62 -20.80 14.32 39.95
C THR A 62 -21.11 13.21 40.95
N GLY A 63 -21.04 13.55 42.24
CA GLY A 63 -21.19 12.53 43.26
C GLY A 63 -22.52 11.81 43.20
N ALA A 64 -23.60 12.57 43.08
CA ALA A 64 -24.92 11.96 42.97
C ALA A 64 -25.08 11.36 41.57
N GLY A 65 -26.29 10.87 41.30
CA GLY A 65 -26.60 10.32 39.99
C GLY A 65 -26.78 11.36 38.93
N LYS A 66 -26.28 12.57 39.17
CA LYS A 66 -26.47 13.69 38.26
C LYS A 66 -25.27 13.83 37.34
N HIS A 67 -25.52 13.78 36.04
CA HIS A 67 -24.48 13.97 35.03
C HIS A 67 -24.68 15.32 34.39
N VAL A 68 -23.58 15.96 33.99
CA VAL A 68 -23.67 17.24 33.32
C VAL A 68 -22.92 17.20 31.99
N PRO A 69 -23.38 17.94 31.00
CA PRO A 69 -22.70 17.94 29.70
C PRO A 69 -21.42 18.76 29.73
N ARG A 70 -20.54 18.42 28.81
CA ARG A 70 -19.31 19.17 28.62
C ARG A 70 -19.49 20.21 27.51
N ALA A 71 -20.46 21.10 27.72
CA ALA A 71 -20.81 22.10 26.72
C ALA A 71 -20.53 23.49 27.26
N VAL A 72 -20.21 24.40 26.35
CA VAL A 72 -19.95 25.80 26.68
C VAL A 72 -20.79 26.66 25.76
N PHE A 73 -21.96 27.05 26.22
CA PHE A 73 -22.89 27.85 25.42
C PHE A 73 -22.52 29.31 25.59
N VAL A 74 -21.98 29.92 24.54
CA VAL A 74 -21.54 31.30 24.59
C VAL A 74 -22.35 32.10 23.57
N ASP A 75 -22.79 33.28 23.98
CA ASP A 75 -23.52 34.17 23.09
C ASP A 75 -23.35 35.60 23.58
N LEU A 76 -23.58 36.55 22.68
CA LEU A 76 -23.53 37.95 23.04
C LEU A 76 -24.90 38.56 23.30
N GLU A 77 -25.98 37.88 22.92
CA GLU A 77 -27.33 38.34 23.20
C GLU A 77 -27.98 37.35 24.15
N PRO A 78 -28.46 37.79 25.31
CA PRO A 78 -28.95 36.84 26.32
C PRO A 78 -30.28 36.20 26.01
N THR A 79 -30.92 36.52 24.88
CA THR A 79 -32.29 36.04 24.64
C THR A 79 -32.35 34.52 24.57
N VAL A 80 -31.59 33.92 23.66
CA VAL A 80 -31.71 32.49 23.42
C VAL A 80 -31.17 31.71 24.62
N ILE A 81 -30.08 32.18 25.23
CA ILE A 81 -29.55 31.51 26.40
C ILE A 81 -30.57 31.56 27.53
N ASP A 82 -31.27 32.68 27.66
CA ASP A 82 -32.32 32.77 28.66
C ASP A 82 -33.43 31.78 28.37
N GLU A 83 -33.77 31.61 27.09
CA GLU A 83 -34.74 30.58 26.74
C GLU A 83 -34.25 29.21 27.18
N VAL A 84 -32.96 28.95 27.01
CA VAL A 84 -32.40 27.67 27.46
C VAL A 84 -32.55 27.52 28.96
N ARG A 85 -32.20 28.57 29.71
CA ARG A 85 -32.29 28.54 31.16
C ARG A 85 -33.73 28.33 31.62
N THR A 86 -34.69 28.78 30.81
CA THR A 86 -36.10 28.65 31.14
C THR A 86 -36.72 27.39 30.57
N GLY A 87 -36.06 26.74 29.62
CA GLY A 87 -36.62 25.56 29.00
C GLY A 87 -36.64 24.38 29.95
N THR A 88 -37.17 23.26 29.44
CA THR A 88 -37.19 22.04 30.23
C THR A 88 -35.78 21.55 30.56
N TYR A 89 -34.79 21.93 29.75
CA TYR A 89 -33.40 21.57 30.03
C TYR A 89 -32.70 22.65 30.84
N ARG A 90 -33.33 23.01 31.95
CA ARG A 90 -32.78 23.99 32.87
C ARG A 90 -31.86 23.33 33.88
N GLN A 91 -32.33 22.27 34.52
CA GLN A 91 -31.55 21.58 35.53
C GLN A 91 -30.27 20.96 34.99
N LEU A 92 -30.17 20.76 33.67
CA LEU A 92 -29.10 19.94 33.13
C LEU A 92 -27.75 20.67 33.19
N PHE A 93 -27.62 21.76 32.46
CA PHE A 93 -26.32 22.34 32.20
C PHE A 93 -25.73 22.98 33.44
N HIS A 94 -24.40 22.99 33.51
CA HIS A 94 -23.72 23.64 34.60
C HIS A 94 -23.87 25.15 34.45
N PRO A 95 -24.51 25.83 35.38
CA PRO A 95 -24.93 27.22 35.15
C PRO A 95 -23.78 28.17 34.87
N GLU A 96 -22.57 27.79 35.27
CA GLU A 96 -21.44 28.66 34.99
C GLU A 96 -21.10 28.70 33.51
N GLN A 97 -21.42 27.65 32.77
CA GLN A 97 -21.04 27.61 31.36
C GLN A 97 -21.88 28.55 30.49
N LEU A 98 -23.12 28.83 30.86
CA LEU A 98 -24.03 29.56 30.00
C LEU A 98 -23.61 31.03 29.97
N ILE A 99 -22.53 31.27 29.24
CA ILE A 99 -21.94 32.60 29.15
C ILE A 99 -22.80 33.44 28.20
N THR A 100 -23.23 34.60 28.69
CA THR A 100 -24.02 35.53 27.89
C THR A 100 -23.34 36.88 27.87
N GLY A 101 -23.29 37.50 26.70
CA GLY A 101 -22.79 38.85 26.57
C GLY A 101 -23.86 39.86 26.90
N LYS A 102 -23.69 41.07 26.37
CA LYS A 102 -24.70 42.11 26.55
C LYS A 102 -25.30 42.60 25.25
N GLU A 103 -24.48 42.92 24.26
CA GLU A 103 -24.97 43.39 22.96
C GLU A 103 -24.39 42.50 21.88
N ASP A 104 -25.26 41.86 21.11
CA ASP A 104 -24.81 40.92 20.10
C ASP A 104 -24.08 41.65 18.98
N ALA A 105 -23.31 40.90 18.20
CA ALA A 105 -22.55 41.49 17.12
C ALA A 105 -23.44 42.12 16.06
N ALA A 106 -24.74 41.80 16.07
CA ALA A 106 -25.69 42.36 15.13
C ALA A 106 -25.24 42.13 13.70
N ASN A 107 -24.91 40.88 13.39
CA ASN A 107 -24.52 40.47 12.06
C ASN A 107 -23.38 41.32 11.52
N ASN A 108 -22.46 41.68 12.41
CA ASN A 108 -21.27 42.44 12.05
C ASN A 108 -20.06 41.66 12.51
N TYR A 109 -19.17 41.30 11.57
CA TYR A 109 -18.00 40.51 11.92
C TYR A 109 -17.07 41.27 12.84
N ALA A 110 -16.84 42.55 12.56
CA ALA A 110 -15.90 43.33 13.35
C ALA A 110 -16.30 43.36 14.81
N ARG A 111 -17.59 43.56 15.08
CA ARG A 111 -18.08 43.52 16.45
C ARG A 111 -17.83 42.16 17.08
N GLY A 112 -18.07 41.10 16.32
CA GLY A 112 -17.94 39.76 16.85
C GLY A 112 -16.51 39.27 16.97
N HIS A 113 -15.54 40.01 16.45
CA HIS A 113 -14.15 39.57 16.50
C HIS A 113 -13.18 40.61 17.03
N TYR A 114 -13.54 41.87 17.09
CA TYR A 114 -12.62 42.90 17.57
C TYR A 114 -13.15 43.67 18.76
N THR A 115 -14.41 44.06 18.76
CA THR A 115 -14.91 44.99 19.76
C THR A 115 -15.56 44.30 20.95
N ILE A 116 -16.63 43.54 20.71
CA ILE A 116 -17.44 43.02 21.80
C ILE A 116 -16.89 41.69 22.28
N GLY A 117 -16.80 40.71 21.38
CA GLY A 117 -16.34 39.39 21.78
C GLY A 117 -14.97 39.42 22.43
N LYS A 118 -14.19 40.46 22.16
CA LYS A 118 -12.89 40.63 22.78
C LYS A 118 -12.99 40.76 24.29
N GLU A 119 -14.19 41.04 24.81
CA GLU A 119 -14.35 41.29 26.23
C GLU A 119 -14.88 40.09 27.01
N ILE A 120 -15.32 39.02 26.33
CA ILE A 120 -15.68 37.80 27.01
C ILE A 120 -14.91 36.59 26.50
N ILE A 121 -14.04 36.79 25.50
CA ILE A 121 -13.23 35.69 25.02
C ILE A 121 -12.41 35.09 26.14
N ASP A 122 -11.95 35.93 27.08
CA ASP A 122 -11.13 35.44 28.18
C ASP A 122 -11.93 34.55 29.11
N LEU A 123 -13.16 34.96 29.45
CA LEU A 123 -13.99 34.12 30.30
C LEU A 123 -14.31 32.80 29.61
N VAL A 124 -14.58 32.84 28.30
CA VAL A 124 -14.86 31.61 27.58
C VAL A 124 -13.65 30.68 27.61
N LEU A 125 -12.47 31.23 27.34
CA LEU A 125 -11.26 30.42 27.39
C LEU A 125 -11.03 29.85 28.77
N ASP A 126 -11.35 30.62 29.82
CA ASP A 126 -11.17 30.12 31.17
C ASP A 126 -12.07 28.92 31.44
N ARG A 127 -13.34 29.01 31.05
CA ARG A 127 -14.22 27.86 31.24
C ARG A 127 -13.77 26.67 30.41
N ILE A 128 -13.28 26.94 29.20
CA ILE A 128 -12.73 25.88 28.37
C ILE A 128 -11.59 25.18 29.08
N ARG A 129 -10.67 25.96 29.63
CA ARG A 129 -9.52 25.39 30.32
C ARG A 129 -9.93 24.57 31.53
N LYS A 130 -10.91 25.06 32.30
CA LYS A 130 -11.39 24.27 33.42
C LYS A 130 -11.93 22.93 32.95
N LEU A 131 -12.81 22.96 31.94
CA LEU A 131 -13.41 21.72 31.48
C LEU A 131 -12.36 20.77 30.91
N ALA A 132 -11.36 21.31 30.20
CA ALA A 132 -10.32 20.47 29.65
C ALA A 132 -9.50 19.81 30.75
N ASP A 133 -9.04 20.60 31.72
CA ASP A 133 -8.22 20.05 32.79
C ASP A 133 -8.98 19.08 33.67
N GLN A 134 -10.32 19.18 33.72
CA GLN A 134 -11.05 18.17 34.46
C GLN A 134 -11.15 16.84 33.70
N CYS A 135 -10.76 16.82 32.42
CA CYS A 135 -10.77 15.62 31.61
C CYS A 135 -9.37 15.04 31.51
N THR A 136 -9.29 13.80 31.03
CA THR A 136 -8.02 13.08 30.94
C THR A 136 -7.66 12.68 29.51
N GLY A 137 -8.60 12.10 28.78
CA GLY A 137 -8.32 11.65 27.42
C GLY A 137 -9.01 12.51 26.38
N LEU A 138 -8.91 13.83 26.55
CA LEU A 138 -9.55 14.78 25.66
C LEU A 138 -9.22 14.47 24.20
N GLN A 139 -10.27 14.29 23.39
CA GLN A 139 -10.08 13.99 21.98
C GLN A 139 -10.00 15.26 21.14
N GLY A 140 -11.00 16.13 21.24
CA GLY A 140 -10.99 17.34 20.44
C GLY A 140 -12.22 18.19 20.66
N PHE A 141 -12.43 19.11 19.72
CA PHE A 141 -13.43 20.16 19.87
C PHE A 141 -14.54 20.02 18.86
N LEU A 142 -15.75 20.36 19.28
CA LEU A 142 -16.91 20.42 18.39
C LEU A 142 -17.47 21.84 18.49
N VAL A 143 -17.19 22.65 17.48
CA VAL A 143 -17.72 24.00 17.41
C VAL A 143 -18.99 23.98 16.57
N PHE A 144 -20.11 24.38 17.17
CA PHE A 144 -21.38 24.48 16.48
C PHE A 144 -21.64 25.95 16.23
N HIS A 145 -21.48 26.40 14.98
CA HIS A 145 -21.59 27.82 14.72
C HIS A 145 -22.06 28.02 13.29
N SER A 146 -22.83 29.08 13.08
CA SER A 146 -23.30 29.42 11.75
C SER A 146 -22.21 30.13 10.99
N PHE A 147 -22.55 30.67 9.83
CA PHE A 147 -21.59 31.38 8.99
C PHE A 147 -21.99 32.81 8.67
N GLY A 148 -23.28 33.12 8.69
CA GLY A 148 -23.73 34.46 8.34
C GLY A 148 -23.77 35.39 9.53
N GLY A 149 -24.21 34.87 10.68
CA GLY A 149 -24.35 35.72 11.84
C GLY A 149 -23.04 36.35 12.25
N GLY A 150 -23.13 37.55 12.83
CA GLY A 150 -21.93 38.25 13.24
C GLY A 150 -21.21 37.53 14.37
N THR A 151 -21.95 37.16 15.41
CA THR A 151 -21.36 36.42 16.51
C THR A 151 -20.71 35.14 16.01
N GLY A 152 -21.47 34.33 15.29
CA GLY A 152 -20.94 33.11 14.72
C GLY A 152 -19.58 33.32 14.07
N SER A 153 -19.54 34.09 12.99
CA SER A 153 -18.30 34.25 12.24
C SER A 153 -17.18 34.83 13.11
N GLY A 154 -17.41 36.02 13.67
CA GLY A 154 -16.35 36.70 14.37
C GLY A 154 -15.86 35.97 15.60
N PHE A 155 -16.79 35.64 16.49
CA PHE A 155 -16.44 34.95 17.72
C PHE A 155 -15.83 33.58 17.44
N THR A 156 -16.33 32.85 16.45
CA THR A 156 -15.74 31.56 16.14
C THR A 156 -14.33 31.72 15.62
N SER A 157 -14.09 32.71 14.75
CA SER A 157 -12.72 32.93 14.29
C SER A 157 -11.79 33.22 15.45
N LEU A 158 -12.22 34.13 16.33
CA LEU A 158 -11.39 34.46 17.49
C LEU A 158 -11.13 33.25 18.36
N LEU A 159 -12.18 32.47 18.63
CA LEU A 159 -12.06 31.34 19.52
C LEU A 159 -11.17 30.26 18.93
N MET A 160 -11.29 30.02 17.62
CA MET A 160 -10.44 29.02 16.98
C MET A 160 -8.99 29.45 17.02
N GLU A 161 -8.70 30.72 16.75
CA GLU A 161 -7.32 31.18 16.85
C GLU A 161 -6.79 30.99 18.26
N ARG A 162 -7.59 31.35 19.26
CA ARG A 162 -7.15 31.22 20.64
C ARG A 162 -6.89 29.77 21.01
N LEU A 163 -7.81 28.86 20.66
CA LEU A 163 -7.63 27.47 21.02
C LEU A 163 -6.42 26.87 20.31
N SER A 164 -6.27 27.17 19.01
CA SER A 164 -5.09 26.68 18.30
C SER A 164 -3.81 27.19 18.92
N VAL A 165 -3.82 28.42 19.44
CA VAL A 165 -2.66 28.90 20.19
C VAL A 165 -2.46 28.07 21.44
N ASP A 166 -3.55 27.79 22.16
CA ASP A 166 -3.42 27.13 23.45
C ASP A 166 -3.17 25.64 23.30
N TYR A 167 -4.11 24.93 22.70
CA TYR A 167 -4.01 23.48 22.50
C TYR A 167 -3.35 23.26 21.14
N GLY A 168 -2.06 22.98 21.16
CA GLY A 168 -1.27 22.92 19.94
C GLY A 168 -1.78 21.96 18.90
N LYS A 169 -1.83 20.68 19.23
CA LYS A 169 -2.22 19.63 18.30
C LYS A 169 -3.36 18.82 18.89
N LYS A 170 -4.59 19.24 18.59
CA LYS A 170 -5.78 18.49 18.97
C LYS A 170 -6.85 18.68 17.92
N SER A 171 -7.81 17.76 17.90
CA SER A 171 -8.85 17.77 16.89
C SER A 171 -9.75 18.98 17.07
N LYS A 172 -10.08 19.67 15.98
CA LYS A 172 -10.96 20.84 15.99
C LYS A 172 -11.95 20.71 14.84
N LEU A 173 -13.18 20.33 15.17
CA LEU A 173 -14.23 20.11 14.18
C LEU A 173 -15.31 21.16 14.30
N GLU A 174 -15.73 21.71 13.16
CA GLU A 174 -16.75 22.73 13.09
C GLU A 174 -17.96 22.21 12.33
N PHE A 175 -19.13 22.75 12.65
CA PHE A 175 -20.35 22.47 11.90
C PHE A 175 -20.90 23.80 11.41
N SER A 176 -20.36 24.28 10.30
CA SER A 176 -20.79 25.56 9.79
C SER A 176 -22.12 25.42 9.08
N ILE A 177 -22.83 26.54 8.99
CA ILE A 177 -24.08 26.62 8.24
C ILE A 177 -23.77 27.41 6.98
N TYR A 178 -23.44 26.72 5.91
CA TYR A 178 -23.01 27.38 4.69
C TYR A 178 -24.13 28.26 4.16
N PRO A 179 -23.86 29.50 3.77
CA PRO A 179 -24.92 30.37 3.27
C PRO A 179 -25.50 29.87 1.96
N ALA A 180 -26.82 29.78 1.91
CA ALA A 180 -27.50 29.19 0.77
C ALA A 180 -27.30 30.06 -0.48
N PRO A 181 -27.40 29.46 -1.67
CA PRO A 181 -27.25 30.26 -2.90
C PRO A 181 -28.38 31.25 -3.13
N GLN A 182 -29.61 30.92 -2.74
CA GLN A 182 -30.74 31.77 -3.08
C GLN A 182 -31.55 32.25 -1.88
N VAL A 183 -31.60 31.50 -0.79
CA VAL A 183 -32.31 31.91 0.41
C VAL A 183 -31.26 32.46 1.37
N SER A 184 -31.30 33.76 1.60
CA SER A 184 -30.41 34.41 2.56
C SER A 184 -31.23 35.26 3.51
N THR A 185 -31.19 34.93 4.80
CA THR A 185 -31.88 35.74 5.79
C THR A 185 -31.12 37.01 6.09
N ALA A 186 -29.79 36.98 6.03
CA ALA A 186 -29.00 38.17 6.26
C ALA A 186 -28.77 38.92 4.96
N VAL A 187 -28.08 40.05 5.05
CA VAL A 187 -27.82 40.88 3.89
C VAL A 187 -26.31 41.02 3.70
N VAL A 188 -25.57 40.84 4.78
CA VAL A 188 -24.12 40.95 4.73
C VAL A 188 -23.46 39.57 4.80
N GLU A 189 -24.18 38.51 4.45
CA GLU A 189 -23.61 37.18 4.48
C GLU A 189 -22.27 37.05 3.76
N PRO A 190 -22.07 37.60 2.56
CA PRO A 190 -20.75 37.43 1.93
C PRO A 190 -19.61 37.95 2.76
N TYR A 191 -19.78 39.10 3.43
CA TYR A 191 -18.68 39.65 4.21
C TYR A 191 -18.31 38.74 5.37
N ASN A 192 -19.30 38.36 6.18
CA ASN A 192 -19.03 37.48 7.31
C ASN A 192 -18.43 36.17 6.83
N SER A 193 -18.97 35.60 5.77
CA SER A 193 -18.48 34.32 5.29
C SER A 193 -17.03 34.42 4.86
N ILE A 194 -16.70 35.42 4.03
CA ILE A 194 -15.34 35.54 3.54
C ILE A 194 -14.37 35.76 4.67
N LEU A 195 -14.72 36.66 5.60
CA LEU A 195 -13.80 36.94 6.71
C LEU A 195 -13.58 35.71 7.58
N THR A 196 -14.67 35.06 8.00
CA THR A 196 -14.52 33.91 8.87
C THR A 196 -13.82 32.77 8.17
N THR A 197 -13.98 32.64 6.85
CA THR A 197 -13.28 31.58 6.15
C THR A 197 -11.80 31.88 6.05
N HIS A 198 -11.45 33.12 5.70
CA HIS A 198 -10.04 33.50 5.67
C HIS A 198 -9.39 33.27 7.02
N THR A 199 -10.11 33.48 8.10
CA THR A 199 -9.51 33.26 9.41
C THR A 199 -9.40 31.77 9.73
N THR A 200 -10.52 31.05 9.69
CA THR A 200 -10.57 29.66 10.09
C THR A 200 -9.84 28.72 9.14
N LEU A 201 -9.43 29.20 7.96
CA LEU A 201 -8.77 28.33 7.00
C LEU A 201 -7.45 27.78 7.52
N GLU A 202 -6.85 28.43 8.51
CA GLU A 202 -5.55 28.02 9.02
C GLU A 202 -5.64 27.32 10.36
N HIS A 203 -6.82 27.15 10.89
CA HIS A 203 -6.90 26.57 12.22
C HIS A 203 -7.85 25.38 12.31
N SER A 204 -8.97 25.41 11.61
CA SER A 204 -9.93 24.33 11.70
C SER A 204 -9.39 23.07 11.04
N ASP A 205 -9.37 21.98 11.79
CA ASP A 205 -8.91 20.71 11.22
C ASP A 205 -9.86 20.23 10.14
N CYS A 206 -11.16 20.23 10.43
CA CYS A 206 -12.15 19.73 9.48
C CYS A 206 -13.48 20.40 9.77
N ALA A 207 -13.98 21.15 8.80
CA ALA A 207 -15.30 21.76 8.90
C ALA A 207 -16.34 20.75 8.45
N PHE A 208 -17.61 21.14 8.48
CA PHE A 208 -18.70 20.25 8.08
C PHE A 208 -19.79 21.09 7.43
N MET A 209 -19.78 21.13 6.11
CA MET A 209 -20.73 21.98 5.40
C MET A 209 -22.14 21.39 5.46
N VAL A 210 -23.07 22.25 5.87
CA VAL A 210 -24.51 22.00 5.90
C VAL A 210 -25.20 23.31 5.54
N ASP A 211 -26.33 23.21 4.84
CA ASP A 211 -27.09 24.39 4.46
C ASP A 211 -28.56 24.20 4.83
N ASN A 212 -29.25 25.33 5.02
CA ASN A 212 -30.67 25.26 5.35
C ASN A 212 -31.53 24.93 4.12
N GLU A 213 -31.16 25.43 2.95
CA GLU A 213 -31.99 25.21 1.76
C GLU A 213 -32.12 23.73 1.45
N ALA A 214 -31.00 23.01 1.46
CA ALA A 214 -31.05 21.59 1.15
C ALA A 214 -31.89 20.84 2.17
N ILE A 215 -31.84 21.25 3.44
CA ILE A 215 -32.64 20.56 4.44
C ILE A 215 -34.11 20.87 4.26
N TYR A 216 -34.44 22.09 3.84
CA TYR A 216 -35.82 22.38 3.46
C TYR A 216 -36.28 21.44 2.37
N ASP A 217 -35.45 21.30 1.33
CA ASP A 217 -35.79 20.42 0.21
C ASP A 217 -36.01 19.00 0.69
N ILE A 218 -35.12 18.50 1.54
CA ILE A 218 -35.22 17.11 2.01
C ILE A 218 -36.47 16.93 2.85
N CYS A 219 -36.76 17.89 3.72
CA CYS A 219 -37.96 17.78 4.55
C CYS A 219 -39.21 17.77 3.70
N ARG A 220 -39.25 18.59 2.65
CA ARG A 220 -40.44 18.62 1.81
C ARG A 220 -40.58 17.32 1.01
N ARG A 221 -39.51 16.89 0.35
CA ARG A 221 -39.66 15.78 -0.59
C ARG A 221 -39.71 14.44 0.13
N ASN A 222 -38.72 14.16 0.98
CA ASN A 222 -38.61 12.83 1.57
C ASN A 222 -39.53 12.65 2.77
N LEU A 223 -39.44 13.55 3.75
CA LEU A 223 -40.25 13.39 4.95
C LEU A 223 -41.71 13.79 4.74
N ASP A 224 -42.03 14.44 3.62
CA ASP A 224 -43.40 14.83 3.31
C ASP A 224 -43.99 15.75 4.38
N ILE A 225 -43.21 16.72 4.83
CA ILE A 225 -43.70 17.82 5.63
C ILE A 225 -43.46 19.08 4.83
N GLU A 226 -44.54 19.82 4.54
CA GLU A 226 -44.43 21.00 3.69
C GLU A 226 -44.10 22.26 4.47
N ARG A 227 -44.30 22.28 5.79
CA ARG A 227 -44.11 23.47 6.60
C ARG A 227 -43.23 23.12 7.80
N PRO A 228 -41.92 23.07 7.62
CA PRO A 228 -41.02 22.74 8.72
C PRO A 228 -40.49 23.97 9.44
N THR A 229 -40.34 23.82 10.75
CA THR A 229 -39.71 24.83 11.58
C THR A 229 -38.23 24.52 11.75
N TYR A 230 -37.51 25.48 12.33
CA TYR A 230 -36.09 25.26 12.58
C TYR A 230 -35.87 24.06 13.49
N THR A 231 -36.88 23.68 14.26
CA THR A 231 -36.77 22.48 15.08
C THR A 231 -36.42 21.26 14.24
N ASN A 232 -37.00 21.16 13.05
CA ASN A 232 -36.79 19.96 12.23
C ASN A 232 -35.37 19.92 11.66
N LEU A 233 -34.91 21.04 11.11
CA LEU A 233 -33.53 21.10 10.64
C LEU A 233 -32.56 20.80 11.77
N ASN A 234 -32.83 21.35 12.95
CA ASN A 234 -31.97 21.10 14.09
C ASN A 234 -31.96 19.62 14.44
N ARG A 235 -33.13 18.97 14.41
CA ARG A 235 -33.17 17.54 14.72
C ARG A 235 -32.35 16.74 13.72
N LEU A 236 -32.44 17.09 12.44
CA LEU A 236 -31.66 16.37 11.43
C LEU A 236 -30.17 16.54 11.66
N ILE A 237 -29.73 17.77 11.91
CA ILE A 237 -28.30 17.97 12.13
C ILE A 237 -27.84 17.28 13.41
N SER A 238 -28.71 17.25 14.42
CA SER A 238 -28.37 16.51 15.63
C SER A 238 -28.21 15.03 15.34
N GLN A 239 -29.07 14.47 14.49
CA GLN A 239 -28.91 13.07 14.11
C GLN A 239 -27.58 12.86 13.42
N ILE A 240 -27.19 13.78 12.55
CA ILE A 240 -25.90 13.64 11.89
C ILE A 240 -24.77 13.63 12.91
N VAL A 241 -24.81 14.56 13.87
CA VAL A 241 -23.75 14.63 14.87
C VAL A 241 -23.71 13.35 15.69
N SER A 242 -24.89 12.84 16.08
CA SER A 242 -24.92 11.61 16.86
C SER A 242 -24.33 10.45 16.09
N SER A 243 -24.62 10.37 14.79
CA SER A 243 -23.99 9.32 13.99
C SER A 243 -22.49 9.50 13.91
N ILE A 244 -22.01 10.75 13.93
CA ILE A 244 -20.57 10.96 13.92
C ILE A 244 -19.94 10.43 15.20
N THR A 245 -20.56 10.69 16.34
CA THR A 245 -19.95 10.35 17.62
C THR A 245 -20.32 8.97 18.15
N ALA A 246 -21.20 8.25 17.45
CA ALA A 246 -21.61 6.94 17.95
C ALA A 246 -20.43 5.99 18.10
N SER A 247 -19.37 6.19 17.32
CA SER A 247 -18.19 5.35 17.46
C SER A 247 -17.56 5.52 18.83
N LEU A 248 -17.32 6.77 19.25
CA LEU A 248 -16.79 7.01 20.59
C LEU A 248 -17.76 6.54 21.65
N ARG A 249 -19.04 6.81 21.47
CA ARG A 249 -20.01 6.62 22.53
C ARG A 249 -20.60 5.22 22.57
N PHE A 250 -20.14 4.30 21.74
CA PHE A 250 -20.74 2.98 21.73
C PHE A 250 -19.76 1.94 21.23
N ASP A 251 -20.11 0.68 21.45
CA ASP A 251 -19.32 -0.46 21.01
C ASP A 251 -19.70 -0.83 19.60
N GLY A 252 -18.71 -0.85 18.70
CA GLY A 252 -18.98 -1.12 17.30
C GLY A 252 -17.97 -2.10 16.73
N ALA A 253 -18.42 -2.82 15.70
CA ALA A 253 -17.58 -3.82 15.06
C ALA A 253 -16.41 -3.21 14.31
N LEU A 254 -16.49 -1.93 13.96
CA LEU A 254 -15.34 -1.24 13.37
C LEU A 254 -15.47 0.24 13.76
N ASN A 255 -14.81 0.61 14.84
CA ASN A 255 -14.92 1.95 15.40
C ASN A 255 -13.94 2.91 14.72
N VAL A 256 -14.12 4.19 15.00
CA VAL A 256 -13.32 5.22 14.36
C VAL A 256 -13.37 6.47 15.23
N ASP A 257 -12.19 7.08 15.43
CA ASP A 257 -12.06 8.28 16.24
C ASP A 257 -11.81 9.49 15.35
N LEU A 258 -12.02 10.67 15.92
CA LEU A 258 -12.04 11.90 15.13
C LEU A 258 -10.69 12.14 14.44
N THR A 259 -9.60 11.71 15.06
CA THR A 259 -8.32 11.80 14.39
C THR A 259 -8.32 10.99 13.09
N GLU A 260 -9.03 9.86 13.09
CA GLU A 260 -9.18 9.12 11.85
C GLU A 260 -9.94 9.94 10.81
N PHE A 261 -10.96 10.68 11.25
CA PHE A 261 -11.67 11.55 10.34
C PHE A 261 -10.73 12.55 9.68
N GLN A 262 -9.97 13.28 10.49
CA GLN A 262 -9.12 14.30 9.90
C GLN A 262 -8.01 13.70 9.06
N THR A 263 -7.58 12.48 9.38
CA THR A 263 -6.55 11.84 8.56
C THR A 263 -7.12 11.39 7.23
N ASN A 264 -8.33 10.83 7.23
CA ASN A 264 -8.87 10.26 6.01
C ASN A 264 -9.43 11.29 5.05
N LEU A 265 -10.19 12.27 5.56
CA LEU A 265 -10.94 13.14 4.68
C LEU A 265 -10.20 14.42 4.32
N VAL A 266 -8.96 14.58 4.74
CA VAL A 266 -8.26 15.84 4.48
C VAL A 266 -6.97 15.55 3.72
N PRO A 267 -7.00 15.56 2.39
CA PRO A 267 -5.77 15.26 1.64
C PRO A 267 -4.72 16.34 1.78
N TYR A 268 -5.13 17.61 1.81
CA TYR A 268 -4.21 18.71 1.85
C TYR A 268 -4.54 19.64 3.02
N PRO A 269 -3.60 20.45 3.48
CA PRO A 269 -3.86 21.28 4.66
C PRO A 269 -5.07 22.19 4.50
N ARG A 270 -5.31 22.72 3.30
CA ARG A 270 -6.35 23.72 3.14
C ARG A 270 -7.70 23.11 2.78
N ILE A 271 -7.72 22.08 1.94
CA ILE A 271 -8.97 21.56 1.41
C ILE A 271 -9.54 20.61 2.47
N HIS A 272 -10.32 21.16 3.39
CA HIS A 272 -10.88 20.37 4.48
C HIS A 272 -12.33 20.77 4.72
N PHE A 273 -13.13 20.82 3.67
CA PHE A 273 -14.54 21.21 3.75
C PHE A 273 -15.43 20.09 3.23
N PRO A 274 -15.62 19.03 4.01
CA PRO A 274 -16.52 17.97 3.59
C PRO A 274 -17.96 18.29 3.94
N LEU A 275 -18.86 17.91 3.04
CA LEU A 275 -20.28 18.14 3.25
C LEU A 275 -20.94 16.90 3.83
N ALA A 276 -22.01 17.12 4.58
CA ALA A 276 -22.67 16.04 5.28
C ALA A 276 -23.76 15.41 4.42
N THR A 277 -24.22 14.23 4.84
CA THR A 277 -25.37 13.56 4.25
C THR A 277 -25.82 12.46 5.19
N TYR A 278 -27.12 12.21 5.24
CA TYR A 278 -27.68 11.20 6.14
C TYR A 278 -28.73 10.39 5.42
N ALA A 279 -28.89 9.14 5.84
CA ALA A 279 -29.93 8.27 5.30
C ALA A 279 -30.18 7.14 6.30
N PRO A 280 -31.38 6.55 6.30
CA PRO A 280 -32.57 6.89 5.54
C PRO A 280 -33.38 7.98 6.20
N VAL A 281 -34.10 8.77 5.41
CA VAL A 281 -34.98 9.83 5.93
C VAL A 281 -36.34 9.58 5.29
N ILE A 282 -37.20 8.83 5.99
CA ILE A 282 -38.51 8.49 5.48
C ILE A 282 -39.55 8.67 6.57
N SER A 283 -40.74 9.11 6.16
CA SER A 283 -41.81 9.37 7.10
C SER A 283 -42.33 8.07 7.70
N ALA A 284 -43.11 8.22 8.77
CA ALA A 284 -43.63 7.04 9.46
C ALA A 284 -44.59 6.25 8.58
N GLU A 285 -45.40 6.93 7.77
CA GLU A 285 -46.34 6.22 6.91
C GLU A 285 -45.62 5.46 5.81
N LYS A 286 -44.50 5.99 5.31
CA LYS A 286 -43.72 5.33 4.29
C LYS A 286 -42.65 4.43 4.88
N ALA A 287 -42.69 4.20 6.20
CA ALA A 287 -41.72 3.32 6.82
C ALA A 287 -41.80 1.92 6.26
N TYR A 288 -43.01 1.42 6.05
CA TYR A 288 -43.21 0.14 5.39
C TYR A 288 -43.02 0.36 3.90
N HIS A 289 -43.45 -0.59 3.09
CA HIS A 289 -43.36 -0.50 1.64
C HIS A 289 -41.92 -0.43 1.15
N GLU A 290 -40.96 -0.70 2.03
CA GLU A 290 -39.54 -0.78 1.65
C GLU A 290 -38.78 -1.42 2.80
N GLN A 291 -37.92 -2.39 2.47
CA GLN A 291 -37.18 -3.12 3.48
C GLN A 291 -35.91 -2.42 3.93
N LEU A 292 -35.51 -1.34 3.25
CA LEU A 292 -34.37 -0.53 3.65
C LEU A 292 -33.08 -1.34 3.62
N SER A 293 -32.73 -1.81 2.42
CA SER A 293 -31.47 -2.51 2.24
C SER A 293 -30.29 -1.59 2.51
N VAL A 294 -29.22 -2.17 3.04
CA VAL A 294 -28.02 -1.37 3.27
C VAL A 294 -27.45 -0.89 1.95
N ALA A 295 -27.55 -1.71 0.89
CA ALA A 295 -27.19 -1.24 -0.44
C ALA A 295 -28.14 -0.13 -0.88
N GLU A 296 -29.43 -0.28 -0.57
CA GLU A 296 -30.40 0.76 -0.90
C GLU A 296 -30.05 2.07 -0.20
N ILE A 297 -29.75 2.01 1.10
CA ILE A 297 -29.47 3.24 1.81
C ILE A 297 -28.13 3.82 1.37
N THR A 298 -27.18 2.99 0.97
CA THR A 298 -25.95 3.52 0.39
C THR A 298 -26.26 4.30 -0.89
N ASN A 299 -27.08 3.73 -1.75
CA ASN A 299 -27.48 4.43 -2.97
C ASN A 299 -28.18 5.74 -2.63
N ALA A 300 -29.03 5.71 -1.60
CA ALA A 300 -29.71 6.93 -1.15
C ALA A 300 -28.70 7.98 -0.73
N CYS A 301 -27.66 7.56 -0.01
CA CYS A 301 -26.62 8.48 0.41
C CYS A 301 -25.93 9.10 -0.79
N PHE A 302 -25.69 8.32 -1.83
CA PHE A 302 -25.00 8.88 -2.99
C PHE A 302 -25.94 9.57 -3.96
N GLU A 303 -27.23 9.58 -3.70
CA GLU A 303 -28.17 10.25 -4.60
C GLU A 303 -27.96 11.76 -4.52
N PRO A 304 -27.81 12.44 -5.65
CA PRO A 304 -27.53 13.89 -5.61
C PRO A 304 -28.64 14.71 -4.98
N ALA A 305 -29.85 14.16 -4.88
CA ALA A 305 -30.96 14.87 -4.27
C ALA A 305 -31.00 14.70 -2.76
N ASN A 306 -30.15 13.85 -2.19
CA ASN A 306 -30.16 13.62 -0.76
C ASN A 306 -29.05 14.34 -0.03
N GLN A 307 -28.13 15.00 -0.72
CA GLN A 307 -27.06 15.70 -0.03
C GLN A 307 -27.61 16.94 0.65
N MET A 308 -26.96 17.34 1.74
CA MET A 308 -27.42 18.45 2.57
C MET A 308 -26.68 19.74 2.26
N VAL A 309 -26.14 19.85 1.05
CA VAL A 309 -25.57 21.09 0.57
C VAL A 309 -26.01 21.27 -0.88
N LYS A 310 -26.50 22.45 -1.22
CA LYS A 310 -27.06 22.65 -2.55
C LYS A 310 -25.93 22.70 -3.57
N CYS A 311 -25.34 21.54 -3.85
CA CYS A 311 -24.31 21.41 -4.86
C CYS A 311 -24.47 20.04 -5.51
N ASP A 312 -24.51 20.03 -6.83
CA ASP A 312 -24.63 18.76 -7.54
C ASP A 312 -23.28 18.05 -7.52
N PRO A 313 -23.17 16.89 -6.90
CA PRO A 313 -21.88 16.18 -6.89
C PRO A 313 -21.39 15.83 -8.27
N ARG A 314 -22.29 15.69 -9.24
CA ARG A 314 -21.88 15.33 -10.59
C ARG A 314 -21.02 16.39 -11.24
N HIS A 315 -21.05 17.63 -10.76
CA HIS A 315 -20.19 18.65 -11.31
C HIS A 315 -18.78 18.61 -10.76
N GLY A 316 -18.51 17.75 -9.79
CA GLY A 316 -17.19 17.60 -9.24
C GLY A 316 -16.83 16.15 -9.03
N LYS A 317 -15.77 15.89 -8.27
CA LYS A 317 -15.32 14.53 -8.02
C LYS A 317 -15.16 14.33 -6.52
N TYR A 318 -15.60 13.18 -6.02
CA TYR A 318 -15.45 12.83 -4.61
C TYR A 318 -13.99 12.53 -4.34
N MET A 319 -13.28 13.48 -3.71
CA MET A 319 -11.90 13.21 -3.34
C MET A 319 -11.83 12.21 -2.19
N ALA A 320 -12.83 12.18 -1.31
CA ALA A 320 -12.83 11.19 -0.24
C ALA A 320 -14.24 11.06 0.30
N CYS A 321 -14.54 9.89 0.85
CA CYS A 321 -15.83 9.64 1.46
C CYS A 321 -15.62 8.86 2.74
N CYS A 322 -16.51 9.07 3.70
CA CYS A 322 -16.47 8.33 4.96
C CYS A 322 -17.90 8.00 5.35
N LEU A 323 -18.25 6.71 5.33
CA LEU A 323 -19.60 6.25 5.59
C LEU A 323 -19.62 5.56 6.95
N LEU A 324 -20.45 6.06 7.85
CA LEU A 324 -20.57 5.51 9.20
C LEU A 324 -21.94 4.89 9.32
N TYR A 325 -21.99 3.57 9.45
CA TYR A 325 -23.23 2.83 9.57
C TYR A 325 -23.49 2.50 11.02
N ARG A 326 -24.75 2.25 11.33
CA ARG A 326 -25.12 1.87 12.68
C ARG A 326 -26.40 1.06 12.63
N GLY A 327 -26.53 0.15 13.60
CA GLY A 327 -27.62 -0.78 13.63
C GLY A 327 -27.20 -2.17 13.18
N ASP A 328 -28.20 -2.95 12.79
CA ASP A 328 -27.98 -4.32 12.33
C ASP A 328 -27.37 -4.28 10.94
N VAL A 329 -26.04 -4.16 10.91
CA VAL A 329 -25.29 -4.08 9.66
C VAL A 329 -24.31 -5.24 9.62
N VAL A 330 -24.03 -5.74 8.42
CA VAL A 330 -23.11 -6.85 8.21
C VAL A 330 -22.06 -6.39 7.21
N PRO A 331 -20.77 -6.56 7.50
CA PRO A 331 -19.74 -5.93 6.66
C PRO A 331 -19.74 -6.39 5.21
N LYS A 332 -20.10 -7.63 4.94
CA LYS A 332 -20.07 -8.12 3.56
C LYS A 332 -20.98 -7.30 2.68
N ASP A 333 -22.18 -6.98 3.18
CA ASP A 333 -23.11 -6.18 2.40
C ASP A 333 -22.54 -4.80 2.13
N VAL A 334 -21.89 -4.21 3.13
CA VAL A 334 -21.26 -2.91 2.93
C VAL A 334 -20.21 -2.98 1.85
N ASN A 335 -19.38 -4.02 1.90
CA ASN A 335 -18.35 -4.20 0.88
C ASN A 335 -18.98 -4.32 -0.50
N ALA A 336 -20.04 -5.12 -0.63
CA ALA A 336 -20.69 -5.30 -1.92
C ALA A 336 -21.26 -3.99 -2.43
N ALA A 337 -21.95 -3.26 -1.56
CA ALA A 337 -22.57 -2.01 -1.98
C ALA A 337 -21.52 -0.99 -2.42
N ILE A 338 -20.42 -0.89 -1.66
CA ILE A 338 -19.39 0.07 -2.03
C ILE A 338 -18.70 -0.35 -3.33
N ALA A 339 -18.53 -1.66 -3.53
CA ALA A 339 -18.00 -2.11 -4.81
C ALA A 339 -18.90 -1.67 -5.95
N THR A 340 -20.21 -1.87 -5.79
CA THR A 340 -21.15 -1.45 -6.83
C THR A 340 -21.04 0.05 -7.08
N ILE A 341 -20.97 0.84 -6.00
CA ILE A 341 -20.85 2.28 -6.15
C ILE A 341 -19.59 2.63 -6.92
N LYS A 342 -18.49 1.95 -6.63
CA LYS A 342 -17.26 2.21 -7.36
C LYS A 342 -17.38 1.81 -8.82
N THR A 343 -18.26 0.85 -9.13
CA THR A 343 -18.38 0.42 -10.53
C THR A 343 -19.00 1.50 -11.41
N LYS A 344 -19.95 2.26 -10.89
CA LYS A 344 -20.69 3.19 -11.73
C LYS A 344 -19.82 4.38 -12.14
N ARG A 345 -20.18 4.97 -13.27
CA ARG A 345 -19.39 6.01 -13.90
C ARG A 345 -19.75 7.41 -13.41
N SER A 346 -21.03 7.65 -13.12
CA SER A 346 -21.45 8.98 -12.67
C SER A 346 -20.86 9.36 -11.33
N ILE A 347 -20.27 8.41 -10.61
CA ILE A 347 -19.59 8.68 -9.36
C ILE A 347 -18.11 8.46 -9.65
N GLN A 348 -17.42 9.53 -10.03
CA GLN A 348 -16.06 9.43 -10.55
C GLN A 348 -15.12 10.13 -9.58
N PHE A 349 -14.33 9.35 -8.85
CA PHE A 349 -13.34 9.91 -7.95
C PHE A 349 -12.18 10.47 -8.76
N VAL A 350 -11.25 11.13 -8.06
CA VAL A 350 -10.03 11.58 -8.69
C VAL A 350 -9.17 10.37 -9.04
N ASP A 351 -8.38 10.52 -10.11
CA ASP A 351 -7.50 9.43 -10.52
C ASP A 351 -6.47 9.12 -9.44
N TRP A 352 -5.96 10.14 -8.77
CA TRP A 352 -4.82 9.96 -7.87
C TRP A 352 -5.20 9.38 -6.52
N CYS A 353 -6.49 9.23 -6.23
CA CYS A 353 -6.92 8.57 -5.00
C CYS A 353 -7.72 7.33 -5.38
N PRO A 354 -7.09 6.16 -5.50
CA PRO A 354 -7.81 4.95 -5.89
C PRO A 354 -8.64 4.34 -4.77
N THR A 355 -8.37 4.69 -3.52
CA THR A 355 -9.09 4.17 -2.37
C THR A 355 -9.86 5.33 -1.76
N GLY A 356 -11.14 5.43 -2.08
CA GLY A 356 -11.91 6.58 -1.66
C GLY A 356 -12.96 6.32 -0.61
N PHE A 357 -12.64 5.52 0.41
CA PHE A 357 -13.64 5.21 1.41
C PHE A 357 -12.99 4.94 2.76
N LYS A 358 -13.64 5.41 3.82
CA LYS A 358 -13.45 4.88 5.16
C LYS A 358 -14.79 4.39 5.68
N VAL A 359 -14.81 3.19 6.23
CA VAL A 359 -16.04 2.57 6.66
C VAL A 359 -16.02 2.39 8.16
N GLY A 360 -17.14 2.68 8.79
CA GLY A 360 -17.27 2.45 10.22
C GLY A 360 -18.63 1.86 10.53
N ILE A 361 -18.66 0.89 11.43
CA ILE A 361 -19.89 0.21 11.78
C ILE A 361 -20.08 0.29 13.29
N ASN A 362 -21.30 0.60 13.70
CA ASN A 362 -21.66 0.65 15.11
C ASN A 362 -22.78 -0.33 15.35
N TYR A 363 -22.87 -0.82 16.58
CA TYR A 363 -23.91 -1.78 16.91
C TYR A 363 -25.19 -1.13 17.38
N GLN A 364 -25.14 0.13 17.81
CA GLN A 364 -26.34 0.76 18.33
C GLN A 364 -27.16 1.39 17.20
N PRO A 365 -28.43 1.06 17.07
CA PRO A 365 -29.27 1.70 16.06
C PRO A 365 -29.55 3.14 16.44
N PRO A 366 -29.93 3.98 15.47
CA PRO A 366 -30.38 5.33 15.82
C PRO A 366 -31.69 5.27 16.59
N THR A 367 -31.84 6.17 17.55
CA THR A 367 -33.04 6.25 18.36
C THR A 367 -33.87 7.45 17.93
N VAL A 368 -35.18 7.23 17.78
CA VAL A 368 -36.09 8.29 17.33
C VAL A 368 -36.57 9.07 18.54
N VAL A 369 -36.50 10.40 18.44
CA VAL A 369 -36.93 11.29 19.51
C VAL A 369 -38.45 11.37 19.50
N PRO A 370 -39.11 11.09 20.63
CA PRO A 370 -40.57 11.19 20.68
C PRO A 370 -41.03 12.59 20.32
N GLY A 371 -42.16 12.67 19.63
CA GLY A 371 -42.58 13.93 19.05
C GLY A 371 -41.81 14.33 17.82
N GLY A 372 -40.97 13.45 17.28
CA GLY A 372 -40.17 13.74 16.11
C GLY A 372 -40.93 13.51 14.82
N ASP A 373 -40.18 13.41 13.74
CA ASP A 373 -40.78 13.34 12.41
C ASP A 373 -40.36 12.08 11.66
N LEU A 374 -39.20 11.54 12.00
CA LEU A 374 -38.71 10.35 11.33
C LEU A 374 -39.34 9.09 11.93
N ALA A 375 -39.00 7.95 11.35
CA ALA A 375 -39.55 6.67 11.75
C ALA A 375 -38.46 5.78 12.32
N LYS A 376 -38.85 4.89 13.23
CA LYS A 376 -37.93 3.97 13.86
C LYS A 376 -37.30 3.04 12.82
N VAL A 377 -36.02 3.21 12.56
CA VAL A 377 -35.30 2.39 11.60
C VAL A 377 -34.31 1.51 12.35
N GLN A 378 -33.89 0.43 11.70
CA GLN A 378 -32.90 -0.47 12.27
C GLN A 378 -31.50 -0.22 11.75
N ARG A 379 -31.36 0.39 10.59
CA ARG A 379 -30.05 0.71 10.03
C ARG A 379 -30.01 2.17 9.64
N ALA A 380 -28.85 2.79 9.81
CA ALA A 380 -28.67 4.17 9.42
C ALA A 380 -27.24 4.37 8.96
N VAL A 381 -27.04 5.39 8.13
CA VAL A 381 -25.73 5.66 7.56
C VAL A 381 -25.57 7.16 7.38
N CYS A 382 -24.48 7.69 7.91
CA CYS A 382 -24.11 9.08 7.72
C CYS A 382 -22.86 9.14 6.86
N MET A 383 -22.93 9.89 5.77
CA MET A 383 -21.80 10.05 4.87
C MET A 383 -21.22 11.44 5.05
N LEU A 384 -19.92 11.50 5.29
CA LEU A 384 -19.17 12.75 5.26
C LEU A 384 -18.29 12.69 4.02
N SER A 385 -18.56 13.55 3.04
CA SER A 385 -17.90 13.42 1.75
C SER A 385 -17.18 14.72 1.41
N ASN A 386 -15.90 14.61 1.10
CA ASN A 386 -15.11 15.74 0.65
C ASN A 386 -14.98 15.63 -0.87
N THR A 387 -15.60 16.58 -1.57
CA THR A 387 -15.65 16.59 -3.04
C THR A 387 -15.06 17.88 -3.58
N THR A 388 -15.18 18.04 -4.89
CA THR A 388 -14.72 19.24 -5.56
C THR A 388 -15.85 20.15 -6.01
N ALA A 389 -17.08 19.64 -6.02
CA ALA A 389 -18.21 20.48 -6.42
C ALA A 389 -18.33 21.71 -5.52
N ILE A 390 -18.04 21.55 -4.23
CA ILE A 390 -18.18 22.65 -3.27
C ILE A 390 -17.38 23.86 -3.74
N ALA A 391 -16.34 23.63 -4.53
CA ALA A 391 -15.52 24.74 -5.04
C ALA A 391 -16.39 25.76 -5.75
N GLU A 392 -17.27 25.30 -6.63
CA GLU A 392 -18.15 26.22 -7.35
C GLU A 392 -18.91 27.10 -6.39
N ALA A 393 -19.34 26.54 -5.26
CA ALA A 393 -20.09 27.32 -4.28
C ALA A 393 -19.28 28.53 -3.82
N TRP A 394 -17.99 28.32 -3.55
CA TRP A 394 -17.13 29.44 -3.18
C TRP A 394 -17.20 30.52 -4.24
N ALA A 395 -17.12 30.12 -5.51
CA ALA A 395 -17.22 31.09 -6.60
C ALA A 395 -18.43 31.99 -6.40
N ARG A 396 -19.59 31.39 -6.15
CA ARG A 396 -20.80 32.18 -5.94
C ARG A 396 -20.58 33.22 -4.87
N LEU A 397 -20.12 32.78 -3.69
CA LEU A 397 -19.86 33.74 -2.63
C LEU A 397 -18.88 34.79 -3.10
N ASP A 398 -17.78 34.35 -3.72
CA ASP A 398 -16.80 35.28 -4.26
C ASP A 398 -17.52 36.32 -5.12
N HIS A 399 -18.34 35.83 -6.05
CA HIS A 399 -19.05 36.73 -6.94
C HIS A 399 -19.82 37.75 -6.14
N LYS A 400 -20.64 37.28 -5.19
CA LYS A 400 -21.42 38.20 -4.38
C LYS A 400 -20.52 39.24 -3.76
N PHE A 401 -19.45 38.77 -3.10
CA PHE A 401 -18.52 39.68 -2.44
C PHE A 401 -18.09 40.77 -3.40
N ASP A 402 -17.65 40.36 -4.59
CA ASP A 402 -17.14 41.33 -5.56
C ASP A 402 -18.14 42.45 -5.77
N LEU A 403 -19.40 42.09 -6.06
CA LEU A 403 -20.41 43.10 -6.28
C LEU A 403 -20.54 44.01 -5.06
N MET A 404 -20.75 43.39 -3.89
CA MET A 404 -20.95 44.20 -2.70
C MET A 404 -19.69 44.93 -2.30
N TYR A 405 -18.55 44.61 -2.89
CA TYR A 405 -17.35 45.38 -2.65
C TYR A 405 -17.06 46.38 -3.76
N ALA A 406 -17.60 46.15 -4.97
CA ALA A 406 -17.38 47.09 -6.06
C ALA A 406 -17.96 48.46 -5.75
N LYS A 407 -19.02 48.52 -4.95
CA LYS A 407 -19.60 49.79 -4.53
C LYS A 407 -19.20 50.18 -3.13
N ARG A 408 -18.33 49.41 -2.48
CA ARG A 408 -17.96 49.64 -1.08
C ARG A 408 -19.17 49.69 -0.17
N ALA A 409 -20.18 48.89 -0.48
CA ALA A 409 -21.40 48.88 0.31
C ALA A 409 -21.12 48.35 1.71
N PHE A 410 -21.79 48.93 2.70
CA PHE A 410 -21.74 48.45 4.09
C PHE A 410 -20.35 48.52 4.68
N VAL A 411 -19.39 49.04 3.92
CA VAL A 411 -18.00 49.02 4.37
C VAL A 411 -17.81 49.86 5.61
N HIS A 412 -18.61 50.93 5.76
CA HIS A 412 -18.37 51.88 6.84
C HIS A 412 -18.53 51.24 8.21
N TRP A 413 -19.49 50.33 8.38
CA TRP A 413 -19.65 49.66 9.67
C TRP A 413 -18.37 48.92 10.06
N TYR A 414 -17.86 48.08 9.16
CA TYR A 414 -16.65 47.32 9.47
C TYR A 414 -15.46 48.23 9.67
N VAL A 415 -15.33 49.27 8.84
CA VAL A 415 -14.21 50.20 8.98
C VAL A 415 -14.23 50.86 10.35
N GLY A 416 -15.39 51.35 10.75
CA GLY A 416 -15.50 52.03 12.02
C GLY A 416 -15.54 51.12 13.22
N GLU A 417 -15.52 49.80 13.01
CA GLU A 417 -15.58 48.86 14.12
C GLU A 417 -14.29 48.07 14.34
N GLY A 418 -13.16 48.57 13.84
CA GLY A 418 -11.88 47.96 14.13
C GLY A 418 -11.36 47.06 13.02
N MET A 419 -11.44 47.53 11.77
CA MET A 419 -10.94 46.76 10.65
C MET A 419 -10.60 47.71 9.50
N GLU A 420 -9.82 47.22 8.55
CA GLU A 420 -9.33 48.01 7.44
C GLU A 420 -9.69 47.36 6.11
N GLU A 421 -9.73 48.18 5.06
CA GLU A 421 -10.07 47.70 3.73
C GLU A 421 -9.03 46.71 3.21
N GLY A 422 -7.75 46.95 3.50
CA GLY A 422 -6.72 46.02 3.09
C GLY A 422 -6.99 44.62 3.57
N GLU A 423 -7.63 44.48 4.73
CA GLU A 423 -8.04 43.17 5.19
C GLU A 423 -9.07 42.53 4.26
N PHE A 424 -10.03 43.32 3.78
CA PHE A 424 -11.00 42.80 2.83
C PHE A 424 -10.30 42.34 1.55
N SER A 425 -9.37 43.16 1.05
CA SER A 425 -8.66 42.77 -0.15
C SER A 425 -7.86 41.49 0.06
N GLU A 426 -7.21 41.38 1.22
CA GLU A 426 -6.43 40.18 1.52
C GLU A 426 -7.32 38.94 1.61
N ALA A 427 -8.48 39.07 2.24
CA ALA A 427 -9.38 37.92 2.33
C ALA A 427 -9.89 37.52 0.95
N ARG A 428 -10.14 38.50 0.08
CA ARG A 428 -10.51 38.18 -1.29
C ARG A 428 -9.40 37.43 -2.00
N GLU A 429 -8.16 37.88 -1.82
CA GLU A 429 -7.02 37.16 -2.39
C GLU A 429 -6.95 35.73 -1.88
N ASP A 430 -7.20 35.55 -0.58
CA ASP A 430 -7.14 34.22 0.01
C ASP A 430 -8.22 33.32 -0.57
N MET A 431 -9.43 33.84 -0.72
CA MET A 431 -10.51 33.04 -1.31
C MET A 431 -10.20 32.68 -2.76
N ALA A 432 -9.63 33.64 -3.50
CA ALA A 432 -9.22 33.33 -4.87
C ALA A 432 -8.17 32.23 -4.88
N ALA A 433 -7.23 32.27 -3.94
CA ALA A 433 -6.22 31.23 -3.87
C ALA A 433 -6.83 29.87 -3.57
N LEU A 434 -7.81 29.83 -2.66
CA LEU A 434 -8.47 28.56 -2.36
C LEU A 434 -9.19 28.02 -3.58
N GLU A 435 -9.91 28.87 -4.30
CA GLU A 435 -10.58 28.43 -5.51
C GLU A 435 -9.56 27.91 -6.53
N LYS A 436 -8.43 28.60 -6.64
CA LYS A 436 -7.36 28.15 -7.53
C LYS A 436 -6.87 26.76 -7.13
N ASP A 437 -6.70 26.53 -5.83
CA ASP A 437 -6.23 25.23 -5.37
C ASP A 437 -7.24 24.13 -5.68
N TYR A 438 -8.52 24.42 -5.48
CA TYR A 438 -9.55 23.45 -5.81
C TYR A 438 -9.51 23.10 -7.30
N GLU A 439 -9.41 24.12 -8.15
CA GLU A 439 -9.34 23.87 -9.59
C GLU A 439 -8.11 23.05 -9.94
N GLU A 440 -6.97 23.41 -9.36
CA GLU A 440 -5.72 22.70 -9.67
C GLU A 440 -5.81 21.23 -9.26
N VAL A 441 -6.37 20.96 -8.10
CA VAL A 441 -6.51 19.58 -7.66
C VAL A 441 -7.49 18.83 -8.56
N GLY A 442 -8.54 19.50 -9.02
CA GLY A 442 -9.55 18.83 -9.84
C GLY A 442 -9.02 18.23 -11.13
N VAL A 443 -7.88 18.73 -11.63
CA VAL A 443 -7.35 18.27 -12.91
C VAL A 443 -6.71 16.90 -12.73
N ASP A 444 -6.38 16.24 -13.84
CA ASP A 444 -5.76 14.93 -13.83
C ASP A 444 -4.25 15.05 -13.97
N SER A 445 -3.57 13.95 -13.63
CA SER A 445 -2.12 13.91 -13.69
C SER A 445 -1.64 13.32 -15.00
N VAL A 446 -0.43 13.68 -15.40
CA VAL A 446 0.17 13.17 -16.63
C VAL A 446 1.16 12.06 -16.26
N GLU A 447 1.48 11.23 -17.26
CA GLU A 447 2.41 10.12 -17.11
C GLU A 447 1.94 9.13 -16.05
N MET B 1 7.43 -27.38 27.30
CA MET B 1 8.61 -26.85 26.64
C MET B 1 8.25 -26.20 25.31
N ARG B 2 9.20 -25.44 24.75
CA ARG B 2 8.99 -24.72 23.49
C ARG B 2 7.80 -23.77 23.59
N GLU B 3 7.74 -23.02 24.68
CA GLU B 3 6.63 -22.11 24.90
C GLU B 3 6.62 -21.00 23.86
N ILE B 4 5.41 -20.59 23.44
CA ILE B 4 5.23 -19.55 22.44
C ILE B 4 4.53 -18.37 23.09
N VAL B 5 4.97 -17.16 22.75
CA VAL B 5 4.42 -15.92 23.27
C VAL B 5 3.53 -15.30 22.21
N HIS B 6 2.34 -14.87 22.61
CA HIS B 6 1.35 -14.30 21.70
C HIS B 6 1.27 -12.80 21.89
N ILE B 7 1.42 -12.05 20.80
CA ILE B 7 1.29 -10.61 20.80
C ILE B 7 0.11 -10.23 19.91
N GLN B 8 -0.67 -9.24 20.35
CA GLN B 8 -1.84 -8.80 19.60
C GLN B 8 -1.80 -7.29 19.48
N ALA B 9 -1.57 -6.79 18.28
CA ALA B 9 -1.52 -5.36 18.02
C ALA B 9 -2.68 -4.96 17.12
N GLY B 10 -3.16 -3.73 17.28
CA GLY B 10 -4.25 -3.24 16.47
C GLY B 10 -5.57 -3.89 16.81
N GLN B 11 -6.65 -3.22 16.41
CA GLN B 11 -7.99 -3.70 16.74
C GLN B 11 -8.27 -5.05 16.12
N CYS B 12 -7.91 -5.20 14.84
CA CYS B 12 -8.10 -6.49 14.19
C CYS B 12 -7.29 -7.57 14.88
N GLY B 13 -6.04 -7.26 15.22
CA GLY B 13 -5.23 -8.24 15.93
C GLY B 13 -5.88 -8.67 17.22
N ASN B 14 -6.44 -7.72 17.96
CA ASN B 14 -7.03 -8.04 19.25
C ASN B 14 -8.29 -8.88 19.10
N GLN B 15 -9.14 -8.56 18.14
CA GLN B 15 -10.34 -9.36 17.94
C GLN B 15 -9.99 -10.78 17.48
N ILE B 16 -9.07 -10.87 16.52
CA ILE B 16 -8.61 -12.19 16.07
C ILE B 16 -8.06 -12.96 17.24
N GLY B 17 -7.31 -12.29 18.12
CA GLY B 17 -6.76 -12.97 19.27
C GLY B 17 -7.83 -13.45 20.22
N ALA B 18 -8.87 -12.66 20.42
CA ALA B 18 -9.95 -13.10 21.28
C ALA B 18 -10.57 -14.39 20.76
N LYS B 19 -10.89 -14.41 19.47
CA LYS B 19 -11.44 -15.64 18.89
C LYS B 19 -10.44 -16.78 18.94
N PHE B 20 -9.16 -16.46 18.74
CA PHE B 20 -8.10 -17.46 18.74
C PHE B 20 -7.97 -18.14 20.09
N TRP B 21 -7.98 -17.35 21.16
CA TRP B 21 -7.91 -17.92 22.49
C TRP B 21 -9.18 -18.68 22.84
N GLU B 22 -10.32 -18.23 22.35
CA GLU B 22 -11.52 -19.05 22.50
C GLU B 22 -11.31 -20.43 21.89
N VAL B 23 -10.78 -20.46 20.66
CA VAL B 23 -10.57 -21.73 19.98
C VAL B 23 -9.59 -22.61 20.76
N ILE B 24 -8.47 -22.04 21.18
CA ILE B 24 -7.46 -22.83 21.88
C ILE B 24 -8.03 -23.40 23.18
N SER B 25 -8.73 -22.56 23.94
CA SER B 25 -9.32 -23.02 25.18
C SER B 25 -10.31 -24.14 24.92
N ASP B 26 -11.09 -24.02 23.84
CA ASP B 26 -11.97 -25.12 23.48
C ASP B 26 -11.18 -26.38 23.18
N GLU B 27 -10.02 -26.23 22.56
CA GLU B 27 -9.19 -27.39 22.26
C GLU B 27 -8.73 -28.09 23.52
N HIS B 28 -8.16 -27.34 24.46
CA HIS B 28 -7.58 -27.96 25.65
C HIS B 28 -8.59 -28.18 26.76
N GLY B 29 -9.85 -27.88 26.56
CA GLY B 29 -10.85 -28.06 27.60
C GLY B 29 -10.62 -27.14 28.78
N ILE B 30 -10.61 -25.83 28.52
CA ILE B 30 -10.34 -24.83 29.54
C ILE B 30 -11.61 -24.03 29.76
N ASP B 31 -12.07 -23.97 31.01
CA ASP B 31 -13.25 -23.20 31.32
C ASP B 31 -12.97 -21.71 31.15
N PRO B 32 -14.01 -20.90 31.00
CA PRO B 32 -13.78 -19.44 30.87
C PRO B 32 -13.06 -18.87 32.07
N SER B 33 -13.23 -19.45 33.25
CA SER B 33 -12.52 -18.96 34.43
C SER B 33 -11.02 -19.15 34.35
N GLY B 34 -10.55 -20.03 33.45
CA GLY B 34 -9.14 -20.31 33.33
C GLY B 34 -8.68 -21.59 34.00
N ASN B 35 -9.59 -22.36 34.58
CA ASN B 35 -9.25 -23.64 35.17
C ASN B 35 -9.60 -24.77 34.21
N TYR B 36 -8.83 -25.84 34.29
CA TYR B 36 -8.96 -26.97 33.39
C TYR B 36 -10.10 -27.88 33.85
N VAL B 37 -11.02 -28.17 32.94
CA VAL B 37 -12.11 -29.10 33.25
C VAL B 37 -12.15 -30.17 32.17
N GLY B 38 -11.06 -30.34 31.46
CA GLY B 38 -11.01 -31.26 30.34
C GLY B 38 -11.08 -32.71 30.79
N ASP B 39 -10.86 -33.60 29.82
CA ASP B 39 -11.00 -35.03 30.04
C ASP B 39 -9.83 -35.86 29.53
N SER B 40 -8.94 -35.29 28.72
CA SER B 40 -7.85 -36.03 28.11
C SER B 40 -6.52 -35.42 28.54
N ASP B 41 -5.65 -36.26 29.11
CA ASP B 41 -4.40 -35.77 29.67
C ASP B 41 -3.52 -35.13 28.62
N LEU B 42 -3.64 -35.54 27.36
CA LEU B 42 -2.81 -34.98 26.31
C LEU B 42 -3.04 -33.49 26.16
N GLN B 43 -4.22 -33.01 26.57
CA GLN B 43 -4.45 -31.58 26.61
C GLN B 43 -3.45 -30.88 27.51
N LEU B 44 -3.16 -31.47 28.66
CA LEU B 44 -2.25 -30.87 29.64
C LEU B 44 -0.81 -31.29 29.45
N GLU B 45 -0.54 -32.33 28.67
CA GLU B 45 0.84 -32.76 28.47
C GLU B 45 1.66 -31.67 27.80
N ARG B 46 1.03 -30.80 27.02
CA ARG B 46 1.72 -29.66 26.41
C ARG B 46 0.98 -28.36 26.68
N ILE B 47 0.15 -28.32 27.73
CA ILE B 47 -0.62 -27.12 28.02
C ILE B 47 0.30 -25.93 28.24
N SER B 48 1.55 -26.17 28.61
CA SER B 48 2.47 -25.09 28.92
C SER B 48 2.91 -24.30 27.69
N VAL B 49 2.74 -24.84 26.49
CA VAL B 49 3.33 -24.17 25.33
C VAL B 49 2.66 -22.82 25.08
N TYR B 50 1.36 -22.73 25.34
CA TYR B 50 0.63 -21.47 25.22
C TYR B 50 0.16 -20.91 26.55
N TYR B 51 -0.06 -21.75 27.54
CA TYR B 51 -0.56 -21.32 28.83
C TYR B 51 0.57 -21.33 29.85
N ASN B 52 0.35 -20.61 30.95
CA ASN B 52 1.15 -20.72 32.15
C ASN B 52 0.27 -21.22 33.27
N GLU B 53 0.73 -22.23 34.00
CA GLU B 53 -0.03 -22.76 35.13
C GLU B 53 0.19 -21.82 36.31
N ALA B 54 -0.76 -20.92 36.52
CA ALA B 54 -0.75 -20.09 37.70
C ALA B 54 -1.21 -20.90 38.90
N SER B 55 -0.81 -20.42 40.08
CA SER B 55 -1.03 -21.13 41.33
C SER B 55 -2.53 -21.35 41.56
N SER B 56 -2.82 -22.18 42.56
CA SER B 56 -4.17 -22.69 42.82
C SER B 56 -4.73 -23.45 41.63
N HIS B 57 -3.83 -23.94 40.77
CA HIS B 57 -4.19 -24.77 39.63
C HIS B 57 -5.12 -24.02 38.67
N LYS B 58 -4.65 -22.89 38.16
CA LYS B 58 -5.33 -22.17 37.10
C LYS B 58 -4.40 -22.02 35.91
N TYR B 59 -4.95 -21.57 34.79
CA TYR B 59 -4.16 -21.39 33.59
C TYR B 59 -4.39 -20.01 33.01
N VAL B 60 -3.31 -19.33 32.65
CA VAL B 60 -3.43 -18.01 32.03
C VAL B 60 -2.75 -18.03 30.68
N PRO B 61 -3.38 -17.51 29.64
CA PRO B 61 -2.74 -17.47 28.33
C PRO B 61 -1.52 -16.57 28.34
N ARG B 62 -0.52 -16.97 27.56
CA ARG B 62 0.69 -16.18 27.41
C ARG B 62 0.48 -15.06 26.40
N ALA B 63 -0.50 -14.21 26.67
CA ALA B 63 -0.92 -13.16 25.75
C ALA B 63 -0.37 -11.82 26.19
N ILE B 64 -0.12 -10.96 25.21
CA ILE B 64 0.33 -9.59 25.47
C ILE B 64 -0.51 -8.69 24.56
N LEU B 65 -1.58 -8.13 25.10
CA LEU B 65 -2.54 -7.39 24.30
C LEU B 65 -2.14 -5.92 24.29
N VAL B 66 -1.97 -5.37 23.09
CA VAL B 66 -1.45 -4.02 22.90
C VAL B 66 -2.43 -3.23 22.07
N ASP B 67 -2.59 -1.96 22.41
CA ASP B 67 -3.44 -1.05 21.64
C ASP B 67 -3.13 0.37 22.08
N LEU B 68 -3.69 1.33 21.34
CA LEU B 68 -3.59 2.73 21.71
C LEU B 68 -4.92 3.38 22.05
N GLU B 69 -6.02 2.62 22.02
CA GLU B 69 -7.32 3.13 22.42
C GLU B 69 -8.00 2.08 23.27
N PRO B 70 -8.48 2.45 24.46
CA PRO B 70 -9.03 1.47 25.40
C PRO B 70 -10.35 0.86 24.98
N GLY B 71 -10.92 1.26 23.85
CA GLY B 71 -12.24 0.78 23.45
C GLY B 71 -12.32 -0.72 23.26
N THR B 72 -11.62 -1.24 22.26
CA THR B 72 -11.68 -2.66 21.98
C THR B 72 -11.09 -3.47 23.13
N MET B 73 -10.09 -2.93 23.82
CA MET B 73 -9.57 -3.59 25.01
C MET B 73 -10.68 -3.84 26.01
N ASP B 74 -11.44 -2.79 26.33
CA ASP B 74 -12.51 -2.93 27.30
C ASP B 74 -13.58 -3.88 26.78
N SER B 75 -13.83 -3.85 25.47
CA SER B 75 -14.80 -4.79 24.90
C SER B 75 -14.37 -6.22 25.15
N VAL B 76 -13.08 -6.50 24.92
CA VAL B 76 -12.55 -7.84 25.20
C VAL B 76 -12.67 -8.15 26.68
N ARG B 77 -12.33 -7.18 27.54
CA ARG B 77 -12.32 -7.41 28.97
C ARG B 77 -13.70 -7.77 29.48
N SER B 78 -14.73 -7.06 29.02
CA SER B 78 -16.07 -7.32 29.51
C SER B 78 -16.61 -8.64 29.00
N GLY B 79 -16.35 -8.97 27.74
CA GLY B 79 -16.92 -10.16 27.16
C GLY B 79 -16.35 -11.43 27.77
N ALA B 80 -17.12 -12.50 27.66
CA ALA B 80 -16.67 -13.80 28.14
C ALA B 80 -15.38 -14.20 27.44
N PHE B 81 -14.66 -15.14 28.05
CA PHE B 81 -13.32 -15.51 27.62
C PHE B 81 -12.38 -14.32 27.62
N GLY B 82 -12.69 -13.32 28.43
CA GLY B 82 -11.79 -12.20 28.67
C GLY B 82 -11.34 -12.21 30.11
N HIS B 83 -12.16 -12.79 30.98
CA HIS B 83 -11.86 -12.89 32.40
C HIS B 83 -10.72 -13.82 32.71
N LEU B 84 -10.01 -14.42 31.76
CA LEU B 84 -8.88 -15.25 32.12
C LEU B 84 -7.54 -14.69 31.66
N PHE B 85 -7.52 -13.67 30.83
CA PHE B 85 -6.27 -12.99 30.54
C PHE B 85 -5.72 -12.39 31.83
N ARG B 86 -4.41 -12.36 31.97
CA ARG B 86 -3.84 -11.78 33.18
C ARG B 86 -3.97 -10.27 33.11
N PRO B 87 -4.68 -9.64 34.05
CA PRO B 87 -5.08 -8.24 33.85
C PRO B 87 -3.93 -7.28 33.71
N ASP B 88 -2.75 -7.62 34.20
CA ASP B 88 -1.61 -6.74 34.05
C ASP B 88 -1.14 -6.63 32.61
N ASN B 89 -1.61 -7.53 31.73
CA ASN B 89 -1.13 -7.55 30.36
C ASN B 89 -1.71 -6.43 29.51
N PHE B 90 -2.90 -5.95 29.81
CA PHE B 90 -3.63 -5.07 28.90
C PHE B 90 -2.94 -3.72 28.87
N ILE B 91 -1.98 -3.59 27.97
CA ILE B 91 -1.28 -2.33 27.76
C ILE B 91 -2.08 -1.53 26.74
N PHE B 92 -2.41 -0.29 27.09
CA PHE B 92 -3.12 0.58 26.16
C PHE B 92 -2.79 2.03 26.43
N GLY B 93 -2.87 2.84 25.37
CA GLY B 93 -2.64 4.26 25.46
C GLY B 93 -3.94 5.05 25.41
N GLN B 94 -3.78 6.37 25.33
CA GLN B 94 -4.92 7.27 25.30
C GLN B 94 -5.07 8.04 24.01
N SER B 95 -3.97 8.38 23.34
CA SER B 95 -4.07 9.22 22.15
C SER B 95 -4.71 8.49 20.99
N GLY B 96 -4.42 7.20 20.83
CA GLY B 96 -4.92 6.47 19.69
C GLY B 96 -4.11 6.77 18.44
N ALA B 97 -3.84 5.78 17.62
CA ALA B 97 -3.00 5.99 16.46
C ALA B 97 -3.65 6.86 15.41
N GLY B 98 -4.97 7.02 15.46
CA GLY B 98 -5.64 7.85 14.47
C GLY B 98 -5.45 7.33 13.05
N ASN B 99 -5.35 6.01 12.90
CA ASN B 99 -5.21 5.38 11.59
C ASN B 99 -4.01 5.92 10.83
N ASN B 100 -3.00 6.35 11.57
CA ASN B 100 -1.76 6.88 11.00
C ASN B 100 -0.62 5.95 11.36
N TRP B 101 0.30 5.76 10.43
CA TRP B 101 1.47 4.92 10.71
C TRP B 101 2.55 5.71 11.43
N ALA B 102 2.70 6.99 11.08
CA ALA B 102 3.70 7.81 11.74
C ALA B 102 3.45 7.86 13.24
N LYS B 103 2.19 8.03 13.64
CA LYS B 103 1.86 7.96 15.05
C LYS B 103 2.14 6.58 15.62
N GLY B 104 1.81 5.54 14.87
CA GLY B 104 1.93 4.20 15.40
C GLY B 104 3.35 3.67 15.47
N HIS B 105 4.30 4.38 14.89
CA HIS B 105 5.68 3.91 14.88
C HIS B 105 6.69 4.92 15.39
N TYR B 106 6.38 6.21 15.40
CA TYR B 106 7.34 7.21 15.85
C TYR B 106 6.89 7.93 17.10
N THR B 107 5.68 8.50 17.11
CA THR B 107 5.30 9.43 18.16
C THR B 107 4.59 8.72 19.31
N GLU B 108 3.44 8.13 19.04
CA GLU B 108 2.68 7.51 20.11
C GLU B 108 3.28 6.18 20.55
N GLY B 109 3.73 5.37 19.59
CA GLY B 109 4.25 4.06 19.92
C GLY B 109 5.51 4.11 20.75
N ALA B 110 6.30 5.17 20.59
CA ALA B 110 7.54 5.29 21.34
C ALA B 110 7.30 5.42 22.85
N GLU B 111 6.07 5.68 23.26
CA GLU B 111 5.77 5.84 24.68
C GLU B 111 5.29 4.55 25.34
N LEU B 112 4.69 3.64 24.57
CA LEU B 112 4.24 2.37 25.15
C LEU B 112 5.12 1.19 24.80
N VAL B 113 5.96 1.31 23.76
CA VAL B 113 6.78 0.18 23.34
C VAL B 113 7.69 -0.28 24.46
N ASP B 114 8.09 0.64 25.34
CA ASP B 114 8.96 0.27 26.45
C ASP B 114 8.24 -0.64 27.43
N SER B 115 7.02 -0.27 27.83
CA SER B 115 6.25 -1.13 28.73
C SER B 115 5.96 -2.47 28.07
N VAL B 116 5.65 -2.44 26.77
CA VAL B 116 5.37 -3.69 26.07
C VAL B 116 6.58 -4.59 26.10
N LEU B 117 7.75 -4.05 25.77
CA LEU B 117 8.98 -4.84 25.80
C LEU B 117 9.26 -5.36 27.19
N ASP B 118 8.95 -4.58 28.22
CA ASP B 118 9.19 -5.05 29.59
C ASP B 118 8.32 -6.26 29.92
N VAL B 119 7.04 -6.20 29.56
CA VAL B 119 6.19 -7.36 29.82
C VAL B 119 6.63 -8.53 28.97
N VAL B 120 7.08 -8.26 27.75
CA VAL B 120 7.63 -9.31 26.89
C VAL B 120 8.79 -9.99 27.58
N ARG B 121 9.70 -9.19 28.12
CA ARG B 121 10.89 -9.74 28.77
C ARG B 121 10.51 -10.55 30.00
N LYS B 122 9.54 -10.07 30.78
CA LYS B 122 9.08 -10.85 31.93
C LYS B 122 8.56 -12.20 31.48
N GLU B 123 7.73 -12.23 30.45
CA GLU B 123 7.19 -13.50 29.99
C GLU B 123 8.28 -14.40 29.44
N CYS B 124 9.25 -13.83 28.71
CA CYS B 124 10.35 -14.63 28.18
C CYS B 124 11.14 -15.29 29.29
N GLU B 125 11.48 -14.52 30.33
CA GLU B 125 12.22 -15.11 31.44
C GLU B 125 11.38 -16.14 32.19
N ASN B 126 10.05 -15.97 32.17
CA ASN B 126 9.19 -16.94 32.82
C ASN B 126 9.24 -18.30 32.13
N CYS B 127 9.37 -18.30 30.80
CA CYS B 127 9.31 -19.55 30.05
C CYS B 127 10.58 -20.37 30.25
N ASP B 128 10.47 -21.68 30.00
CA ASP B 128 11.61 -22.57 30.14
C ASP B 128 12.52 -22.49 28.93
N CYS B 129 12.02 -22.82 27.75
CA CYS B 129 12.76 -22.70 26.50
C CYS B 129 11.85 -22.04 25.47
N LEU B 130 12.10 -20.77 25.21
CA LEU B 130 11.28 -20.01 24.28
C LEU B 130 11.40 -20.60 22.88
N GLN B 131 10.25 -20.78 22.22
CA GLN B 131 10.21 -21.31 20.86
C GLN B 131 10.18 -20.19 19.83
N GLY B 132 9.24 -19.27 19.98
CA GLY B 132 9.16 -18.16 19.04
C GLY B 132 7.97 -17.27 19.36
N PHE B 133 7.83 -16.26 18.52
CA PHE B 133 6.81 -15.23 18.69
C PHE B 133 5.83 -15.27 17.53
N GLN B 134 4.55 -15.09 17.84
CA GLN B 134 3.54 -14.94 16.82
C GLN B 134 2.82 -13.62 17.05
N LEU B 135 2.85 -12.75 16.05
CA LEU B 135 2.24 -11.45 16.13
C LEU B 135 1.00 -11.40 15.25
N THR B 136 -0.12 -10.99 15.83
CA THR B 136 -1.39 -10.92 15.12
C THR B 136 -1.76 -9.45 14.96
N HIS B 137 -1.73 -8.96 13.73
CA HIS B 137 -1.96 -7.53 13.51
C HIS B 137 -2.52 -7.34 12.11
N SER B 138 -2.82 -6.09 11.78
CA SER B 138 -3.31 -5.69 10.48
C SER B 138 -2.17 -5.13 9.65
N LEU B 139 -2.51 -4.59 8.50
CA LEU B 139 -1.58 -3.77 7.73
C LEU B 139 -2.14 -2.41 7.37
N GLY B 140 -3.44 -2.19 7.55
CA GLY B 140 -4.02 -0.89 7.26
C GLY B 140 -4.07 0.01 8.48
N GLY B 141 -4.63 -0.52 9.58
CA GLY B 141 -4.78 0.30 10.78
C GLY B 141 -3.45 0.79 11.30
N GLY B 142 -3.47 2.03 11.81
CA GLY B 142 -2.23 2.66 12.22
C GLY B 142 -1.55 1.94 13.37
N THR B 143 -2.32 1.61 14.41
CA THR B 143 -1.76 0.92 15.56
C THR B 143 -1.10 -0.37 15.15
N GLY B 144 -1.88 -1.28 14.56
CA GLY B 144 -1.37 -2.55 14.09
C GLY B 144 -0.07 -2.39 13.34
N SER B 145 -0.12 -1.71 12.19
CA SER B 145 1.04 -1.58 11.34
C SER B 145 2.24 -0.99 12.10
N GLY B 146 2.11 0.25 12.54
CA GLY B 146 3.24 0.92 13.15
C GLY B 146 3.79 0.24 14.38
N MET B 147 2.94 0.03 15.38
CA MET B 147 3.41 -0.54 16.63
C MET B 147 3.90 -1.97 16.44
N GLY B 148 3.25 -2.77 15.58
CA GLY B 148 3.74 -4.10 15.35
C GLY B 148 5.10 -4.12 14.70
N THR B 149 5.33 -3.23 13.73
CA THR B 149 6.65 -3.16 13.12
C THR B 149 7.69 -2.73 14.15
N LEU B 150 7.35 -1.77 15.00
CA LEU B 150 8.29 -1.33 16.02
C LEU B 150 8.61 -2.46 16.98
N LEU B 151 7.58 -3.18 17.43
CA LEU B 151 7.80 -4.29 18.35
C LEU B 151 8.65 -5.37 17.71
N ILE B 152 8.41 -5.64 16.43
CA ILE B 152 9.18 -6.67 15.74
C ILE B 152 10.64 -6.26 15.66
N SER B 153 10.91 -5.01 15.31
CA SER B 153 12.29 -4.55 15.25
C SER B 153 12.97 -4.66 16.60
N LYS B 154 12.29 -4.21 17.66
CA LYS B 154 12.90 -4.26 18.99
C LYS B 154 13.14 -5.69 19.44
N VAL B 155 12.16 -6.58 19.24
CA VAL B 155 12.30 -7.96 19.66
C VAL B 155 13.44 -8.62 18.90
N ARG B 156 13.49 -8.42 17.58
CA ARG B 156 14.59 -8.97 16.80
C ARG B 156 15.93 -8.44 17.28
N GLU B 157 15.95 -7.20 17.78
CA GLU B 157 17.17 -6.73 18.43
C GLU B 157 17.48 -7.55 19.68
N GLU B 158 16.48 -7.84 20.49
CA GLU B 158 16.73 -8.52 21.76
C GLU B 158 16.69 -10.04 21.66
N TYR B 159 16.26 -10.62 20.54
CA TYR B 159 16.19 -12.07 20.39
C TYR B 159 16.45 -12.44 18.94
N PRO B 160 17.68 -12.27 18.46
CA PRO B 160 17.96 -12.53 17.04
C PRO B 160 17.94 -14.01 16.68
N ASP B 161 17.68 -14.89 17.64
CA ASP B 161 17.70 -16.32 17.40
C ASP B 161 16.32 -16.95 17.36
N ARG B 162 15.34 -16.39 18.08
CA ARG B 162 14.01 -16.96 18.07
C ARG B 162 13.37 -16.83 16.69
N ILE B 163 12.22 -17.45 16.55
CA ILE B 163 11.51 -17.48 15.28
C ILE B 163 10.31 -16.56 15.37
N MET B 164 9.93 -15.97 14.23
CA MET B 164 8.96 -14.89 14.21
C MET B 164 7.82 -15.24 13.26
N ASN B 165 6.60 -15.19 13.77
CA ASN B 165 5.40 -15.42 12.97
C ASN B 165 4.50 -14.19 13.01
N THR B 166 3.93 -13.84 11.87
CA THR B 166 3.01 -12.72 11.77
C THR B 166 1.79 -13.14 10.99
N PHE B 167 0.61 -12.77 11.47
CA PHE B 167 -0.63 -12.97 10.74
C PHE B 167 -1.15 -11.59 10.35
N SER B 168 -0.66 -11.07 9.23
CA SER B 168 -0.98 -9.73 8.81
C SER B 168 -2.15 -9.77 7.82
N VAL B 169 -3.22 -9.05 8.15
CA VAL B 169 -4.41 -8.97 7.31
C VAL B 169 -4.11 -7.96 6.20
N VAL B 170 -3.77 -8.45 5.02
CA VAL B 170 -3.40 -7.61 3.89
C VAL B 170 -4.64 -6.89 3.39
N PRO B 171 -4.52 -5.66 2.90
CA PRO B 171 -5.69 -4.98 2.31
C PRO B 171 -6.22 -5.73 1.10
N SER B 172 -7.54 -5.75 0.98
CA SER B 172 -8.20 -6.41 -0.13
C SER B 172 -7.97 -5.64 -1.43
N PRO B 173 -7.98 -6.32 -2.58
CA PRO B 173 -7.75 -5.63 -3.86
C PRO B 173 -8.91 -4.76 -4.31
N LYS B 174 -10.14 -5.27 -4.21
CA LYS B 174 -11.28 -4.54 -4.75
C LYS B 174 -11.69 -3.40 -3.83
N VAL B 175 -12.14 -3.73 -2.63
CA VAL B 175 -12.56 -2.72 -1.66
C VAL B 175 -11.33 -2.14 -0.98
N SER B 176 -11.53 -1.01 -0.31
CA SER B 176 -10.48 -0.39 0.50
C SER B 176 -11.15 0.14 1.75
N ASP B 177 -10.95 -0.55 2.87
CA ASP B 177 -11.62 -0.14 4.10
C ASP B 177 -11.08 1.18 4.62
N THR B 178 -9.85 1.52 4.29
CA THR B 178 -9.27 2.81 4.65
C THR B 178 -8.89 3.57 3.38
N VAL B 179 -8.34 4.76 3.56
CA VAL B 179 -7.99 5.63 2.46
C VAL B 179 -6.47 5.72 2.28
N VAL B 180 -5.72 5.67 3.37
CA VAL B 180 -4.27 5.79 3.30
C VAL B 180 -3.59 4.44 3.43
N GLU B 181 -4.34 3.35 3.24
CA GLU B 181 -3.77 2.03 3.47
C GLU B 181 -2.57 1.69 2.58
N PRO B 182 -2.40 2.24 1.37
CA PRO B 182 -1.14 1.97 0.65
C PRO B 182 0.10 2.40 1.42
N TYR B 183 0.05 3.54 2.09
CA TYR B 183 1.22 4.01 2.83
C TYR B 183 1.54 3.07 3.99
N ASN B 184 0.52 2.74 4.79
CA ASN B 184 0.74 1.83 5.90
C ASN B 184 1.25 0.49 5.41
N ALA B 185 0.66 -0.03 4.33
CA ALA B 185 1.11 -1.31 3.80
C ALA B 185 2.56 -1.26 3.37
N THR B 186 2.96 -0.20 2.65
CA THR B 186 4.33 -0.15 2.17
C THR B 186 5.31 -0.07 3.32
N LEU B 187 5.05 0.81 4.29
CA LEU B 187 6.00 0.93 5.40
C LEU B 187 6.06 -0.36 6.22
N SER B 188 4.91 -0.96 6.50
CA SER B 188 4.89 -2.19 7.26
C SER B 188 5.63 -3.30 6.54
N ILE B 189 5.44 -3.40 5.23
CA ILE B 189 6.10 -4.44 4.46
C ILE B 189 7.61 -4.20 4.44
N HIS B 190 8.02 -2.94 4.37
CA HIS B 190 9.44 -2.62 4.48
C HIS B 190 10.01 -3.19 5.77
N GLN B 191 9.37 -2.89 6.90
CA GLN B 191 9.86 -3.40 8.17
C GLN B 191 9.83 -4.92 8.22
N LEU B 192 8.77 -5.54 7.68
CA LEU B 192 8.63 -6.99 7.78
C LEU B 192 9.71 -7.70 6.97
N VAL B 193 9.87 -7.33 5.71
CA VAL B 193 10.91 -7.94 4.90
C VAL B 193 12.28 -7.63 5.47
N GLU B 194 12.39 -6.59 6.30
CA GLU B 194 13.62 -6.41 7.06
C GLU B 194 13.77 -7.52 8.10
N ASN B 195 12.80 -7.67 9.01
CA ASN B 195 13.07 -8.41 10.23
C ASN B 195 11.96 -9.40 10.58
N THR B 196 11.50 -10.20 9.63
CA THR B 196 10.56 -11.27 9.96
C THR B 196 10.94 -12.59 9.28
N ASP B 197 10.63 -13.69 9.95
CA ASP B 197 10.93 -15.01 9.39
C ASP B 197 9.81 -15.52 8.49
N GLU B 198 8.57 -15.17 8.78
CA GLU B 198 7.47 -15.66 7.96
C GLU B 198 6.26 -14.77 8.19
N THR B 199 5.47 -14.59 7.13
CA THR B 199 4.36 -13.66 7.15
C THR B 199 3.17 -14.28 6.45
N TYR B 200 2.07 -14.45 7.18
CA TYR B 200 0.91 -15.18 6.68
C TYR B 200 -0.08 -14.16 6.12
N CYS B 201 0.05 -13.88 4.84
CA CYS B 201 -0.81 -12.88 4.21
C CYS B 201 -2.25 -13.36 4.19
N ILE B 202 -3.18 -12.48 4.52
CA ILE B 202 -4.61 -12.78 4.50
C ILE B 202 -5.34 -11.56 3.95
N ASP B 203 -6.41 -11.80 3.18
CA ASP B 203 -7.29 -10.75 2.70
C ASP B 203 -8.69 -11.01 3.23
N ASN B 204 -9.40 -9.94 3.54
CA ASN B 204 -10.80 -10.09 3.93
C ASN B 204 -11.67 -10.46 2.73
N GLU B 205 -11.23 -10.11 1.53
CA GLU B 205 -12.01 -10.43 0.34
C GLU B 205 -12.14 -11.94 0.17
N ALA B 206 -11.03 -12.65 0.31
CA ALA B 206 -11.07 -14.10 0.15
C ALA B 206 -11.93 -14.74 1.22
N LEU B 207 -11.87 -14.24 2.44
CA LEU B 207 -12.70 -14.79 3.50
C LEU B 207 -14.18 -14.53 3.24
N TYR B 208 -14.50 -13.34 2.75
CA TYR B 208 -15.87 -13.07 2.32
C TYR B 208 -16.31 -14.07 1.28
N ASP B 209 -15.47 -14.29 0.27
CA ASP B 209 -15.83 -15.20 -0.81
C ASP B 209 -16.05 -16.61 -0.30
N ILE B 210 -15.21 -17.05 0.63
CA ILE B 210 -15.34 -18.40 1.16
C ILE B 210 -16.61 -18.52 2.00
N CYS B 211 -16.87 -17.56 2.86
CA CYS B 211 -18.07 -17.61 3.69
C CYS B 211 -19.32 -17.53 2.84
N PHE B 212 -19.23 -16.86 1.69
CA PHE B 212 -20.38 -16.73 0.81
C PHE B 212 -20.62 -18.01 0.02
N ARG B 213 -19.67 -18.36 -0.83
CA ARG B 213 -19.86 -19.48 -1.74
C ARG B 213 -19.74 -20.82 -1.02
N THR B 214 -18.57 -21.11 -0.47
CA THR B 214 -18.29 -22.46 0.02
C THR B 214 -19.13 -22.80 1.24
N LEU B 215 -19.18 -21.90 2.22
CA LEU B 215 -19.97 -22.17 3.42
C LEU B 215 -21.45 -21.89 3.25
N LYS B 216 -21.85 -21.23 2.16
CA LYS B 216 -23.24 -20.87 1.93
C LYS B 216 -23.80 -20.06 3.09
N LEU B 217 -23.13 -18.96 3.40
CA LEU B 217 -23.58 -18.02 4.43
C LEU B 217 -23.75 -16.66 3.78
N ALA B 218 -24.95 -16.09 3.88
CA ALA B 218 -25.21 -14.75 3.38
C ALA B 218 -25.00 -13.67 4.43
N THR B 219 -24.73 -14.04 5.68
CA THR B 219 -24.60 -13.09 6.77
C THR B 219 -23.28 -13.34 7.49
N PRO B 220 -22.14 -13.09 6.83
CA PRO B 220 -20.85 -13.32 7.49
C PRO B 220 -20.49 -12.16 8.40
N THR B 221 -20.62 -12.37 9.70
CA THR B 221 -20.16 -11.39 10.67
C THR B 221 -18.68 -11.61 10.93
N TYR B 222 -18.02 -10.57 11.44
CA TYR B 222 -16.58 -10.65 11.66
C TYR B 222 -16.21 -11.80 12.59
N GLY B 223 -17.15 -12.21 13.44
CA GLY B 223 -16.90 -13.38 14.27
C GLY B 223 -16.53 -14.59 13.45
N ASP B 224 -17.19 -14.79 12.31
CA ASP B 224 -16.94 -15.97 11.51
C ASP B 224 -15.58 -15.89 10.82
N LEU B 225 -15.24 -14.74 10.25
CA LEU B 225 -13.93 -14.61 9.61
C LEU B 225 -12.81 -14.81 10.63
N ASN B 226 -12.95 -14.20 11.80
CA ASN B 226 -11.95 -14.41 12.83
C ASN B 226 -11.92 -15.87 13.26
N HIS B 227 -13.07 -16.54 13.25
CA HIS B 227 -13.10 -17.96 13.58
C HIS B 227 -12.29 -18.77 12.57
N LEU B 228 -12.40 -18.42 11.30
CA LEU B 228 -11.63 -19.13 10.27
C LEU B 228 -10.14 -18.92 10.46
N VAL B 229 -9.73 -17.67 10.69
CA VAL B 229 -8.31 -17.41 10.86
C VAL B 229 -7.79 -18.11 12.11
N SER B 230 -8.61 -18.15 13.16
CA SER B 230 -8.22 -18.86 14.37
C SER B 230 -8.05 -20.35 14.12
N ALA B 231 -8.96 -20.94 13.35
CA ALA B 231 -8.80 -22.36 13.02
C ALA B 231 -7.50 -22.59 12.26
N THR B 232 -7.16 -21.68 11.35
CA THR B 232 -5.90 -21.82 10.62
C THR B 232 -4.71 -21.79 11.57
N MET B 233 -4.70 -20.82 12.49
CA MET B 233 -3.57 -20.72 13.42
C MET B 233 -3.46 -21.95 14.32
N SER B 234 -4.61 -22.42 14.82
CA SER B 234 -4.60 -23.62 15.65
C SER B 234 -4.05 -24.81 14.86
N GLY B 235 -4.46 -24.94 13.61
CA GLY B 235 -3.89 -25.99 12.77
C GLY B 235 -2.40 -25.85 12.59
N VAL B 236 -1.90 -24.62 12.52
CA VAL B 236 -0.46 -24.44 12.36
C VAL B 236 0.27 -24.92 13.61
N THR B 237 -0.26 -24.61 14.79
CA THR B 237 0.48 -24.94 16.02
C THR B 237 0.22 -26.35 16.54
N THR B 238 -0.86 -27.01 16.11
CA THR B 238 -1.15 -28.32 16.68
C THR B 238 -0.04 -29.32 16.40
N SER B 239 0.81 -29.07 15.42
CA SER B 239 1.90 -29.99 15.10
C SER B 239 2.86 -30.14 16.26
N LEU B 240 2.95 -29.15 17.15
CA LEU B 240 3.80 -29.24 18.33
C LEU B 240 3.01 -29.24 19.62
N ARG B 241 1.80 -28.70 19.62
CA ARG B 241 1.00 -28.80 20.83
C ARG B 241 0.40 -30.19 21.03
N PHE B 242 0.64 -31.12 20.14
CA PHE B 242 -0.01 -32.43 20.21
C PHE B 242 0.89 -33.48 19.61
N PRO B 243 0.75 -34.73 20.03
CA PRO B 243 1.55 -35.80 19.41
C PRO B 243 1.13 -36.03 17.98
N GLY B 244 2.03 -36.64 17.21
CA GLY B 244 1.71 -36.90 15.82
C GLY B 244 2.64 -37.90 15.17
N GLN B 245 2.11 -38.66 14.22
CA GLN B 245 2.93 -39.68 13.56
C GLN B 245 4.09 -39.05 12.80
N LEU B 246 3.93 -37.82 12.34
CA LEU B 246 5.03 -37.06 11.76
C LEU B 246 4.85 -35.62 12.22
N ASN B 247 5.49 -35.28 13.32
CA ASN B 247 5.26 -33.99 13.97
C ASN B 247 6.04 -32.88 13.29
N ALA B 248 5.60 -31.66 13.52
CA ALA B 248 6.26 -30.49 12.98
C ALA B 248 6.32 -29.40 14.04
N ASP B 249 7.28 -28.48 13.88
CA ASP B 249 7.40 -27.30 14.73
C ASP B 249 7.51 -26.08 13.84
N LEU B 250 7.45 -24.91 14.46
CA LEU B 250 7.52 -23.67 13.68
C LEU B 250 8.84 -23.56 12.95
N ARG B 251 9.94 -23.97 13.58
CA ARG B 251 11.23 -23.90 12.92
C ARG B 251 11.25 -24.82 11.69
N LYS B 252 10.59 -25.97 11.77
CA LYS B 252 10.52 -26.85 10.61
C LYS B 252 9.85 -26.16 9.44
N LEU B 253 8.72 -25.51 9.69
CA LEU B 253 8.03 -24.78 8.64
C LEU B 253 8.90 -23.66 8.10
N ALA B 254 9.58 -22.94 8.97
CA ALA B 254 10.43 -21.85 8.51
C ALA B 254 11.53 -22.36 7.60
N VAL B 255 12.17 -23.47 7.97
CA VAL B 255 13.24 -24.00 7.15
C VAL B 255 12.70 -24.49 5.81
N ASN B 256 11.57 -25.18 5.84
CA ASN B 256 11.07 -25.79 4.61
C ASN B 256 10.50 -24.75 3.65
N MET B 257 9.85 -23.72 4.15
CA MET B 257 9.08 -22.82 3.31
C MET B 257 9.82 -21.57 2.87
N VAL B 258 11.04 -21.35 3.37
CA VAL B 258 11.69 -20.07 3.11
C VAL B 258 13.02 -20.30 2.42
N PRO B 259 13.03 -20.53 1.11
CA PRO B 259 14.30 -20.80 0.42
C PRO B 259 15.29 -19.65 0.47
N PHE B 260 14.82 -18.41 0.57
CA PHE B 260 15.69 -17.25 0.55
C PHE B 260 15.25 -16.31 1.67
N PRO B 261 16.17 -15.49 2.19
CA PRO B 261 15.83 -14.71 3.39
C PRO B 261 14.60 -13.83 3.21
N ARG B 262 14.42 -13.23 2.04
CA ARG B 262 13.36 -12.25 1.88
C ARG B 262 12.02 -12.89 1.53
N LEU B 263 12.02 -13.91 0.68
CA LEU B 263 10.79 -14.46 0.11
C LEU B 263 10.12 -15.39 1.11
N HIS B 264 9.46 -14.80 2.10
CA HIS B 264 8.83 -15.58 3.17
C HIS B 264 7.41 -15.11 3.43
N PHE B 265 6.61 -14.99 2.38
CA PHE B 265 5.21 -14.62 2.49
C PHE B 265 4.34 -15.78 2.04
N PHE B 266 3.47 -16.25 2.92
CA PHE B 266 2.70 -17.46 2.69
C PHE B 266 1.22 -17.14 2.60
N MET B 267 0.55 -17.82 1.71
CA MET B 267 -0.90 -17.78 1.73
C MET B 267 -1.44 -19.04 2.38
N PRO B 268 -2.31 -18.94 3.36
CA PRO B 268 -2.86 -20.11 4.02
C PRO B 268 -4.09 -20.64 3.31
N GLY B 269 -4.57 -21.76 3.81
CA GLY B 269 -5.82 -22.35 3.35
C GLY B 269 -6.24 -23.41 4.33
N PHE B 270 -7.53 -23.67 4.37
CA PHE B 270 -8.08 -24.63 5.31
C PHE B 270 -9.00 -25.58 4.58
N ALA B 271 -9.15 -26.79 5.13
CA ALA B 271 -10.12 -27.74 4.61
C ALA B 271 -10.41 -28.75 5.69
N PRO B 272 -11.61 -29.35 5.70
CA PRO B 272 -12.73 -29.18 4.80
C PRO B 272 -13.59 -27.97 5.15
N LEU B 273 -14.32 -27.44 4.18
CA LEU B 273 -15.25 -26.35 4.39
C LEU B 273 -16.59 -26.77 3.80
N THR B 274 -17.51 -27.18 4.66
CA THR B 274 -18.79 -27.69 4.23
C THR B 274 -19.91 -26.89 4.86
N ALA B 275 -20.93 -26.59 4.08
CA ALA B 275 -22.10 -25.90 4.60
C ALA B 275 -22.81 -26.79 5.62
N ARG B 276 -23.84 -26.24 6.26
CA ARG B 276 -24.56 -27.00 7.26
C ARG B 276 -25.29 -28.18 6.66
N GLY B 277 -25.84 -28.02 5.47
CA GLY B 277 -26.61 -29.08 4.84
C GLY B 277 -25.79 -29.99 3.95
N SER B 278 -24.83 -29.40 3.22
CA SER B 278 -24.06 -30.11 2.22
C SER B 278 -22.94 -30.94 2.80
N GLN B 279 -23.01 -31.27 4.09
CA GLN B 279 -21.94 -32.04 4.72
C GLN B 279 -22.14 -33.54 4.57
N GLN B 280 -23.31 -34.05 4.95
CA GLN B 280 -23.54 -35.49 4.90
C GLN B 280 -23.55 -36.02 3.47
N TYR B 281 -23.64 -35.14 2.47
CA TYR B 281 -23.61 -35.56 1.08
C TYR B 281 -22.21 -35.50 0.49
N ARG B 282 -21.17 -35.63 1.31
CA ARG B 282 -19.81 -35.67 0.79
C ARG B 282 -18.97 -36.57 1.69
N ALA B 283 -18.02 -37.27 1.07
CA ALA B 283 -17.14 -38.18 1.79
C ALA B 283 -15.91 -37.45 2.29
N LEU B 284 -15.54 -37.69 3.55
CA LEU B 284 -14.38 -37.04 4.17
C LEU B 284 -13.18 -37.97 4.08
N THR B 285 -12.54 -37.95 2.91
CA THR B 285 -11.34 -38.74 2.68
C THR B 285 -10.18 -37.82 2.32
N VAL B 286 -8.98 -38.29 2.60
CA VAL B 286 -7.75 -37.55 2.32
C VAL B 286 -7.70 -37.05 0.89
N PRO B 287 -8.08 -37.83 -0.13
CA PRO B 287 -8.12 -37.26 -1.48
C PRO B 287 -9.03 -36.06 -1.58
N GLU B 288 -10.16 -36.10 -0.89
CA GLU B 288 -11.10 -34.98 -0.95
C GLU B 288 -10.48 -33.72 -0.37
N LEU B 289 -9.88 -33.82 0.81
CA LEU B 289 -9.20 -32.68 1.40
C LEU B 289 -8.11 -32.15 0.48
N THR B 290 -7.28 -33.06 -0.03
CA THR B 290 -6.14 -32.63 -0.84
C THR B 290 -6.60 -31.89 -2.08
N GLN B 291 -7.61 -32.44 -2.78
CA GLN B 291 -8.11 -31.76 -3.96
C GLN B 291 -8.81 -30.45 -3.61
N GLN B 292 -9.41 -30.36 -2.42
CA GLN B 292 -10.01 -29.09 -2.02
C GLN B 292 -8.96 -28.01 -1.83
N MET B 293 -7.82 -28.37 -1.24
CA MET B 293 -6.87 -27.35 -0.84
C MET B 293 -6.18 -26.67 -2.02
N PHE B 294 -6.23 -27.23 -3.22
CA PHE B 294 -5.52 -26.66 -4.36
C PHE B 294 -6.52 -26.09 -5.37
N ASP B 295 -6.94 -24.85 -5.13
CA ASP B 295 -7.75 -24.10 -6.08
C ASP B 295 -7.87 -22.66 -5.59
N ALA B 296 -8.02 -21.74 -6.54
CA ALA B 296 -8.12 -20.33 -6.17
C ALA B 296 -9.32 -20.09 -5.27
N LYS B 297 -10.39 -20.85 -5.45
CA LYS B 297 -11.60 -20.62 -4.67
C LYS B 297 -11.49 -21.11 -3.23
N ASN B 298 -10.30 -21.51 -2.77
CA ASN B 298 -10.11 -21.83 -1.36
C ASN B 298 -8.77 -21.34 -0.84
N MET B 299 -8.21 -20.29 -1.42
CA MET B 299 -7.02 -19.65 -0.91
C MET B 299 -7.41 -18.39 -0.16
N MET B 300 -6.98 -18.27 1.08
CA MET B 300 -7.32 -17.10 1.86
C MET B 300 -6.59 -15.87 1.43
N ALA B 301 -5.86 -15.87 0.33
CA ALA B 301 -5.26 -14.68 -0.23
C ALA B 301 -5.81 -14.45 -1.63
N ALA B 302 -6.28 -13.23 -1.89
CA ALA B 302 -6.98 -12.95 -3.13
C ALA B 302 -6.01 -12.86 -4.29
N CYS B 303 -5.54 -14.01 -4.78
CA CYS B 303 -4.70 -14.06 -5.96
C CYS B 303 -4.69 -15.48 -6.48
N ASP B 304 -5.00 -15.65 -7.76
CA ASP B 304 -5.05 -16.98 -8.35
C ASP B 304 -3.65 -17.59 -8.36
N PRO B 305 -3.44 -18.76 -7.76
CA PRO B 305 -2.13 -19.40 -7.87
C PRO B 305 -1.71 -19.68 -9.30
N ARG B 306 -2.68 -19.91 -10.20
CA ARG B 306 -2.35 -20.25 -11.58
C ARG B 306 -1.56 -19.16 -12.28
N HIS B 307 -1.68 -17.91 -11.84
CA HIS B 307 -0.92 -16.84 -12.46
C HIS B 307 0.57 -16.97 -12.19
N GLY B 308 0.96 -17.76 -11.20
CA GLY B 308 2.37 -17.98 -10.91
C GLY B 308 2.66 -19.43 -10.60
N ARG B 309 3.71 -19.68 -9.84
CA ARG B 309 4.09 -21.03 -9.44
C ARG B 309 4.23 -21.10 -7.93
N TYR B 310 3.94 -22.28 -7.38
CA TYR B 310 4.19 -22.55 -5.96
C TYR B 310 5.69 -22.76 -5.79
N LEU B 311 6.35 -21.83 -5.11
CA LEU B 311 7.74 -22.04 -4.78
C LEU B 311 7.89 -23.24 -3.85
N THR B 312 7.15 -23.24 -2.74
CA THR B 312 7.06 -24.39 -1.85
C THR B 312 5.65 -24.48 -1.29
N VAL B 313 5.35 -25.63 -0.69
CA VAL B 313 4.03 -25.89 -0.13
C VAL B 313 4.20 -26.74 1.11
N ALA B 314 3.51 -26.37 2.19
CA ALA B 314 3.48 -27.18 3.39
C ALA B 314 2.03 -27.57 3.68
N THR B 315 1.86 -28.75 4.27
CA THR B 315 0.52 -29.29 4.48
C THR B 315 0.49 -30.01 5.80
N VAL B 316 -0.36 -29.55 6.72
CA VAL B 316 -0.45 -30.09 8.06
C VAL B 316 -1.82 -30.71 8.23
N PHE B 317 -1.86 -32.03 8.39
CA PHE B 317 -3.12 -32.73 8.57
C PHE B 317 -3.40 -32.93 10.05
N ARG B 318 -4.60 -33.39 10.35
CA ARG B 318 -5.02 -33.68 11.71
C ARG B 318 -5.89 -34.92 11.68
N GLY B 319 -6.18 -35.45 12.86
CA GLY B 319 -7.00 -36.63 12.96
C GLY B 319 -6.34 -37.88 12.43
N ARG B 320 -6.90 -39.05 12.74
CA ARG B 320 -6.27 -40.30 12.35
C ARG B 320 -6.44 -40.55 10.86
N MET B 321 -5.34 -40.85 10.19
CA MET B 321 -5.35 -41.10 8.76
C MET B 321 -4.20 -42.04 8.43
N SER B 322 -4.10 -42.41 7.15
CA SER B 322 -3.07 -43.31 6.69
C SER B 322 -2.02 -42.54 5.90
N MET B 323 -0.76 -42.70 6.27
CA MET B 323 0.31 -41.93 5.65
C MET B 323 0.42 -42.25 4.17
N LYS B 324 0.27 -43.52 3.79
CA LYS B 324 0.39 -43.90 2.39
C LYS B 324 -0.63 -43.15 1.54
N GLU B 325 -1.84 -42.98 2.07
CA GLU B 325 -2.86 -42.26 1.34
C GLU B 325 -2.43 -40.82 1.07
N VAL B 326 -1.91 -40.17 2.09
CA VAL B 326 -1.44 -38.79 1.94
C VAL B 326 -0.34 -38.72 0.91
N ASP B 327 0.61 -39.66 0.98
CA ASP B 327 1.72 -39.66 0.05
C ASP B 327 1.22 -39.83 -1.38
N GLU B 328 0.29 -40.75 -1.58
CA GLU B 328 -0.27 -40.96 -2.91
C GLU B 328 -0.96 -39.71 -3.43
N GLN B 329 -1.74 -39.05 -2.57
CA GLN B 329 -2.44 -37.85 -2.99
C GLN B 329 -1.46 -36.75 -3.36
N MET B 330 -0.42 -36.55 -2.56
CA MET B 330 0.56 -35.52 -2.86
C MET B 330 1.28 -35.83 -4.16
N LEU B 331 1.59 -37.11 -4.39
CA LEU B 331 2.22 -37.49 -5.64
C LEU B 331 1.35 -37.15 -6.82
N ALA B 332 0.06 -37.51 -6.76
CA ALA B 332 -0.84 -37.23 -7.86
C ALA B 332 -0.97 -35.74 -8.11
N ILE B 333 -1.11 -34.96 -7.04
CA ILE B 333 -1.36 -33.53 -7.19
C ILE B 333 -0.09 -32.81 -7.65
N GLN B 334 1.08 -33.37 -7.34
CA GLN B 334 2.31 -32.81 -7.87
C GLN B 334 2.53 -33.23 -9.31
N SER B 335 1.96 -34.37 -9.71
CA SER B 335 2.11 -34.83 -11.08
C SER B 335 1.23 -34.03 -12.02
N LYS B 336 -0.07 -33.95 -11.74
CA LYS B 336 -0.99 -33.37 -12.73
C LYS B 336 -0.83 -31.86 -12.89
N ASN B 337 -0.32 -31.17 -11.87
CA ASN B 337 -0.14 -29.72 -11.92
C ASN B 337 1.33 -29.36 -12.12
N SER B 338 2.02 -30.12 -12.97
CA SER B 338 3.47 -29.97 -13.11
C SER B 338 3.86 -28.55 -13.49
N SER B 339 3.04 -27.88 -14.31
CA SER B 339 3.35 -26.51 -14.68
C SER B 339 3.09 -25.53 -13.55
N TYR B 340 2.43 -25.97 -12.48
CA TYR B 340 2.12 -25.10 -11.36
C TYR B 340 3.20 -25.09 -10.29
N PHE B 341 4.28 -25.84 -10.45
CA PHE B 341 5.36 -25.88 -9.50
C PHE B 341 6.66 -25.45 -10.15
N VAL B 342 7.58 -24.95 -9.33
CA VAL B 342 8.86 -24.50 -9.85
C VAL B 342 9.71 -25.71 -10.23
N GLU B 343 10.41 -25.60 -11.36
CA GLU B 343 11.18 -26.72 -11.87
C GLU B 343 12.29 -27.12 -10.91
N TRP B 344 13.06 -26.16 -10.42
CA TRP B 344 14.29 -26.46 -9.70
C TRP B 344 14.09 -26.74 -8.22
N ILE B 345 12.87 -27.06 -7.78
CA ILE B 345 12.69 -27.57 -6.43
C ILE B 345 11.96 -28.90 -6.51
N PRO B 346 12.68 -30.00 -6.66
CA PRO B 346 12.00 -31.30 -6.71
C PRO B 346 11.44 -31.68 -5.35
N ASN B 347 10.29 -32.35 -5.39
CA ASN B 347 9.61 -32.83 -4.20
C ASN B 347 9.36 -31.69 -3.21
N ASN B 348 8.56 -30.72 -3.66
CA ASN B 348 8.37 -29.48 -2.94
C ASN B 348 7.12 -29.48 -2.07
N VAL B 349 6.77 -30.59 -1.45
CA VAL B 349 5.62 -30.64 -0.57
C VAL B 349 6.07 -31.15 0.80
N LYS B 350 6.12 -30.24 1.77
CA LYS B 350 6.37 -30.61 3.16
C LYS B 350 5.08 -31.11 3.78
N VAL B 351 5.17 -32.21 4.51
CA VAL B 351 3.99 -32.88 5.04
C VAL B 351 4.16 -33.05 6.55
N ALA B 352 3.09 -32.82 7.29
CA ALA B 352 3.05 -33.10 8.70
C ALA B 352 1.70 -33.68 9.05
N VAL B 353 1.66 -34.56 10.05
CA VAL B 353 0.43 -35.23 10.43
C VAL B 353 0.30 -35.22 11.94
N CYS B 354 -0.81 -34.69 12.44
CA CYS B 354 -1.12 -34.75 13.85
C CYS B 354 -2.03 -35.96 14.11
N ASP B 355 -2.49 -36.07 15.35
CA ASP B 355 -3.31 -37.20 15.76
C ASP B 355 -4.67 -36.81 16.32
N ILE B 356 -4.95 -35.52 16.48
CA ILE B 356 -6.19 -35.06 17.11
C ILE B 356 -6.96 -34.23 16.10
N PRO B 357 -8.25 -34.46 15.92
CA PRO B 357 -9.05 -33.60 15.05
C PRO B 357 -9.32 -32.27 15.71
N PRO B 358 -9.58 -31.22 14.92
CA PRO B 358 -9.89 -29.92 15.52
C PRO B 358 -11.27 -29.74 16.18
N ARG B 359 -11.79 -30.83 16.77
CA ARG B 359 -13.10 -30.93 17.47
C ARG B 359 -14.33 -31.15 16.61
N GLY B 360 -15.14 -32.17 16.87
CA GLY B 360 -16.27 -32.36 15.98
C GLY B 360 -16.11 -33.04 14.64
N LEU B 361 -14.94 -32.92 14.04
CA LEU B 361 -14.67 -33.48 12.72
C LEU B 361 -13.87 -34.77 12.82
N LYS B 362 -13.78 -35.47 11.69
CA LYS B 362 -12.94 -36.66 11.61
C LYS B 362 -11.50 -36.32 11.24
N MET B 363 -11.30 -35.46 10.26
CA MET B 363 -9.96 -35.12 9.82
C MET B 363 -10.00 -33.79 9.09
N SER B 364 -8.99 -32.97 9.34
CA SER B 364 -8.88 -31.66 8.74
C SER B 364 -7.50 -31.51 8.11
N SER B 365 -7.25 -30.32 7.57
CA SER B 365 -5.99 -30.06 6.88
C SER B 365 -5.79 -28.57 6.73
N THR B 366 -4.53 -28.17 6.80
CA THR B 366 -4.13 -26.77 6.65
C THR B 366 -3.03 -26.68 5.62
N PHE B 367 -3.17 -25.73 4.71
CA PHE B 367 -2.24 -25.56 3.59
C PHE B 367 -1.51 -24.25 3.79
N ILE B 368 -0.21 -24.24 3.53
CA ILE B 368 0.61 -23.05 3.67
C ILE B 368 1.47 -22.98 2.41
N GLY B 369 1.04 -22.19 1.43
CA GLY B 369 1.70 -22.15 0.13
C GLY B 369 2.52 -20.88 0.00
N ASN B 370 3.82 -21.06 -0.26
CA ASN B 370 4.69 -19.95 -0.60
C ASN B 370 4.81 -19.96 -2.12
N SER B 371 4.10 -19.05 -2.77
CA SER B 371 4.01 -19.01 -4.23
C SER B 371 4.58 -17.69 -4.75
N THR B 372 4.61 -17.60 -6.08
CA THR B 372 5.01 -16.36 -6.74
C THR B 372 3.82 -15.50 -7.13
N ALA B 373 2.60 -16.05 -7.08
CA ALA B 373 1.43 -15.29 -7.45
C ALA B 373 1.29 -14.03 -6.60
N ILE B 374 1.67 -14.10 -5.33
CA ILE B 374 1.48 -12.97 -4.42
C ILE B 374 2.16 -11.71 -4.92
N GLN B 375 3.13 -11.84 -5.84
CA GLN B 375 3.75 -10.64 -6.38
C GLN B 375 2.71 -9.68 -6.91
N GLU B 376 1.65 -10.21 -7.54
CA GLU B 376 0.58 -9.36 -8.05
C GLU B 376 0.08 -8.44 -6.94
N LEU B 377 -0.25 -9.03 -5.79
CA LEU B 377 -0.64 -8.25 -4.63
C LEU B 377 0.27 -7.05 -4.45
N PHE B 378 1.56 -7.32 -4.25
CA PHE B 378 2.49 -6.22 -4.02
C PHE B 378 2.47 -5.27 -5.20
N LYS B 379 2.53 -5.82 -6.42
CA LYS B 379 2.39 -5.01 -7.61
C LYS B 379 1.25 -4.02 -7.43
N ARG B 380 0.05 -4.56 -7.21
CA ARG B 380 -1.13 -3.71 -7.01
C ARG B 380 -0.82 -2.61 -6.01
N ILE B 381 -0.47 -3.01 -4.79
CA ILE B 381 -0.26 -2.01 -3.74
C ILE B 381 0.79 -1.01 -4.19
N SER B 382 1.89 -1.51 -4.75
CA SER B 382 2.95 -0.61 -5.18
C SER B 382 2.39 0.47 -6.07
N GLU B 383 1.66 0.05 -7.11
CA GLU B 383 1.09 1.03 -8.03
C GLU B 383 0.26 2.05 -7.28
N GLN B 384 -0.66 1.57 -6.44
CA GLN B 384 -1.50 2.48 -5.68
C GLN B 384 -0.63 3.47 -4.92
N PHE B 385 0.35 2.96 -4.18
CA PHE B 385 1.25 3.84 -3.44
C PHE B 385 1.82 4.90 -4.36
N THR B 386 2.37 4.45 -5.49
CA THR B 386 2.96 5.38 -6.44
C THR B 386 1.99 6.50 -6.78
N ALA B 387 0.76 6.13 -7.14
CA ALA B 387 -0.22 7.15 -7.47
C ALA B 387 -0.39 8.14 -6.33
N MET B 388 -0.66 7.62 -5.14
CA MET B 388 -0.91 8.51 -4.01
C MET B 388 0.34 9.24 -3.58
N PHE B 389 1.51 8.82 -4.07
CA PHE B 389 2.72 9.58 -3.80
C PHE B 389 3.05 10.56 -4.92
N ARG B 390 2.56 10.32 -6.12
CA ARG B 390 2.90 11.21 -7.23
C ARG B 390 2.37 12.61 -6.98
N ARG B 391 1.16 12.71 -6.43
CA ARG B 391 0.59 13.98 -6.03
C ARG B 391 0.94 14.35 -4.59
N LYS B 392 1.63 13.47 -3.87
CA LYS B 392 1.96 13.69 -2.47
C LYS B 392 0.71 13.92 -1.64
N ALA B 393 -0.36 13.23 -2.00
CA ALA B 393 -1.60 13.33 -1.25
C ALA B 393 -1.42 12.74 0.14
N PHE B 394 -2.07 13.36 1.12
CA PHE B 394 -2.05 12.89 2.50
C PHE B 394 -0.66 12.92 3.08
N LEU B 395 0.29 13.49 2.35
CA LEU B 395 1.68 13.44 2.78
C LEU B 395 1.90 14.22 4.06
N HIS B 396 1.14 15.29 4.29
CA HIS B 396 1.43 16.16 5.41
C HIS B 396 1.22 15.46 6.76
N TRP B 397 0.24 14.57 6.86
CA TRP B 397 0.02 13.87 8.12
C TRP B 397 1.26 13.07 8.51
N TYR B 398 1.85 12.37 7.55
CA TYR B 398 3.04 11.58 7.85
C TYR B 398 4.28 12.45 8.01
N THR B 399 4.37 13.55 7.26
CA THR B 399 5.54 14.42 7.38
C THR B 399 5.58 15.09 8.75
N GLY B 400 4.40 15.41 9.30
CA GLY B 400 4.33 16.16 10.54
C GLY B 400 4.82 15.42 11.76
N GLU B 401 5.11 14.13 11.65
CA GLU B 401 5.57 13.34 12.79
C GLU B 401 7.05 13.01 12.73
N GLY B 402 7.82 13.71 11.89
CA GLY B 402 9.26 13.52 11.78
C GLY B 402 9.67 12.75 10.54
N MET B 403 8.82 11.88 10.04
CA MET B 403 9.12 11.15 8.82
C MET B 403 9.18 12.12 7.63
N ASP B 404 9.96 11.76 6.62
CA ASP B 404 10.12 12.59 5.44
C ASP B 404 9.95 11.74 4.18
N GLU B 405 10.05 12.40 3.03
CA GLU B 405 9.80 11.74 1.76
C GLU B 405 10.77 10.60 1.52
N MET B 406 12.06 10.81 1.85
CA MET B 406 13.07 9.82 1.51
C MET B 406 12.73 8.47 2.11
N GLU B 407 12.04 8.46 3.26
CA GLU B 407 11.51 7.22 3.79
C GLU B 407 10.63 6.52 2.77
N PHE B 408 9.68 7.25 2.19
CA PHE B 408 8.77 6.66 1.22
C PHE B 408 9.53 6.22 -0.03
N THR B 409 10.48 7.03 -0.48
CA THR B 409 11.26 6.66 -1.65
C THR B 409 11.98 5.33 -1.44
N GLU B 410 12.66 5.20 -0.29
CA GLU B 410 13.39 3.97 -0.01
C GLU B 410 12.44 2.79 0.14
N ALA B 411 11.31 2.98 0.82
CA ALA B 411 10.38 1.88 1.01
C ALA B 411 9.81 1.39 -0.33
N GLU B 412 9.43 2.32 -1.20
CA GLU B 412 8.91 1.93 -2.50
C GLU B 412 9.97 1.23 -3.33
N SER B 413 11.21 1.72 -3.29
CA SER B 413 12.28 1.06 -4.01
C SER B 413 12.48 -0.35 -3.50
N ASN B 414 12.44 -0.53 -2.17
CA ASN B 414 12.61 -1.84 -1.57
C ASN B 414 11.51 -2.80 -2.01
N MET B 415 10.25 -2.33 -2.00
CA MET B 415 9.16 -3.20 -2.43
C MET B 415 9.29 -3.56 -3.90
N ASN B 416 9.69 -2.61 -4.74
CA ASN B 416 9.90 -2.93 -6.15
C ASN B 416 11.02 -3.95 -6.33
N ASP B 417 12.08 -3.84 -5.53
CA ASP B 417 13.14 -4.84 -5.58
C ASP B 417 12.61 -6.21 -5.20
N LEU B 418 11.78 -6.27 -4.17
CA LEU B 418 11.20 -7.55 -3.77
C LEU B 418 10.37 -8.15 -4.90
N VAL B 419 9.56 -7.32 -5.55
CA VAL B 419 8.73 -7.82 -6.66
C VAL B 419 9.62 -8.29 -7.78
N SER B 420 10.73 -7.58 -8.04
CA SER B 420 11.66 -8.01 -9.07
C SER B 420 12.25 -9.37 -8.74
N GLU B 421 12.59 -9.59 -7.46
CA GLU B 421 13.12 -10.90 -7.06
C GLU B 421 12.08 -11.99 -7.28
N TYR B 422 10.83 -11.72 -6.90
CA TYR B 422 9.78 -12.72 -7.11
C TYR B 422 9.62 -13.04 -8.59
N GLN B 423 9.63 -12.00 -9.43
CA GLN B 423 9.53 -12.22 -10.87
C GLN B 423 10.71 -13.03 -11.40
N GLN B 424 11.92 -12.70 -10.94
CA GLN B 424 13.11 -13.40 -11.40
C GLN B 424 13.03 -14.88 -11.07
N TYR B 425 12.65 -15.21 -9.83
CA TYR B 425 12.58 -16.61 -9.46
C TYR B 425 11.39 -17.32 -10.06
N GLN B 426 10.33 -16.59 -10.42
CA GLN B 426 9.17 -17.23 -11.05
C GLN B 426 9.55 -17.79 -12.41
N ASP B 427 10.34 -17.05 -13.19
CA ASP B 427 10.74 -17.48 -14.51
C ASP B 427 12.19 -17.98 -14.55
N ALA B 428 12.68 -18.49 -13.43
CA ALA B 428 14.02 -19.05 -13.41
C ALA B 428 14.06 -20.37 -14.19
N THR B 429 15.24 -20.72 -14.66
CA THR B 429 15.42 -21.95 -15.44
C THR B 429 16.87 -22.43 -15.36
N MET C 1 -32.13 43.97 29.97
CA MET C 1 -30.94 44.51 29.29
C MET C 1 -31.31 45.16 27.97
N ARG C 2 -30.36 45.91 27.41
CA ARG C 2 -30.56 46.63 26.15
C ARG C 2 -31.75 47.59 26.24
N GLU C 3 -31.81 48.34 27.33
CA GLU C 3 -32.93 49.24 27.55
C GLU C 3 -32.94 50.35 26.51
N ILE C 4 -34.15 50.76 26.09
CA ILE C 4 -34.33 51.80 25.09
C ILE C 4 -35.03 52.98 25.74
N VAL C 5 -34.59 54.18 25.39
CA VAL C 5 -35.15 55.42 25.91
C VAL C 5 -36.03 56.04 24.85
N HIS C 6 -37.23 56.47 25.25
CA HIS C 6 -38.21 57.04 24.34
C HIS C 6 -38.31 58.54 24.53
N ILE C 7 -38.15 59.29 23.44
CA ILE C 7 -38.28 60.73 23.44
C ILE C 7 -39.46 61.10 22.54
N GLN C 8 -40.24 62.08 22.98
CA GLN C 8 -41.41 62.53 22.22
C GLN C 8 -41.37 64.04 22.10
N ALA C 9 -41.15 64.54 20.90
CA ALA C 9 -41.09 65.97 20.65
C ALA C 9 -42.25 66.36 19.74
N GLY C 10 -42.74 67.60 19.90
CA GLY C 10 -43.82 68.09 19.08
C GLY C 10 -45.16 67.43 19.43
N GLN C 11 -46.23 68.11 19.02
CA GLN C 11 -47.57 67.62 19.35
C GLN C 11 -47.84 66.26 18.73
N CYS C 12 -47.48 66.11 17.45
CA CYS C 12 -47.66 64.82 16.80
C CYS C 12 -46.86 63.75 17.51
N GLY C 13 -45.60 64.05 17.84
CA GLY C 13 -44.80 63.08 18.54
C GLY C 13 -45.45 62.65 19.85
N ASN C 14 -46.02 63.61 20.57
CA ASN C 14 -46.60 63.28 21.87
C ASN C 14 -47.86 62.44 21.72
N GLN C 15 -48.71 62.75 20.75
CA GLN C 15 -49.91 61.94 20.55
C GLN C 15 -49.55 60.53 20.10
N ILE C 16 -48.63 60.44 19.13
CA ILE C 16 -48.18 59.13 18.69
C ILE C 16 -47.61 58.35 19.86
N GLY C 17 -46.88 59.02 20.74
CA GLY C 17 -46.32 58.36 21.89
C GLY C 17 -47.38 57.86 22.84
N ALA C 18 -48.44 58.66 23.03
CA ALA C 18 -49.53 58.21 23.90
C ALA C 18 -50.13 56.92 23.37
N LYS C 19 -50.45 56.91 22.08
CA LYS C 19 -51.00 55.68 21.51
C LYS C 19 -50.00 54.54 21.56
N PHE C 20 -48.72 54.85 21.37
CA PHE C 20 -47.66 53.85 21.36
C PHE C 20 -47.53 53.18 22.71
N TRP C 21 -47.54 53.97 23.78
CA TRP C 21 -47.47 53.39 25.12
C TRP C 21 -48.73 52.63 25.46
N GLU C 22 -49.89 53.08 24.97
CA GLU C 22 -51.08 52.27 25.11
C GLU C 22 -50.87 50.89 24.51
N VAL C 23 -50.32 50.86 23.29
CA VAL C 23 -50.11 49.58 22.61
C VAL C 23 -49.15 48.71 23.39
N ILE C 24 -48.02 49.29 23.81
CA ILE C 24 -47.01 48.49 24.51
C ILE C 24 -47.58 47.92 25.80
N SER C 25 -48.28 48.76 26.57
CA SER C 25 -48.88 48.30 27.81
C SER C 25 -49.87 47.18 27.55
N ASP C 26 -50.64 47.30 26.47
CA ASP C 26 -51.52 46.20 26.10
C ASP C 26 -50.73 44.94 25.81
N GLU C 27 -49.56 45.09 25.20
CA GLU C 27 -48.74 43.92 24.88
C GLU C 27 -48.27 43.23 26.16
N HIS C 28 -47.72 43.98 27.10
CA HIS C 28 -47.13 43.36 28.28
C HIS C 28 -48.14 43.14 29.40
N GLY C 29 -49.41 43.45 29.18
CA GLY C 29 -50.40 43.26 30.22
C GLY C 29 -50.17 44.18 31.40
N ILE C 30 -50.17 45.49 31.15
CA ILE C 30 -49.90 46.49 32.16
C ILE C 30 -51.17 47.30 32.39
N ASP C 31 -51.63 47.35 33.63
CA ASP C 31 -52.82 48.11 33.95
C ASP C 31 -52.54 49.61 33.77
N PRO C 32 -53.58 50.42 33.62
CA PRO C 32 -53.35 51.88 33.50
C PRO C 32 -52.63 52.46 34.68
N SER C 33 -52.80 51.87 35.88
CA SER C 33 -52.11 52.36 37.05
C SER C 33 -50.60 52.17 36.96
N GLY C 34 -50.13 51.30 36.09
CA GLY C 34 -48.72 51.02 35.96
C GLY C 34 -48.25 49.74 36.62
N ASN C 35 -49.16 48.97 37.21
CA ASN C 35 -48.82 47.69 37.81
C ASN C 35 -49.17 46.56 36.84
N TYR C 36 -48.39 45.49 36.93
CA TYR C 36 -48.52 44.36 36.01
C TYR C 36 -49.65 43.46 36.48
N VAL C 37 -50.58 43.15 35.58
CA VAL C 37 -51.68 42.23 35.87
C VAL C 37 -51.72 41.16 34.80
N GLY C 38 -50.61 40.99 34.08
CA GLY C 38 -50.56 40.06 32.98
C GLY C 38 -50.63 38.61 33.43
N ASP C 39 -50.41 37.72 32.45
CA ASP C 39 -50.54 36.29 32.68
C ASP C 39 -49.38 35.46 32.17
N SER C 40 -48.48 36.04 31.36
CA SER C 40 -47.38 35.30 30.75
C SER C 40 -46.06 35.91 31.18
N ASP C 41 -45.19 35.07 31.75
CA ASP C 41 -43.95 35.57 32.32
C ASP C 41 -43.06 36.21 31.27
N LEU C 42 -43.19 35.78 30.01
CA LEU C 42 -42.35 36.35 28.96
C LEU C 42 -42.58 37.84 28.81
N GLN C 43 -43.76 38.32 29.21
CA GLN C 43 -44.00 39.76 29.25
C GLN C 43 -43.00 40.46 30.16
N LEU C 44 -42.70 39.86 31.31
CA LEU C 44 -41.80 40.47 32.28
C LEU C 44 -40.36 40.05 32.10
N GLU C 45 -40.08 39.00 31.32
CA GLU C 45 -38.71 38.58 31.12
C GLU C 45 -37.88 39.67 30.45
N ARG C 46 -38.51 40.54 29.67
CA ARG C 46 -37.84 41.68 29.07
C ARG C 46 -38.57 42.98 29.33
N ILE C 47 -39.40 43.02 30.37
CA ILE C 47 -40.17 44.22 30.67
C ILE C 47 -39.26 45.42 30.88
N SER C 48 -38.00 45.17 31.26
CA SER C 48 -37.10 46.25 31.56
C SER C 48 -36.65 47.05 30.35
N VAL C 49 -36.81 46.50 29.14
CA VAL C 49 -36.23 47.17 27.97
C VAL C 49 -36.89 48.52 27.73
N TYR C 50 -38.20 48.62 27.99
CA TYR C 50 -38.93 49.87 27.86
C TYR C 50 -39.40 50.42 29.19
N TYR C 51 -39.62 49.58 30.18
CA TYR C 51 -40.12 50.02 31.47
C TYR C 51 -39.00 50.02 32.50
N ASN C 52 -39.23 50.73 33.59
CA ASN C 52 -38.41 50.62 34.80
C ASN C 52 -39.32 50.13 35.91
N GLU C 53 -38.85 49.12 36.64
CA GLU C 53 -39.60 48.60 37.77
C GLU C 53 -39.39 49.53 38.95
N ALA C 54 -40.34 50.42 39.15
CA ALA C 54 -40.33 51.26 40.34
C ALA C 54 -40.79 50.45 41.55
N SER C 55 -40.39 50.93 42.72
CA SER C 55 -40.62 50.23 43.96
C SER C 55 -42.11 50.01 44.20
N SER C 56 -42.41 49.17 45.19
CA SER C 56 -43.76 48.67 45.45
C SER C 56 -44.31 47.90 44.26
N HIS C 57 -43.41 47.40 43.41
CA HIS C 57 -43.77 46.58 42.26
C HIS C 57 -44.70 47.33 41.30
N LYS C 58 -44.22 48.46 40.79
CA LYS C 58 -44.92 49.18 39.73
C LYS C 58 -43.98 49.32 38.54
N TYR C 59 -44.52 49.77 37.42
CA TYR C 59 -43.73 49.95 36.22
C TYR C 59 -43.96 51.33 35.64
N VAL C 60 -42.88 52.01 35.28
CA VAL C 60 -43.01 53.33 34.67
C VAL C 60 -42.32 53.31 33.31
N PRO C 61 -42.96 53.83 32.27
CA PRO C 61 -42.31 53.86 30.96
C PRO C 61 -41.10 54.77 30.97
N ARG C 62 -40.10 54.37 30.19
CA ARG C 62 -38.88 55.16 30.05
C ARG C 62 -39.09 56.28 29.04
N ALA C 63 -40.08 57.13 29.31
CA ALA C 63 -40.49 58.17 28.38
C ALA C 63 -39.95 59.52 28.82
N ILE C 64 -39.70 60.38 27.85
CA ILE C 64 -39.26 61.75 28.10
C ILE C 64 -40.08 62.65 27.19
N LEU C 65 -41.16 63.20 27.73
CA LEU C 65 -42.12 63.95 26.93
C LEU C 65 -41.73 65.41 26.91
N VAL C 66 -41.55 65.96 25.71
CA VAL C 66 -41.04 67.31 25.52
C VAL C 66 -42.02 68.10 24.68
N ASP C 67 -42.18 69.37 25.03
CA ASP C 67 -43.03 70.27 24.26
C ASP C 67 -42.72 71.70 24.69
N LEU C 68 -43.29 72.66 23.96
CA LEU C 68 -43.18 74.06 24.31
C LEU C 68 -44.52 74.71 24.65
N GLU C 69 -45.62 73.95 24.62
CA GLU C 69 -46.92 74.46 25.01
C GLU C 69 -47.60 73.41 25.88
N PRO C 70 -48.08 73.78 27.06
CA PRO C 70 -48.63 72.80 28.00
C PRO C 70 -49.95 72.18 27.58
N GLY C 71 -50.52 72.57 26.45
CA GLY C 71 -51.84 72.09 26.06
C GLY C 71 -51.92 70.59 25.86
N THR C 72 -51.21 70.08 24.85
CA THR C 72 -51.26 68.65 24.59
C THR C 72 -50.68 67.85 25.73
N MET C 73 -49.68 68.39 26.43
CA MET C 73 -49.16 67.73 27.61
C MET C 73 -50.27 67.48 28.62
N ASP C 74 -51.04 68.54 28.93
CA ASP C 74 -52.11 68.39 29.90
C ASP C 74 -53.18 67.44 29.38
N SER C 75 -53.43 67.46 28.07
CA SER C 75 -54.38 66.52 27.50
C SER C 75 -53.95 65.09 27.75
N VAL C 76 -52.67 64.81 27.53
CA VAL C 76 -52.13 63.49 27.81
C VAL C 76 -52.25 63.17 29.29
N ARG C 77 -51.92 64.13 30.14
CA ARG C 77 -51.91 63.91 31.58
C ARG C 77 -53.29 63.55 32.09
N SER C 78 -54.32 64.26 31.63
CA SER C 78 -55.66 63.99 32.12
C SER C 78 -56.20 62.68 31.61
N GLY C 79 -55.94 62.34 30.34
CA GLY C 79 -56.50 61.14 29.76
C GLY C 79 -55.93 59.89 30.38
N ALA C 80 -56.70 58.80 30.26
CA ALA C 80 -56.25 57.51 30.75
C ALA C 80 -54.96 57.12 30.05
N PHE C 81 -54.24 56.17 30.66
CA PHE C 81 -52.89 55.81 30.23
C PHE C 81 -51.95 57.01 30.23
N GLY C 82 -52.27 58.01 31.04
CA GLY C 82 -51.37 59.12 31.28
C GLY C 82 -50.93 59.11 32.72
N HIS C 83 -51.75 58.53 33.59
CA HIS C 83 -51.44 58.45 35.01
C HIS C 83 -50.31 57.51 35.33
N LEU C 84 -49.59 56.90 34.38
CA LEU C 84 -48.46 56.07 34.74
C LEU C 84 -47.11 56.63 34.29
N PHE C 85 -47.11 57.65 33.45
CA PHE C 85 -45.85 58.33 33.16
C PHE C 85 -45.32 58.95 34.45
N ARG C 86 -43.99 58.97 34.59
CA ARG C 86 -43.43 59.55 35.81
C ARG C 86 -43.56 61.07 35.73
N PRO C 87 -44.27 61.69 36.67
CA PRO C 87 -44.68 63.10 36.47
C PRO C 87 -43.53 64.06 36.33
N ASP C 88 -42.34 63.72 36.82
CA ASP C 88 -41.21 64.61 36.67
C ASP C 88 -40.74 64.71 35.23
N ASN C 89 -41.20 63.81 34.36
CA ASN C 89 -40.73 63.79 32.99
C ASN C 89 -41.30 64.90 32.13
N PHE C 90 -42.50 65.39 32.44
CA PHE C 90 -43.23 66.27 31.52
C PHE C 90 -42.55 67.62 31.49
N ILE C 91 -41.58 67.75 30.59
CA ILE C 91 -40.89 69.00 30.37
C ILE C 91 -41.67 69.81 29.36
N PHE C 92 -42.01 71.05 29.70
CA PHE C 92 -42.72 71.91 28.77
C PHE C 92 -42.39 73.36 29.04
N GLY C 93 -42.47 74.17 27.98
CA GLY C 93 -42.24 75.60 28.08
C GLY C 93 -43.54 76.39 28.03
N GLN C 94 -43.39 77.70 27.93
CA GLN C 94 -44.54 78.60 27.90
C GLN C 94 -44.68 79.37 26.61
N SER C 95 -43.58 79.70 25.95
CA SER C 95 -43.68 80.55 24.76
C SER C 95 -44.32 79.81 23.60
N GLY C 96 -44.03 78.52 23.43
CA GLY C 96 -44.52 77.79 22.29
C GLY C 96 -43.70 78.10 21.05
N ALA C 97 -43.43 77.10 20.22
CA ALA C 97 -42.58 77.31 19.07
C ALA C 97 -43.24 78.18 18.01
N GLY C 98 -44.56 78.34 18.05
CA GLY C 98 -45.23 79.15 17.06
C GLY C 98 -45.04 78.64 15.66
N ASN C 99 -44.93 77.32 15.51
CA ASN C 99 -44.79 76.69 14.20
C ASN C 99 -43.59 77.24 13.43
N ASN C 100 -42.58 77.68 14.18
CA ASN C 100 -41.35 78.20 13.60
C ASN C 100 -40.21 77.27 13.98
N TRP C 101 -39.28 77.08 13.04
CA TRP C 101 -38.12 76.24 13.33
C TRP C 101 -37.03 77.03 14.04
N ALA C 102 -36.89 78.31 13.70
CA ALA C 102 -35.89 79.14 14.36
C ALA C 102 -36.14 79.19 15.86
N LYS C 103 -37.40 79.36 16.25
CA LYS C 103 -37.74 79.30 17.67
C LYS C 103 -37.45 77.91 18.24
N GLY C 104 -37.78 76.87 17.49
CA GLY C 104 -37.66 75.53 18.02
C GLY C 104 -36.24 75.01 18.09
N HIS C 105 -35.29 75.71 17.51
CA HIS C 105 -33.91 75.24 17.51
C HIS C 105 -32.90 76.25 18.02
N TYR C 106 -33.21 77.54 18.02
CA TYR C 106 -32.25 78.55 18.47
C TYR C 106 -32.71 79.27 19.73
N THR C 107 -33.91 79.84 19.73
CA THR C 107 -34.30 80.76 20.77
C THR C 107 -35.01 80.07 21.93
N GLU C 108 -36.16 79.47 21.65
CA GLU C 108 -36.93 78.85 22.73
C GLU C 108 -36.32 77.52 23.16
N GLY C 109 -35.87 76.71 22.21
CA GLY C 109 -35.35 75.40 22.54
C GLY C 109 -34.09 75.46 23.37
N ALA C 110 -33.30 76.52 23.22
CA ALA C 110 -32.06 76.64 23.97
C ALA C 110 -32.31 76.77 25.47
N GLU C 111 -33.54 77.02 25.89
CA GLU C 111 -33.84 77.19 27.30
C GLU C 111 -34.32 75.90 27.95
N LEU C 112 -34.91 74.99 27.20
CA LEU C 112 -35.36 73.72 27.77
C LEU C 112 -34.47 72.55 27.42
N VAL C 113 -33.64 72.66 26.39
CA VAL C 113 -32.82 71.53 25.97
C VAL C 113 -31.91 71.07 27.09
N ASP C 114 -31.50 71.99 27.97
CA ASP C 114 -30.64 71.62 29.09
C ASP C 114 -31.37 70.71 30.07
N SER C 115 -32.58 71.08 30.46
CA SER C 115 -33.35 70.22 31.36
C SER C 115 -33.64 68.88 30.70
N VAL C 116 -33.94 68.91 29.40
CA VAL C 116 -34.22 67.66 28.70
C VAL C 116 -33.00 66.75 28.73
N LEU C 117 -31.84 67.30 28.40
CA LEU C 117 -30.61 66.52 28.43
C LEU C 117 -30.32 66.00 29.83
N ASP C 118 -30.65 66.78 30.86
CA ASP C 118 -30.40 66.31 32.22
C ASP C 118 -31.28 65.10 32.55
N VAL C 119 -32.56 65.16 32.20
CA VAL C 119 -33.40 63.99 32.47
C VAL C 119 -32.97 62.82 31.61
N VAL C 120 -32.51 63.09 30.38
CA VAL C 120 -31.96 62.05 29.53
C VAL C 120 -30.80 61.37 30.22
N ARG C 121 -29.89 62.17 30.77
CA ARG C 121 -28.70 61.63 31.43
C ARG C 121 -29.08 60.81 32.65
N LYS C 122 -30.05 61.29 33.43
CA LYS C 122 -30.51 60.51 34.57
C LYS C 122 -31.02 59.15 34.12
N GLU C 123 -31.86 59.13 33.09
CA GLU C 123 -32.39 57.86 32.63
C GLU C 123 -31.30 56.95 32.08
N CYS C 124 -30.33 57.53 31.36
CA CYS C 124 -29.23 56.73 30.82
C CYS C 124 -28.44 56.07 31.94
N GLU C 125 -28.10 56.84 32.99
CA GLU C 125 -27.36 56.25 34.09
C GLU C 125 -28.20 55.23 34.84
N ASN C 126 -29.53 55.40 34.82
CA ASN C 126 -30.40 54.42 35.47
C ASN C 126 -30.34 53.06 34.77
N CYS C 127 -30.21 53.06 33.46
CA CYS C 127 -30.25 51.80 32.71
C CYS C 127 -28.99 50.98 32.90
N ASP C 128 -29.11 49.69 32.66
CA ASP C 128 -27.96 48.79 32.80
C ASP C 128 -27.04 48.88 31.59
N CYS C 129 -27.55 48.54 30.41
CA CYS C 129 -26.80 48.66 29.17
C CYS C 129 -27.71 49.32 28.14
N LEU C 130 -27.46 50.60 27.87
CA LEU C 130 -28.28 51.34 26.94
C LEU C 130 -28.17 50.76 25.54
N GLN C 131 -29.30 50.58 24.87
CA GLN C 131 -29.35 50.04 23.52
C GLN C 131 -29.38 51.16 22.48
N GLY C 132 -30.32 52.08 22.63
CA GLY C 132 -30.40 53.19 21.69
C GLY C 132 -31.59 54.08 22.01
N PHE C 133 -31.73 55.09 21.17
CA PHE C 133 -32.75 56.11 21.33
C PHE C 133 -33.73 56.07 20.18
N GLN C 134 -35.00 56.25 20.49
CA GLN C 134 -36.02 56.39 19.45
C GLN C 134 -36.75 57.71 19.68
N LEU C 135 -36.71 58.58 18.69
CA LEU C 135 -37.32 59.89 18.77
C LEU C 135 -38.56 59.92 17.88
N THR C 136 -39.68 60.34 18.45
CA THR C 136 -40.95 60.41 17.74
C THR C 136 -41.33 61.87 17.58
N HIS C 137 -41.30 62.37 16.36
CA HIS C 137 -41.52 63.79 16.13
C HIS C 137 -42.08 63.99 14.73
N SER C 138 -42.38 65.24 14.41
CA SER C 138 -42.88 65.63 13.10
C SER C 138 -41.74 66.18 12.27
N LEU C 139 -42.07 66.73 11.11
CA LEU C 139 -41.14 67.54 10.36
C LEU C 139 -41.71 68.90 9.99
N GLY C 140 -42.99 69.12 10.17
CA GLY C 140 -43.59 70.42 9.89
C GLY C 140 -43.64 71.31 11.10
N GLY C 141 -44.20 70.80 12.19
CA GLY C 141 -44.36 71.61 13.39
C GLY C 141 -43.03 72.12 13.90
N GLY C 142 -43.05 73.34 14.42
CA GLY C 142 -41.80 73.98 14.83
C GLY C 142 -41.13 73.27 15.99
N THR C 143 -41.90 72.94 17.02
CA THR C 143 -41.34 72.24 18.18
C THR C 143 -40.68 70.95 17.76
N GLY C 144 -41.46 70.05 17.18
CA GLY C 144 -40.95 68.78 16.71
C GLY C 144 -39.65 68.94 15.95
N SER C 145 -39.70 69.62 14.82
CA SER C 145 -38.53 69.75 13.96
C SER C 145 -37.34 70.33 14.72
N GLY C 146 -37.47 71.58 15.17
CA GLY C 146 -36.34 72.26 15.77
C GLY C 146 -35.79 71.58 17.01
N MET C 147 -36.65 71.37 18.00
CA MET C 147 -36.17 70.80 19.26
C MET C 147 -35.69 69.37 19.07
N GLY C 148 -36.33 68.57 18.22
CA GLY C 148 -35.84 67.23 17.98
C GLY C 148 -34.47 67.22 17.34
N THR C 149 -34.25 68.09 16.36
CA THR C 149 -32.92 68.18 15.76
C THR C 149 -31.89 68.60 16.78
N LEU C 150 -32.23 69.58 17.63
CA LEU C 150 -31.30 70.01 18.65
C LEU C 150 -30.97 68.88 19.61
N LEU C 151 -32.00 68.16 20.07
CA LEU C 151 -31.78 67.06 20.99
C LEU C 151 -30.93 65.98 20.34
N ILE C 152 -31.17 65.70 19.07
CA ILE C 152 -30.39 64.67 18.38
C ILE C 152 -28.92 65.08 18.31
N SER C 153 -28.67 66.34 17.96
CA SER C 153 -27.28 66.80 17.89
C SER C 153 -26.61 66.68 19.24
N LYS C 154 -27.29 67.14 20.30
CA LYS C 154 -26.69 67.09 21.63
C LYS C 154 -26.44 65.66 22.08
N VAL C 155 -27.42 64.78 21.89
CA VAL C 155 -27.27 63.39 22.31
C VAL C 155 -26.13 62.73 21.55
N ARG C 156 -26.08 62.93 20.24
CA ARG C 156 -24.98 62.38 19.46
C ARG C 156 -23.64 62.91 19.93
N GLU C 157 -23.61 64.15 20.43
CA GLU C 157 -22.40 64.63 21.09
C GLU C 157 -22.09 63.81 22.32
N GLU C 158 -23.10 63.52 23.15
CA GLU C 158 -22.84 62.84 24.40
C GLU C 158 -22.88 61.33 24.32
N TYR C 159 -23.31 60.75 23.20
CA TYR C 159 -23.38 59.29 23.05
C TYR C 159 -23.12 58.93 21.60
N PRO C 160 -21.89 59.10 21.12
CA PRO C 160 -21.60 58.83 19.71
C PRO C 160 -21.62 57.35 19.35
N ASP C 161 -21.88 56.47 20.30
CA ASP C 161 -21.86 55.04 20.07
C ASP C 161 -23.24 54.41 20.02
N ARG C 162 -24.22 54.97 20.74
CA ARG C 162 -25.55 54.40 20.73
C ARG C 162 -26.18 54.52 19.36
N ILE C 163 -27.33 53.90 19.21
CA ILE C 163 -28.03 53.86 17.93
C ILE C 163 -29.24 54.79 18.02
N MET C 164 -29.61 55.37 16.88
CA MET C 164 -30.59 56.45 16.85
C MET C 164 -31.73 56.10 15.91
N ASN C 165 -32.95 56.14 16.41
CA ASN C 165 -34.15 55.92 15.62
C ASN C 165 -35.04 57.14 15.65
N THR C 166 -35.62 57.49 14.51
CA THR C 166 -36.54 58.60 14.41
C THR C 166 -37.77 58.18 13.63
N PHE C 167 -38.95 58.56 14.11
CA PHE C 167 -40.18 58.35 13.37
C PHE C 167 -40.70 59.73 12.98
N SER C 168 -40.21 60.25 11.87
CA SER C 168 -40.55 61.60 11.43
C SER C 168 -41.70 61.55 10.45
N VAL C 169 -42.78 62.26 10.78
CA VAL C 169 -43.96 62.34 9.93
C VAL C 169 -43.66 63.36 8.82
N VAL C 170 -43.32 62.86 7.64
CA VAL C 170 -42.94 63.70 6.51
C VAL C 170 -44.18 64.42 6.00
N PRO C 171 -44.07 65.65 5.53
CA PRO C 171 -45.24 66.32 4.93
C PRO C 171 -45.76 65.57 3.71
N SER C 172 -47.09 65.56 3.59
CA SER C 172 -47.75 64.89 2.48
C SER C 172 -47.51 65.66 1.19
N PRO C 173 -47.53 64.98 0.04
CA PRO C 173 -47.29 65.66 -1.24
C PRO C 173 -48.46 66.54 -1.70
N LYS C 174 -49.68 66.02 -1.60
CA LYS C 174 -50.83 66.75 -2.15
C LYS C 174 -51.24 67.89 -1.23
N VAL C 175 -51.69 67.55 -0.02
CA VAL C 175 -52.10 68.57 0.94
C VAL C 175 -50.88 69.15 1.62
N SER C 176 -51.09 70.28 2.29
CA SER C 176 -50.03 70.91 3.10
C SER C 176 -50.71 71.43 4.35
N ASP C 177 -50.52 70.75 5.47
CA ASP C 177 -51.18 71.15 6.70
C ASP C 177 -50.65 72.48 7.22
N THR C 178 -49.41 72.82 6.89
CA THR C 178 -48.85 74.12 7.25
C THR C 178 -48.46 74.87 5.98
N VAL C 179 -47.91 76.06 6.17
CA VAL C 179 -47.56 76.93 5.07
C VAL C 179 -46.05 77.02 4.88
N VAL C 180 -45.29 76.98 5.97
CA VAL C 180 -43.85 77.10 5.91
C VAL C 180 -43.17 75.75 6.04
N GLU C 181 -43.90 74.66 5.85
CA GLU C 181 -43.33 73.34 6.08
C GLU C 181 -42.13 73.00 5.19
N PRO C 182 -41.96 73.55 3.98
CA PRO C 182 -40.71 73.28 3.27
C PRO C 182 -39.47 73.71 4.04
N TYR C 183 -39.51 74.86 4.71
CA TYR C 183 -38.35 75.33 5.45
C TYR C 183 -38.03 74.39 6.61
N ASN C 184 -39.05 74.06 7.41
CA ASN C 184 -38.83 73.15 8.52
C ASN C 184 -38.30 71.80 8.03
N ALA C 185 -38.89 71.29 6.94
CA ALA C 185 -38.46 70.01 6.42
C ALA C 185 -36.99 70.07 6.00
N THR C 186 -36.60 71.11 5.27
CA THR C 186 -35.23 71.18 4.79
C THR C 186 -34.25 71.26 5.94
N LEU C 187 -34.51 72.13 6.92
CA LEU C 187 -33.57 72.27 8.02
C LEU C 187 -33.50 70.98 8.85
N SER C 188 -34.66 70.37 9.12
CA SER C 188 -34.67 69.14 9.90
C SER C 188 -33.93 68.03 9.17
N ILE C 189 -34.12 67.93 7.85
CA ILE C 189 -33.45 66.89 7.09
C ILE C 189 -31.95 67.14 7.07
N HIS C 190 -31.54 68.40 7.00
CA HIS C 190 -30.12 68.71 7.11
C HIS C 190 -29.55 68.15 8.41
N GLN C 191 -30.19 68.46 9.53
CA GLN C 191 -29.70 67.93 10.81
C GLN C 191 -29.73 66.42 10.86
N LEU C 192 -30.79 65.80 10.33
CA LEU C 192 -30.92 64.35 10.43
C LEU C 192 -29.85 63.64 9.62
N VAL C 193 -29.68 64.01 8.35
CA VAL C 193 -28.64 63.39 7.55
C VAL C 193 -27.27 63.71 8.12
N GLU C 194 -27.17 64.75 8.95
CA GLU C 194 -25.94 64.93 9.71
C GLU C 194 -25.78 63.83 10.75
N ASN C 195 -26.75 63.68 11.64
CA ASN C 195 -26.49 62.93 12.88
C ASN C 195 -27.60 61.95 13.23
N THR C 196 -28.05 61.14 12.28
CA THR C 196 -28.99 60.07 12.61
C THR C 196 -28.60 58.76 11.93
N ASP C 197 -28.91 57.65 12.60
CA ASP C 197 -28.61 56.34 12.04
C ASP C 197 -29.73 55.82 11.14
N GLU C 198 -30.98 56.17 11.43
CA GLU C 198 -32.08 55.68 10.61
C GLU C 198 -33.29 56.56 10.84
N THR C 199 -34.08 56.74 9.77
CA THR C 199 -35.19 57.68 9.80
C THR C 199 -36.37 57.04 9.10
N TYR C 200 -37.47 56.87 9.82
CA TYR C 200 -38.63 56.14 9.32
C TYR C 200 -39.61 57.15 8.76
N CYS C 201 -39.48 57.44 7.46
CA CYS C 201 -40.35 58.43 6.85
C CYS C 201 -41.79 57.95 6.81
N ILE C 202 -42.72 58.83 7.15
CA ILE C 202 -44.15 58.53 7.12
C ILE C 202 -44.88 59.75 6.57
N ASP C 203 -45.94 59.50 5.81
CA ASP C 203 -46.83 60.56 5.32
C ASP C 203 -48.23 60.29 5.84
N ASN C 204 -48.96 61.37 6.16
CA ASN C 204 -50.35 61.21 6.55
C ASN C 204 -51.21 60.84 5.35
N GLU C 205 -50.78 61.19 4.14
CA GLU C 205 -51.54 60.86 2.95
C GLU C 205 -51.68 59.35 2.78
N ALA C 206 -50.57 58.64 2.93
CA ALA C 206 -50.61 57.19 2.77
C ALA C 206 -51.47 56.55 3.84
N LEU C 207 -51.40 57.06 5.06
CA LEU C 207 -52.24 56.50 6.12
C LEU C 207 -53.72 56.76 5.85
N TYR C 208 -54.04 57.95 5.35
CA TYR C 208 -55.41 58.22 4.93
C TYR C 208 -55.84 57.21 3.88
N ASP C 209 -55.00 57.00 2.88
CA ASP C 209 -55.36 56.09 1.80
C ASP C 209 -55.58 54.68 2.32
N ILE C 210 -54.74 54.24 3.24
CA ILE C 210 -54.87 52.88 3.78
C ILE C 210 -56.14 52.76 4.60
N CYS C 211 -56.39 53.73 5.48
CA CYS C 211 -57.60 53.67 6.29
C CYS C 211 -58.85 53.75 5.44
N PHE C 212 -58.77 54.42 4.30
CA PHE C 212 -59.92 54.55 3.42
C PHE C 212 -60.15 53.28 2.63
N ARG C 213 -59.19 52.92 1.77
CA ARG C 213 -59.38 51.79 0.87
C ARG C 213 -59.26 50.46 1.60
N THR C 214 -58.09 50.17 2.15
CA THR C 214 -57.81 48.82 2.64
C THR C 214 -58.65 48.48 3.85
N LEU C 215 -58.71 49.39 4.83
CA LEU C 215 -59.49 49.11 6.02
C LEU C 215 -60.97 49.40 5.85
N LYS C 216 -61.37 50.05 4.77
CA LYS C 216 -62.77 50.40 4.53
C LYS C 216 -63.33 51.22 5.69
N LEU C 217 -62.66 52.32 6.01
CA LEU C 217 -63.11 53.26 7.02
C LEU C 217 -63.28 54.63 6.38
N ALA C 218 -64.48 55.18 6.49
CA ALA C 218 -64.75 56.52 5.98
C ALA C 218 -64.54 57.61 7.02
N THR C 219 -64.28 57.24 8.27
CA THR C 219 -64.14 58.19 9.36
C THR C 219 -62.82 57.94 10.09
N PRO C 220 -61.70 58.19 9.43
CA PRO C 220 -60.40 57.97 10.09
C PRO C 220 -60.03 59.13 11.00
N THR C 221 -60.17 58.92 12.30
CA THR C 221 -59.71 59.89 13.27
C THR C 221 -58.23 59.68 13.55
N TYR C 222 -57.57 60.73 14.04
CA TYR C 222 -56.14 60.65 14.27
C TYR C 222 -55.77 59.51 15.20
N GLY C 223 -56.71 59.08 16.05
CA GLY C 223 -56.46 57.92 16.88
C GLY C 223 -56.08 56.71 16.06
N ASP C 224 -56.74 56.51 14.92
CA ASP C 224 -56.48 55.33 14.11
C ASP C 224 -55.12 55.40 13.42
N LEU C 225 -54.78 56.56 12.86
CA LEU C 225 -53.48 56.69 12.23
C LEU C 225 -52.36 56.49 13.24
N ASN C 226 -52.50 57.10 14.41
CA ASN C 226 -51.50 56.89 15.45
C ASN C 226 -51.47 55.44 15.87
N HIS C 227 -52.62 54.77 15.87
CA HIS C 227 -52.65 53.35 16.20
C HIS C 227 -51.83 52.54 15.20
N LEU C 228 -51.95 52.88 13.92
CA LEU C 228 -51.17 52.18 12.89
C LEU C 228 -49.68 52.40 13.08
N VAL C 229 -49.27 53.64 13.30
CA VAL C 229 -47.86 53.90 13.49
C VAL C 229 -47.34 53.19 14.73
N SER C 230 -48.16 53.16 15.78
CA SER C 230 -47.77 52.45 17.00
C SER C 230 -47.59 50.97 16.75
N ALA C 231 -48.50 50.37 15.97
CA ALA C 231 -48.34 48.95 15.65
C ALA C 231 -47.04 48.72 14.89
N THR C 232 -46.70 49.63 13.98
CA THR C 232 -45.44 49.49 13.25
C THR C 232 -44.24 49.52 14.21
N MET C 233 -44.23 50.49 15.13
CA MET C 233 -43.11 50.61 16.06
C MET C 233 -43.00 49.38 16.96
N SER C 234 -44.15 48.90 17.46
CA SER C 234 -44.15 47.70 18.28
C SER C 234 -43.60 46.52 17.50
N GLY C 235 -43.99 46.38 16.24
CA GLY C 235 -43.43 45.34 15.41
C GLY C 235 -41.93 45.47 15.23
N VAL C 236 -41.43 46.71 15.16
CA VAL C 236 -40.00 46.88 15.01
C VAL C 236 -39.27 46.41 16.26
N THR C 237 -39.80 46.71 17.44
CA THR C 237 -39.07 46.39 18.66
C THR C 237 -39.32 44.98 19.18
N THR C 238 -40.39 44.31 18.75
CA THR C 238 -40.68 43.01 19.32
C THR C 238 -39.58 42.00 19.05
N SER C 239 -38.72 42.27 18.06
CA SER C 239 -37.64 41.35 17.76
C SER C 239 -36.67 41.20 18.91
N LEU C 240 -36.59 42.19 19.80
CA LEU C 240 -35.74 42.10 20.98
C LEU C 240 -36.53 42.10 22.28
N ARG C 241 -37.74 42.64 22.27
CA ARG C 241 -38.54 42.53 23.48
C ARG C 241 -39.14 41.15 23.68
N PHE C 242 -38.89 40.20 22.79
CA PHE C 242 -39.55 38.91 22.86
C PHE C 242 -38.63 37.86 22.27
N PRO C 243 -38.78 36.60 22.68
CA PRO C 243 -37.98 35.53 22.08
C PRO C 243 -38.40 35.30 20.64
N GLY C 244 -37.50 34.69 19.87
CA GLY C 244 -37.81 34.42 18.48
C GLY C 244 -36.88 33.43 17.83
N GLN C 245 -37.40 32.66 16.88
CA GLN C 245 -36.59 31.66 16.23
C GLN C 245 -35.42 32.28 15.47
N LEU C 246 -35.59 33.51 15.00
CA LEU C 246 -34.48 34.27 14.42
C LEU C 246 -34.67 35.72 14.88
N ASN C 247 -34.02 36.06 15.99
CA ASN C 247 -34.26 37.34 16.63
C ASN C 247 -33.48 38.45 15.96
N ALA C 248 -33.92 39.68 16.18
CA ALA C 248 -33.26 40.86 15.64
C ALA C 248 -33.20 41.94 16.71
N ASP C 249 -32.26 42.86 16.53
CA ASP C 249 -32.13 44.03 17.39
C ASP C 249 -32.02 45.25 16.49
N LEU C 250 -32.09 46.43 17.12
CA LEU C 250 -32.02 47.67 16.35
C LEU C 250 -30.70 47.79 15.60
N ARG C 251 -29.60 47.38 16.25
CA ARG C 251 -28.30 47.44 15.57
C ARG C 251 -28.27 46.53 14.36
N LYS C 252 -28.94 45.37 14.43
CA LYS C 252 -29.01 44.49 13.26
C LYS C 252 -29.68 45.19 12.10
N LEU C 253 -30.82 45.83 12.35
CA LEU C 253 -31.50 46.55 11.29
C LEU C 253 -30.64 47.68 10.75
N ALA C 254 -29.95 48.40 11.63
CA ALA C 254 -29.10 49.49 11.17
C ALA C 254 -28.01 48.98 10.26
N VAL C 255 -27.36 47.87 10.63
CA VAL C 255 -26.28 47.35 9.81
C VAL C 255 -26.82 46.85 8.48
N ASN C 256 -27.95 46.15 8.50
CA ASN C 256 -28.45 45.55 7.27
C ASN C 256 -29.02 46.57 6.31
N MET C 257 -29.67 47.62 6.82
CA MET C 257 -30.45 48.51 5.97
C MET C 257 -29.69 49.75 5.53
N VAL C 258 -28.49 49.98 6.02
CA VAL C 258 -27.84 51.26 5.77
C VAL C 258 -26.50 51.03 5.09
N PRO C 259 -26.49 50.82 3.77
CA PRO C 259 -25.22 50.54 3.09
C PRO C 259 -24.23 51.69 3.13
N PHE C 260 -24.70 52.92 3.24
CA PHE C 260 -23.84 54.09 3.22
C PHE C 260 -24.27 55.03 4.33
N PRO C 261 -23.36 55.85 4.85
CA PRO C 261 -23.71 56.64 6.04
C PRO C 261 -24.94 57.52 5.87
N ARG C 262 -25.12 58.11 4.69
CA ARG C 262 -26.18 59.09 4.53
C ARG C 262 -27.52 58.44 4.18
N LEU C 263 -27.52 57.42 3.33
CA LEU C 263 -28.75 56.88 2.76
C LEU C 263 -29.42 55.93 3.76
N HIS C 264 -30.08 56.52 4.75
CA HIS C 264 -30.70 55.75 5.81
C HIS C 264 -32.12 56.21 6.07
N PHE C 265 -32.92 56.33 5.02
CA PHE C 265 -34.32 56.70 5.13
C PHE C 265 -35.19 55.53 4.68
N PHE C 266 -36.06 55.07 5.56
CA PHE C 266 -36.83 53.85 5.34
C PHE C 266 -38.31 54.18 5.24
N MET C 267 -38.98 53.50 4.35
CA MET C 267 -40.43 53.53 4.37
C MET C 267 -40.96 52.27 5.01
N PRO C 268 -41.85 52.38 5.98
CA PRO C 268 -42.38 51.20 6.65
C PRO C 268 -43.62 50.67 5.94
N GLY C 269 -44.10 49.54 6.45
CA GLY C 269 -45.34 48.96 5.98
C GLY C 269 -45.76 47.89 6.96
N PHE C 270 -47.06 47.63 6.99
CA PHE C 270 -47.61 46.68 7.94
C PHE C 270 -48.53 45.72 7.21
N ALA C 271 -48.67 44.51 7.76
CA ALA C 271 -49.63 43.56 7.24
C ALA C 271 -49.93 42.56 8.32
N PRO C 272 -51.13 41.95 8.33
CA PRO C 272 -52.25 42.13 7.43
C PRO C 272 -53.10 43.33 7.78
N LEU C 273 -53.83 43.85 6.80
CA LEU C 273 -54.77 44.95 7.02
C LEU C 273 -56.10 44.52 6.42
N THR C 274 -57.02 44.11 7.27
CA THR C 274 -58.31 43.60 6.84
C THR C 274 -59.42 44.39 7.48
N ALA C 275 -60.45 44.69 6.69
CA ALA C 275 -61.62 45.38 7.22
C ALA C 275 -62.32 44.50 8.24
N ARG C 276 -63.36 45.04 8.87
CA ARG C 276 -64.08 44.28 9.88
C ARG C 276 -64.81 43.09 9.26
N GLY C 277 -65.36 43.25 8.07
CA GLY C 277 -66.13 42.19 7.44
C GLY C 277 -65.29 41.29 6.55
N SER C 278 -64.34 41.87 5.84
CA SER C 278 -63.58 41.16 4.83
C SER C 278 -62.44 40.34 5.42
N GLN C 279 -62.52 40.00 6.71
CA GLN C 279 -61.45 39.24 7.34
C GLN C 279 -61.65 37.74 7.19
N GLN C 280 -62.82 37.23 7.57
CA GLN C 280 -63.03 35.78 7.51
C GLN C 280 -63.04 35.25 6.08
N TYR C 281 -63.14 36.14 5.09
CA TYR C 281 -63.11 35.71 3.70
C TYR C 281 -61.71 35.77 3.11
N ARG C 282 -60.67 35.65 3.93
CA ARG C 282 -59.32 35.60 3.42
C ARG C 282 -58.46 34.72 4.32
N ALA C 283 -57.51 34.01 3.70
CA ALA C 283 -56.64 33.11 4.43
C ALA C 283 -55.40 33.85 4.93
N LEU C 284 -55.04 33.60 6.18
CA LEU C 284 -53.88 34.25 6.80
C LEU C 284 -52.68 33.32 6.71
N THR C 285 -52.03 33.34 5.56
CA THR C 285 -50.84 32.56 5.32
C THR C 285 -49.67 33.48 4.96
N VAL C 286 -48.48 33.01 5.24
CA VAL C 286 -47.24 33.75 4.97
C VAL C 286 -47.20 34.26 3.53
N PRO C 287 -47.56 33.46 2.51
CA PRO C 287 -47.60 34.04 1.16
C PRO C 287 -48.52 35.23 1.06
N GLU C 288 -49.66 35.20 1.75
CA GLU C 288 -50.60 36.31 1.68
C GLU C 288 -49.97 37.58 2.26
N LEU C 289 -49.38 37.47 3.45
CA LEU C 289 -48.70 38.63 4.04
C LEU C 289 -47.62 39.15 3.11
N THR C 290 -46.77 38.24 2.61
CA THR C 290 -45.64 38.67 1.80
C THR C 290 -46.10 39.40 0.56
N GLN C 291 -47.10 38.86 -0.13
CA GLN C 291 -47.61 39.53 -1.32
C GLN C 291 -48.31 40.83 -0.97
N GLN C 292 -48.90 40.94 0.21
CA GLN C 292 -49.51 42.20 0.61
C GLN C 292 -48.47 43.28 0.80
N MET C 293 -47.33 42.93 1.40
CA MET C 293 -46.38 43.96 1.79
C MET C 293 -45.68 44.63 0.62
N PHE C 294 -45.74 44.07 -0.59
CA PHE C 294 -45.03 44.64 -1.72
C PHE C 294 -46.03 45.21 -2.72
N ASP C 295 -46.45 46.45 -2.49
CA ASP C 295 -47.26 47.20 -3.45
C ASP C 295 -47.38 48.63 -2.96
N ALA C 296 -47.53 49.55 -3.91
CA ALA C 296 -47.63 50.96 -3.54
C ALA C 296 -48.83 51.20 -2.64
N LYS C 297 -49.91 50.44 -2.82
CA LYS C 297 -51.11 50.67 -2.05
C LYS C 297 -51.00 50.19 -0.61
N ASN C 298 -49.81 49.78 -0.14
CA ASN C 298 -49.63 49.46 1.26
C ASN C 298 -48.29 49.95 1.79
N MET C 299 -47.74 51.01 1.20
CA MET C 299 -46.53 51.65 1.72
C MET C 299 -46.94 52.91 2.47
N MET C 300 -46.51 53.03 3.71
CA MET C 300 -46.86 54.20 4.49
C MET C 300 -46.13 55.43 4.06
N ALA C 301 -45.39 55.44 2.95
CA ALA C 301 -44.79 56.63 2.40
C ALA C 301 -45.34 56.85 1.00
N ALA C 302 -45.81 58.07 0.74
CA ALA C 302 -46.51 58.35 -0.50
C ALA C 302 -45.55 58.44 -1.68
N CYS C 303 -45.07 57.29 -2.15
CA CYS C 303 -44.22 57.24 -3.33
C CYS C 303 -44.22 55.82 -3.85
N ASP C 304 -44.52 55.65 -5.13
CA ASP C 304 -44.56 54.31 -5.72
C ASP C 304 -43.17 53.71 -5.73
N PRO C 305 -42.96 52.55 -5.13
CA PRO C 305 -41.64 51.89 -5.24
C PRO C 305 -41.22 51.62 -6.67
N ARG C 306 -42.18 51.39 -7.56
CA ARG C 306 -41.85 51.05 -8.94
C ARG C 306 -41.07 52.14 -9.64
N HIS C 307 -41.19 53.39 -9.19
CA HIS C 307 -40.43 54.46 -9.83
C HIS C 307 -38.94 54.34 -9.55
N GLY C 308 -38.55 53.55 -8.56
CA GLY C 308 -37.14 53.32 -8.27
C GLY C 308 -36.85 51.87 -7.96
N ARG C 309 -35.79 51.63 -7.19
CA ARG C 309 -35.42 50.28 -6.80
C ARG C 309 -35.27 50.21 -5.28
N TYR C 310 -35.56 49.03 -4.73
CA TYR C 310 -35.32 48.76 -3.32
C TYR C 310 -33.83 48.57 -3.14
N LEU C 311 -33.17 49.50 -2.46
CA LEU C 311 -31.77 49.28 -2.13
C LEU C 311 -31.62 48.08 -1.19
N THR C 312 -32.37 48.08 -0.09
CA THR C 312 -32.46 46.94 0.80
C THR C 312 -33.86 46.84 1.37
N VAL C 313 -34.17 45.69 1.96
CA VAL C 313 -35.49 45.43 2.52
C VAL C 313 -35.32 44.59 3.76
N ALA C 314 -36.00 44.95 4.85
CA ALA C 314 -36.04 44.14 6.05
C ALA C 314 -37.48 43.75 6.32
N THR C 315 -37.66 42.58 6.93
CA THR C 315 -38.99 42.03 7.13
C THR C 315 -39.02 41.30 8.46
N VAL C 316 -39.88 41.77 9.36
CA VAL C 316 -39.96 41.23 10.71
C VAL C 316 -41.33 40.61 10.88
N PHE C 317 -41.38 39.30 11.03
CA PHE C 317 -42.63 38.59 11.22
C PHE C 317 -42.91 38.39 12.71
N ARG C 318 -44.12 37.93 12.99
CA ARG C 318 -44.53 37.64 14.35
C ARG C 318 -45.41 36.40 14.33
N GLY C 319 -45.69 35.87 15.50
CA GLY C 319 -46.52 34.69 15.60
C GLY C 319 -45.85 33.43 15.08
N ARG C 320 -46.40 32.26 15.39
CA ARG C 320 -45.77 31.01 15.00
C ARG C 320 -45.94 30.76 13.51
N MET C 321 -44.84 30.47 12.83
CA MET C 321 -44.85 30.21 11.41
C MET C 321 -43.71 29.27 11.08
N SER C 322 -43.60 28.91 9.81
CA SER C 322 -42.56 28.00 9.35
C SER C 322 -41.52 28.78 8.56
N MET C 323 -40.25 28.61 8.94
CA MET C 323 -39.18 29.38 8.31
C MET C 323 -39.07 29.07 6.83
N LYS C 324 -39.21 27.80 6.46
CA LYS C 324 -39.10 27.42 5.05
C LYS C 324 -40.12 28.16 4.21
N GLU C 325 -41.32 28.33 4.73
CA GLU C 325 -42.36 29.05 4.00
C GLU C 325 -41.93 30.48 3.73
N VAL C 326 -41.40 31.15 4.75
CA VAL C 326 -40.94 32.53 4.60
C VAL C 326 -39.82 32.60 3.57
N ASP C 327 -38.88 31.66 3.64
CA ASP C 327 -37.77 31.66 2.70
C ASP C 327 -38.27 31.49 1.28
N GLU C 328 -39.19 30.57 1.07
CA GLU C 328 -39.75 30.35 -0.25
C GLU C 328 -40.44 31.61 -0.77
N GLN C 329 -41.23 32.26 0.09
CA GLN C 329 -41.92 33.46 -0.34
C GLN C 329 -40.95 34.56 -0.72
N MET C 330 -39.91 34.76 0.10
CA MET C 330 -38.94 35.80 -0.20
C MET C 330 -38.21 35.47 -1.50
N LEU C 331 -37.89 34.20 -1.73
CA LEU C 331 -37.26 33.82 -2.98
C LEU C 331 -38.15 34.16 -4.17
N ALA C 332 -39.43 33.80 -4.10
CA ALA C 332 -40.33 34.07 -5.20
C ALA C 332 -40.45 35.57 -5.45
N ILE C 333 -40.60 36.35 -4.38
CA ILE C 333 -40.84 37.77 -4.53
C ILE C 333 -39.58 38.49 -5.00
N GLN C 334 -38.41 37.93 -4.68
CA GLN C 334 -37.17 38.50 -5.21
C GLN C 334 -36.96 38.08 -6.65
N SER C 335 -37.53 36.94 -7.05
CA SER C 335 -37.37 36.48 -8.42
C SER C 335 -38.25 37.28 -9.38
N LYS C 336 -39.55 37.36 -9.09
CA LYS C 336 -40.46 37.93 -10.08
C LYS C 336 -40.30 39.43 -10.23
N ASN C 337 -39.79 40.13 -9.22
CA ASN C 337 -39.63 41.57 -9.28
C ASN C 337 -38.16 41.95 -9.48
N SER C 338 -37.46 41.18 -10.32
CA SER C 338 -36.01 41.33 -10.46
C SER C 338 -35.63 42.76 -10.84
N SER C 339 -36.44 43.41 -11.66
CA SER C 339 -36.15 44.80 -12.03
C SER C 339 -36.41 45.77 -10.89
N TYR C 340 -37.05 45.33 -9.83
CA TYR C 340 -37.38 46.20 -8.71
C TYR C 340 -36.30 46.22 -7.64
N PHE C 341 -35.22 45.47 -7.81
CA PHE C 341 -34.14 45.44 -6.84
C PHE C 341 -32.84 45.86 -7.49
N VAL C 342 -31.92 46.36 -6.68
CA VAL C 342 -30.64 46.82 -7.20
C VAL C 342 -29.79 45.61 -7.56
N GLU C 343 -29.09 45.72 -8.69
CA GLU C 343 -28.31 44.60 -9.20
C GLU C 343 -27.20 44.20 -8.24
N TRP C 344 -26.43 45.17 -7.75
CA TRP C 344 -25.20 44.87 -7.03
C TRP C 344 -25.41 44.58 -5.55
N ILE C 345 -26.62 44.26 -5.11
CA ILE C 345 -26.81 43.76 -3.75
C ILE C 345 -27.54 42.43 -3.84
N PRO C 346 -26.82 41.32 -3.99
CA PRO C 346 -27.49 40.02 -4.04
C PRO C 346 -28.05 39.64 -2.68
N ASN C 347 -29.20 38.97 -2.72
CA ASN C 347 -29.89 38.50 -1.53
C ASN C 347 -30.14 39.63 -0.55
N ASN C 348 -30.94 40.60 -1.01
CA ASN C 348 -31.14 41.85 -0.27
C ASN C 348 -32.38 41.85 0.58
N VAL C 349 -32.73 40.74 1.22
CA VAL C 349 -33.88 40.68 2.10
C VAL C 349 -33.43 40.18 3.45
N LYS C 350 -33.39 41.08 4.43
CA LYS C 350 -33.14 40.71 5.81
C LYS C 350 -34.43 40.22 6.44
N VAL C 351 -34.34 39.12 7.17
CA VAL C 351 -35.51 38.44 7.71
C VAL C 351 -35.35 38.27 9.20
N ALA C 352 -36.42 38.51 9.94
CA ALA C 352 -36.46 38.22 11.37
C ALA C 352 -37.82 37.64 11.71
N VAL C 353 -37.85 36.77 12.70
CA VAL C 353 -39.08 36.09 13.09
C VAL C 353 -39.21 36.11 14.60
N CYS C 354 -40.32 36.64 15.09
CA CYS C 354 -40.64 36.57 16.50
C CYS C 354 -41.54 35.37 16.77
N ASP C 355 -42.01 35.25 18.01
CA ASP C 355 -42.83 34.12 18.41
C ASP C 355 -44.19 34.51 18.97
N ILE C 356 -44.48 35.79 19.13
CA ILE C 356 -45.71 36.25 19.76
C ILE C 356 -46.49 37.09 18.74
N PRO C 357 -47.78 36.85 18.56
CA PRO C 357 -48.57 37.71 17.68
C PRO C 357 -48.84 39.04 18.35
N PRO C 358 -49.14 40.07 17.53
CA PRO C 358 -49.48 41.45 17.93
C PRO C 358 -50.76 41.63 18.73
N ARG C 359 -51.19 40.55 19.38
CA ARG C 359 -52.38 40.47 20.22
C ARG C 359 -53.77 40.57 19.60
N GLY C 360 -54.25 39.47 19.04
CA GLY C 360 -55.58 39.48 18.46
C GLY C 360 -55.59 38.95 17.04
N LEU C 361 -54.45 38.38 16.66
CA LEU C 361 -54.20 37.82 15.35
C LEU C 361 -53.39 36.53 15.46
N LYS C 362 -53.29 35.84 14.32
CA LYS C 362 -52.45 34.65 14.26
C LYS C 362 -51.01 34.98 13.89
N MET C 363 -50.82 35.85 12.90
CA MET C 363 -49.47 36.18 12.46
C MET C 363 -49.51 37.52 11.74
N SER C 364 -48.50 38.34 11.99
CA SER C 364 -48.40 39.65 11.38
C SER C 364 -47.02 39.81 10.75
N SER C 365 -46.76 40.98 10.20
CA SER C 365 -45.51 41.24 9.52
C SER C 365 -45.31 42.73 9.37
N THR C 366 -44.05 43.15 9.44
CA THR C 366 -43.66 44.54 9.29
C THR C 366 -42.55 44.64 8.26
N PHE C 367 -42.68 45.57 7.34
CA PHE C 367 -41.77 45.75 6.23
C PHE C 367 -41.04 47.07 6.43
N ILE C 368 -39.73 47.08 6.18
CA ILE C 368 -38.90 48.26 6.31
C ILE C 368 -38.05 48.34 5.06
N GLY C 369 -38.48 49.12 4.07
CA GLY C 369 -37.82 49.17 2.78
C GLY C 369 -36.99 50.44 2.64
N ASN C 370 -35.70 50.27 2.40
CA ASN C 370 -34.82 51.37 2.05
C ASN C 370 -34.71 51.36 0.53
N SER C 371 -35.43 52.27 -0.12
CA SER C 371 -35.50 52.31 -1.58
C SER C 371 -34.93 53.62 -2.11
N THR C 372 -34.90 53.72 -3.44
CA THR C 372 -34.51 54.95 -4.09
C THR C 372 -35.70 55.81 -4.49
N ALA C 373 -36.91 55.25 -4.44
CA ALA C 373 -38.09 56.02 -4.82
C ALA C 373 -38.24 57.28 -3.97
N ILE C 374 -37.85 57.21 -2.69
CA ILE C 374 -38.05 58.34 -1.78
C ILE C 374 -37.37 59.59 -2.29
N GLN C 375 -36.41 59.48 -3.20
CA GLN C 375 -35.78 60.67 -3.75
C GLN C 375 -36.83 61.63 -4.28
N GLU C 376 -37.87 61.10 -4.91
CA GLU C 376 -38.96 61.94 -5.41
C GLU C 376 -39.45 62.86 -4.31
N LEU C 377 -39.79 62.28 -3.16
CA LEU C 377 -40.19 63.06 -2.00
C LEU C 377 -39.27 64.26 -1.82
N PHE C 378 -37.98 64.00 -1.63
CA PHE C 378 -37.05 65.09 -1.40
C PHE C 378 -37.08 66.04 -2.58
N LYS C 379 -37.00 65.49 -3.79
CA LYS C 379 -37.15 66.30 -4.99
C LYS C 379 -38.29 67.29 -4.81
N ARG C 380 -39.49 66.75 -4.58
CA ARG C 380 -40.67 67.59 -4.39
C ARG C 380 -40.36 68.69 -3.39
N ILE C 381 -40.02 68.30 -2.16
CA ILE C 381 -39.81 69.30 -1.12
C ILE C 381 -38.76 70.30 -1.57
N SER C 382 -37.66 69.80 -2.13
CA SER C 382 -36.59 70.70 -2.55
C SER C 382 -37.15 71.78 -3.45
N GLU C 383 -37.89 71.36 -4.49
CA GLU C 383 -38.45 72.33 -5.41
C GLU C 383 -39.29 73.35 -4.66
N GLN C 384 -40.21 72.87 -3.82
CA GLN C 384 -41.05 73.79 -3.05
C GLN C 384 -40.19 74.79 -2.30
N PHE C 385 -39.20 74.28 -1.57
CA PHE C 385 -38.31 75.15 -0.82
C PHE C 385 -37.73 76.20 -1.74
N THR C 386 -37.18 75.76 -2.87
CA THR C 386 -36.59 76.70 -3.83
C THR C 386 -37.56 77.80 -4.17
N ALA C 387 -38.80 77.45 -4.52
CA ALA C 387 -39.78 78.45 -4.86
C ALA C 387 -39.95 79.44 -3.72
N MET C 388 -40.22 78.93 -2.53
CA MET C 388 -40.47 79.82 -1.40
C MET C 388 -39.22 80.55 -0.97
N PHE C 389 -38.06 80.13 -1.46
CA PHE C 389 -36.84 80.89 -1.19
C PHE C 389 -36.52 81.87 -2.30
N ARG C 390 -37.01 81.63 -3.51
CA ARG C 390 -36.67 82.52 -4.61
C ARG C 390 -37.20 83.92 -4.36
N ARG C 391 -38.40 84.02 -3.81
CA ARG C 391 -38.99 85.29 -3.42
C ARG C 391 -38.63 85.66 -1.98
N LYS C 392 -37.93 84.78 -1.26
CA LYS C 392 -37.61 85.00 0.14
C LYS C 392 -38.87 85.24 0.97
N ALA C 393 -39.93 84.54 0.61
CA ALA C 393 -41.18 84.63 1.36
C ALA C 393 -41.01 84.05 2.75
N PHE C 394 -41.66 84.67 3.73
CA PHE C 394 -41.64 84.20 5.11
C PHE C 394 -40.23 84.23 5.69
N LEU C 395 -39.29 84.81 4.96
CA LEU C 395 -37.90 84.76 5.39
C LEU C 395 -37.68 85.53 6.67
N HIS C 396 -38.45 86.61 6.90
CA HIS C 396 -38.16 87.48 8.02
C HIS C 396 -38.37 86.79 9.37
N TRP C 397 -39.35 85.89 9.46
CA TRP C 397 -39.57 85.20 10.73
C TRP C 397 -38.33 84.39 11.12
N TYR C 398 -37.73 83.70 10.16
CA TYR C 398 -36.54 82.91 10.46
C TYR C 398 -35.30 83.78 10.62
N THR C 399 -35.21 84.87 9.87
CA THR C 399 -34.06 85.75 10.00
C THR C 399 -34.02 86.42 11.36
N GLY C 400 -35.19 86.74 11.91
CA GLY C 400 -35.26 87.49 13.15
C GLY C 400 -34.78 86.75 14.38
N GLU C 401 -34.49 85.46 14.26
CA GLU C 401 -34.03 84.68 15.40
C GLU C 401 -32.55 84.34 15.35
N GLY C 402 -31.77 85.05 14.51
CA GLY C 402 -30.34 84.86 14.40
C GLY C 402 -29.92 84.10 13.16
N MET C 403 -30.78 83.22 12.66
CA MET C 403 -30.47 82.50 11.44
C MET C 403 -30.41 83.45 10.25
N ASP C 404 -29.63 83.09 9.25
CA ASP C 404 -29.46 83.92 8.06
C ASP C 404 -29.63 83.07 6.81
N GLU C 405 -29.53 83.74 5.65
CA GLU C 405 -29.79 83.07 4.38
C GLU C 405 -28.79 81.93 4.14
N MET C 406 -27.52 82.15 4.47
CA MET C 406 -26.51 81.15 4.14
C MET C 406 -26.84 79.80 4.75
N GLU C 407 -27.53 79.80 5.88
CA GLU C 407 -28.06 78.56 6.43
C GLU C 407 -28.94 77.85 5.41
N PHE C 408 -29.89 78.59 4.82
CA PHE C 408 -30.79 78.00 3.84
C PHE C 408 -30.04 77.55 2.60
N THR C 409 -29.08 78.36 2.15
CA THR C 409 -28.30 77.99 0.98
C THR C 409 -27.59 76.66 1.20
N GLU C 410 -26.90 76.53 2.34
CA GLU C 410 -26.17 75.31 2.63
C GLU C 410 -27.12 74.13 2.77
N ALA C 411 -28.25 74.32 3.46
CA ALA C 411 -29.17 73.20 3.65
C ALA C 411 -29.74 72.72 2.31
N GLU C 412 -30.12 73.65 1.43
CA GLU C 412 -30.65 73.26 0.14
C GLU C 412 -29.58 72.55 -0.69
N SER C 413 -28.35 73.05 -0.66
CA SER C 413 -27.27 72.39 -1.37
C SER C 413 -27.06 70.97 -0.85
N ASN C 414 -27.11 70.81 0.47
CA ASN C 414 -26.94 69.49 1.07
C ASN C 414 -28.05 68.53 0.63
N MET C 415 -29.29 69.01 0.64
CA MET C 415 -30.39 68.14 0.21
C MET C 415 -30.25 67.76 -1.26
N ASN C 416 -29.86 68.72 -2.11
CA ASN C 416 -29.65 68.39 -3.51
C ASN C 416 -28.52 67.37 -3.68
N ASP C 417 -27.46 67.49 -2.89
CA ASP C 417 -26.40 66.49 -2.93
C ASP C 417 -26.93 65.12 -2.55
N LEU C 418 -27.77 65.06 -1.53
CA LEU C 418 -28.34 63.77 -1.13
C LEU C 418 -29.17 63.18 -2.25
N VAL C 419 -29.98 64.00 -2.91
CA VAL C 419 -30.80 63.50 -4.01
C VAL C 419 -29.90 63.03 -5.14
N SER C 420 -28.80 63.74 -5.39
CA SER C 420 -27.87 63.31 -6.42
C SER C 420 -27.27 61.95 -6.08
N GLU C 421 -26.94 61.73 -4.82
CA GLU C 421 -26.41 60.43 -4.42
C GLU C 421 -27.44 59.33 -4.63
N TYR C 422 -28.69 59.60 -4.26
CA TYR C 422 -29.74 58.60 -4.47
C TYR C 422 -29.90 58.28 -5.95
N GLN C 423 -29.89 59.32 -6.79
CA GLN C 423 -29.99 59.10 -8.22
C GLN C 423 -28.81 58.30 -8.74
N GLN C 424 -27.61 58.62 -8.29
CA GLN C 424 -26.41 57.92 -8.75
C GLN C 424 -26.49 56.44 -8.41
N TYR C 425 -26.87 56.12 -7.18
CA TYR C 425 -26.93 54.71 -6.80
C TYR C 425 -28.12 54.00 -7.41
N GLN C 426 -29.19 54.74 -7.76
CA GLN C 426 -30.33 54.08 -8.40
C GLN C 426 -29.96 53.52 -9.76
N ASP C 427 -29.17 54.27 -10.53
CA ASP C 427 -28.75 53.84 -11.86
C ASP C 427 -27.32 53.34 -11.89
N ALA C 428 -26.82 52.83 -10.77
CA ALA C 428 -25.48 52.27 -10.76
C ALA C 428 -25.45 50.95 -11.52
N THR C 429 -24.26 50.60 -12.01
CA THR C 429 -24.07 49.38 -12.77
C THR C 429 -22.63 48.89 -12.69
N MET D 1 26.48 -63.50 25.93
CA MET D 1 27.82 -62.96 26.14
C MET D 1 28.37 -62.35 24.85
N ARG D 2 27.50 -62.17 23.87
CA ARG D 2 27.81 -61.42 22.65
C ARG D 2 26.82 -60.26 22.62
N GLU D 3 27.18 -59.17 23.27
CA GLU D 3 26.24 -58.07 23.42
C GLU D 3 26.28 -57.15 22.20
N CYS D 4 25.16 -56.46 21.99
CA CYS D 4 25.03 -55.53 20.86
C CYS D 4 24.02 -54.48 21.27
N ILE D 5 24.46 -53.22 21.34
CA ILE D 5 23.56 -52.16 21.78
C ILE D 5 22.87 -51.54 20.58
N SER D 6 21.73 -50.89 20.85
CA SER D 6 20.93 -50.23 19.83
C SER D 6 20.86 -48.75 20.13
N ILE D 7 21.05 -47.93 19.11
CA ILE D 7 21.04 -46.48 19.24
C ILE D 7 20.02 -45.94 18.26
N HIS D 8 18.99 -45.29 18.76
CA HIS D 8 17.91 -44.78 17.93
C HIS D 8 17.99 -43.27 17.89
N VAL D 9 18.24 -42.71 16.71
CA VAL D 9 18.37 -41.27 16.52
C VAL D 9 17.19 -40.80 15.70
N GLY D 10 16.58 -39.71 16.12
CA GLY D 10 15.50 -39.11 15.37
C GLY D 10 14.18 -39.84 15.56
N GLN D 11 13.11 -39.19 15.09
CA GLN D 11 11.77 -39.73 15.27
C GLN D 11 11.60 -41.06 14.57
N ALA D 12 12.14 -41.18 13.35
CA ALA D 12 12.07 -42.44 12.64
C ALA D 12 12.72 -43.55 13.44
N GLY D 13 13.93 -43.30 13.91
CA GLY D 13 14.61 -44.30 14.72
C GLY D 13 13.80 -44.67 15.95
N VAL D 14 13.22 -43.69 16.61
CA VAL D 14 12.52 -43.98 17.86
C VAL D 14 11.28 -44.83 17.60
N GLN D 15 10.53 -44.51 16.56
CA GLN D 15 9.32 -45.30 16.29
C GLN D 15 9.68 -46.70 15.82
N ILE D 16 10.68 -46.81 14.94
CA ILE D 16 11.14 -48.12 14.52
C ILE D 16 11.57 -48.93 15.73
N GLY D 17 12.22 -48.28 16.69
CA GLY D 17 12.63 -48.98 17.89
C GLY D 17 11.45 -49.41 18.73
N ASN D 18 10.42 -48.58 18.82
CA ASN D 18 9.20 -49.02 19.49
C ASN D 18 8.75 -50.35 18.91
N ALA D 19 8.68 -50.41 17.58
CA ALA D 19 8.26 -51.66 16.94
C ALA D 19 9.23 -52.80 17.25
N CYS D 20 10.53 -52.53 17.14
CA CYS D 20 11.53 -53.58 17.28
C CYS D 20 11.51 -54.17 18.69
N TRP D 21 11.42 -53.32 19.69
CA TRP D 21 11.45 -53.82 21.05
C TRP D 21 10.13 -54.45 21.43
N GLU D 22 9.02 -54.01 20.86
CA GLU D 22 7.79 -54.77 20.99
C GLU D 22 7.98 -56.18 20.45
N LEU D 23 8.59 -56.29 19.29
CA LEU D 23 8.82 -57.59 18.69
C LEU D 23 9.71 -58.46 19.56
N TYR D 24 10.81 -57.91 20.06
CA TYR D 24 11.70 -58.68 20.92
C TYR D 24 10.98 -59.16 22.17
N CYS D 25 10.35 -58.22 22.89
CA CYS D 25 9.64 -58.59 24.10
C CYS D 25 8.61 -59.67 23.84
N LEU D 26 8.03 -59.69 22.63
CA LEU D 26 7.15 -60.79 22.28
C LEU D 26 7.92 -62.07 22.04
N GLU D 27 9.10 -61.98 21.45
CA GLU D 27 9.83 -63.19 21.07
C GLU D 27 10.23 -64.00 22.29
N HIS D 28 10.89 -63.38 23.25
CA HIS D 28 11.45 -64.09 24.39
C HIS D 28 10.48 -64.22 25.54
N GLY D 29 9.19 -63.98 25.31
CA GLY D 29 8.20 -64.07 26.36
C GLY D 29 8.45 -63.07 27.48
N ILE D 30 8.72 -61.82 27.11
CA ILE D 30 9.04 -60.76 28.06
C ILE D 30 7.86 -59.84 28.18
N GLN D 31 7.35 -59.68 29.40
CA GLN D 31 6.28 -58.74 29.66
C GLN D 31 6.78 -57.32 29.42
N PRO D 32 5.87 -56.37 29.20
CA PRO D 32 6.32 -54.98 29.00
C PRO D 32 7.12 -54.42 30.16
N ASP D 33 6.88 -54.90 31.38
CA ASP D 33 7.60 -54.45 32.55
C ASP D 33 8.88 -55.24 32.79
N GLY D 34 9.40 -55.92 31.77
CA GLY D 34 10.66 -56.63 31.90
C GLY D 34 10.59 -57.97 32.60
N GLN D 35 9.42 -58.37 33.08
CA GLN D 35 9.28 -59.66 33.73
C GLN D 35 8.97 -60.73 32.69
N MET D 36 9.22 -61.99 33.06
CA MET D 36 8.83 -63.10 32.23
C MET D 36 8.28 -64.21 33.12
N PRO D 37 7.04 -64.64 32.89
CA PRO D 37 6.37 -65.68 33.69
C PRO D 37 7.03 -67.05 33.55
N HIS D 46 13.74 -74.76 22.68
CA HIS D 46 14.84 -74.29 21.84
C HIS D 46 15.60 -73.14 22.48
N HIS D 47 14.91 -72.43 23.38
CA HIS D 47 15.52 -71.29 24.05
C HIS D 47 16.65 -71.73 24.97
N HIS D 48 17.62 -70.85 25.16
CA HIS D 48 18.73 -71.11 26.06
C HIS D 48 18.46 -70.55 27.47
N ASP D 53 23.11 -67.40 27.09
CA ASP D 53 21.66 -67.39 27.03
C ASP D 53 21.19 -66.69 25.76
N SER D 54 19.88 -66.72 25.52
CA SER D 54 19.33 -66.09 24.33
C SER D 54 19.18 -64.59 24.53
N PHE D 55 18.34 -64.18 25.49
CA PHE D 55 18.01 -62.78 25.64
C PHE D 55 19.17 -61.95 26.18
N ASN D 56 20.18 -62.59 26.75
CA ASN D 56 21.29 -61.86 27.34
C ASN D 56 21.98 -60.94 26.34
N THR D 57 21.93 -61.29 25.05
CA THR D 57 22.66 -60.54 24.05
C THR D 57 22.04 -59.17 23.83
N PHE D 58 20.73 -59.04 24.03
CA PHE D 58 20.05 -57.76 23.90
C PHE D 58 19.46 -57.24 25.19
N PHE D 59 19.09 -58.12 26.12
CA PHE D 59 18.52 -57.71 27.40
C PHE D 59 19.56 -57.89 28.48
N SER D 60 19.88 -56.81 29.19
CA SER D 60 20.61 -57.01 30.43
C SER D 60 19.63 -57.31 31.54
N GLU D 61 20.12 -57.94 32.61
CA GLU D 61 19.24 -58.39 33.67
C GLU D 61 19.68 -57.79 35.00
N THR D 62 18.71 -57.37 35.79
CA THR D 62 18.95 -56.88 37.13
C THR D 62 18.64 -57.99 38.14
N GLY D 63 18.71 -57.66 39.42
CA GLY D 63 18.56 -58.68 40.45
C GLY D 63 17.23 -59.39 40.38
N ALA D 64 16.14 -58.63 40.28
CA ALA D 64 14.84 -59.25 40.16
C ALA D 64 14.66 -59.85 38.76
N GLY D 65 13.46 -60.34 38.49
CA GLY D 65 13.16 -60.89 37.19
C GLY D 65 12.96 -59.84 36.12
N LYS D 66 13.47 -58.64 36.36
CA LYS D 66 13.27 -57.53 35.45
C LYS D 66 14.48 -57.37 34.54
N HIS D 67 14.23 -57.43 33.23
CA HIS D 67 15.26 -57.24 32.22
C HIS D 67 15.06 -55.88 31.57
N VAL D 68 16.15 -55.26 31.18
CA VAL D 68 16.07 -53.96 30.51
C VAL D 68 16.82 -54.00 29.18
N PRO D 69 16.35 -53.26 28.18
CA PRO D 69 17.02 -53.27 26.89
C PRO D 69 18.31 -52.45 26.91
N ARG D 70 19.19 -52.78 26.00
CA ARG D 70 20.42 -52.03 25.80
C ARG D 70 20.23 -51.00 24.69
N ALA D 71 19.27 -50.11 24.90
CA ALA D 71 18.91 -49.11 23.91
C ALA D 71 19.18 -47.72 24.45
N VAL D 72 19.51 -46.81 23.53
CA VAL D 72 19.77 -45.41 23.86
C VAL D 72 18.93 -44.55 22.94
N PHE D 73 17.74 -44.16 23.39
CA PHE D 73 16.83 -43.36 22.60
C PHE D 73 17.19 -41.91 22.77
N VAL D 74 17.73 -41.29 21.72
CA VAL D 74 18.17 -39.91 21.76
C VAL D 74 17.35 -39.11 20.75
N ASP D 75 16.90 -37.93 21.15
CA ASP D 75 16.17 -37.04 20.27
C ASP D 75 16.35 -35.62 20.76
N LEU D 76 16.11 -34.66 19.86
CA LEU D 76 16.17 -33.26 20.22
C LEU D 76 14.79 -32.65 20.48
N GLU D 77 13.73 -33.34 20.09
CA GLU D 77 12.37 -32.88 20.38
C GLU D 77 11.71 -33.87 21.33
N PRO D 78 11.24 -33.43 22.49
CA PRO D 78 10.75 -34.38 23.51
C PRO D 78 9.42 -35.02 23.20
N THR D 79 8.78 -34.70 22.07
CA THR D 79 7.42 -35.19 21.82
C THR D 79 7.36 -36.71 21.77
N VAL D 80 8.11 -37.30 20.84
CA VAL D 80 8.00 -38.74 20.61
C VAL D 80 8.55 -39.51 21.80
N ILE D 81 9.63 -39.03 22.41
CA ILE D 81 10.16 -39.71 23.59
C ILE D 81 9.14 -39.66 24.72
N ASP D 82 8.44 -38.54 24.84
CA ASP D 82 7.38 -38.45 25.84
C ASP D 82 6.28 -39.45 25.56
N GLU D 83 5.93 -39.62 24.28
CA GLU D 83 4.97 -40.65 23.92
C GLU D 83 5.46 -42.01 24.37
N VAL D 84 6.75 -42.27 24.20
CA VAL D 84 7.31 -43.55 24.64
C VAL D 84 7.17 -43.70 26.15
N ARG D 85 7.53 -42.65 26.89
CA ARG D 85 7.42 -42.69 28.35
C ARG D 85 5.99 -42.88 28.80
N THR D 86 5.03 -42.44 28.01
CA THR D 86 3.62 -42.59 28.34
C THR D 86 2.99 -43.85 27.77
N GLY D 87 3.65 -44.49 26.80
CA GLY D 87 3.10 -45.68 26.19
C GLY D 87 3.08 -46.86 27.15
N THR D 88 2.55 -47.97 26.64
CA THR D 88 2.54 -49.19 27.43
C THR D 88 3.94 -49.68 27.76
N TYR D 89 4.93 -49.29 26.95
CA TYR D 89 6.32 -49.65 27.22
C TYR D 89 7.03 -48.57 28.04
N ARG D 90 6.39 -48.21 29.14
CA ARG D 90 6.95 -47.22 30.06
C ARG D 90 7.88 -47.89 31.07
N GLN D 91 7.40 -48.96 31.71
CA GLN D 91 8.18 -49.64 32.72
C GLN D 91 9.46 -50.25 32.17
N LEU D 92 9.56 -50.46 30.87
CA LEU D 92 10.63 -51.27 30.33
C LEU D 92 11.98 -50.55 30.38
N PHE D 93 12.10 -49.45 29.65
CA PHE D 93 13.41 -48.87 29.38
C PHE D 93 14.00 -48.23 30.63
N HIS D 94 15.33 -48.21 30.68
CA HIS D 94 16.01 -47.56 31.78
C HIS D 94 15.86 -46.05 31.63
N PRO D 95 15.21 -45.38 32.57
CA PRO D 95 14.79 -43.99 32.33
C PRO D 95 15.94 -43.04 32.05
N GLU D 96 17.16 -43.41 32.45
CA GLU D 96 18.29 -42.55 32.17
C GLU D 96 18.62 -42.51 30.69
N GLN D 97 18.30 -43.56 29.94
CA GLN D 97 18.67 -43.59 28.53
C GLN D 97 17.84 -42.65 27.67
N LEU D 98 16.60 -42.38 28.04
CA LEU D 98 15.69 -41.65 27.17
C LEU D 98 16.11 -40.18 27.14
N ILE D 99 17.19 -39.94 26.42
CA ILE D 99 17.77 -38.61 26.32
C ILE D 99 16.91 -37.77 25.39
N THR D 100 16.47 -36.61 25.86
CA THR D 100 15.67 -35.68 25.08
C THR D 100 16.37 -34.33 25.05
N GLY D 101 16.41 -33.71 23.87
CA GLY D 101 16.91 -32.36 23.74
C GLY D 101 15.84 -31.35 24.08
N LYS D 102 16.01 -30.15 23.55
CA LYS D 102 15.00 -29.11 23.73
C LYS D 102 14.39 -28.62 22.43
N GLU D 103 15.21 -28.30 21.43
CA GLU D 103 14.72 -27.83 20.13
C GLU D 103 15.30 -28.72 19.05
N ASP D 104 14.43 -29.37 18.28
CA ASP D 104 14.88 -30.29 17.27
C ASP D 104 15.61 -29.56 16.15
N ALA D 105 16.37 -30.32 15.37
CA ALA D 105 17.14 -29.73 14.29
C ALA D 105 16.25 -29.10 13.23
N ALA D 106 14.95 -29.42 13.25
CA ALA D 106 13.99 -28.86 12.31
C ALA D 106 14.45 -29.08 10.87
N ASN D 107 14.77 -30.34 10.57
CA ASN D 107 15.16 -30.75 9.22
C ASN D 107 16.30 -29.90 8.70
N ASN D 108 17.22 -29.54 9.58
CA ASN D 108 18.41 -28.77 9.22
C ASN D 108 19.62 -29.56 9.68
N TYR D 109 20.50 -29.91 8.74
CA TYR D 109 21.68 -30.71 9.08
C TYR D 109 22.62 -29.94 10.01
N ALA D 110 22.83 -28.66 9.73
CA ALA D 110 23.78 -27.88 10.52
C ALA D 110 23.38 -27.86 11.98
N ARG D 111 22.09 -27.65 12.24
CA ARG D 111 21.60 -27.68 13.62
C ARG D 111 21.85 -29.05 14.24
N GLY D 112 21.61 -30.11 13.49
CA GLY D 112 21.75 -31.45 14.02
C GLY D 112 23.18 -31.95 14.13
N HIS D 113 24.15 -31.20 13.62
CA HIS D 113 25.53 -31.63 13.66
C HIS D 113 26.51 -30.60 14.20
N TYR D 114 26.14 -29.33 14.25
CA TYR D 114 27.06 -28.31 14.74
C TYR D 114 26.54 -27.53 15.92
N THR D 115 25.27 -27.15 15.92
CA THR D 115 24.78 -26.22 16.92
C THR D 115 24.12 -26.90 18.11
N ILE D 116 23.06 -27.66 17.87
CA ILE D 116 22.25 -28.19 18.96
C ILE D 116 22.80 -29.53 19.45
N GLY D 117 22.89 -30.50 18.55
CA GLY D 117 23.36 -31.82 18.94
C GLY D 117 24.73 -31.79 19.59
N LYS D 118 25.50 -30.73 19.32
CA LYS D 118 26.81 -30.58 19.94
C LYS D 118 26.70 -30.43 21.45
N GLU D 119 25.51 -30.17 21.98
CA GLU D 119 25.35 -29.92 23.39
C GLU D 119 24.81 -31.11 24.18
N ILE D 120 24.39 -32.17 23.50
CA ILE D 120 24.02 -33.41 24.19
C ILE D 120 24.79 -34.60 23.66
N ILE D 121 25.66 -34.41 22.67
CA ILE D 121 26.48 -35.51 22.18
C ILE D 121 27.29 -36.10 23.31
N ASP D 122 27.75 -35.27 24.24
CA ASP D 122 28.58 -35.75 25.34
C ASP D 122 27.78 -36.64 26.28
N LEU D 123 26.55 -36.24 26.61
CA LEU D 123 25.71 -37.08 27.46
C LEU D 123 25.41 -38.40 26.77
N VAL D 124 25.13 -38.36 25.47
CA VAL D 124 24.85 -39.60 24.74
C VAL D 124 26.06 -40.52 24.78
N LEU D 125 27.24 -39.97 24.51
CA LEU D 125 28.46 -40.77 24.55
C LEU D 125 28.68 -41.35 25.94
N ASP D 126 28.37 -40.58 26.98
CA ASP D 126 28.54 -41.07 28.34
C ASP D 126 27.65 -42.27 28.61
N ARG D 127 26.38 -42.19 28.22
CA ARG D 127 25.50 -43.34 28.41
C ARG D 127 25.96 -44.52 27.58
N ILE D 128 26.44 -44.26 26.36
CA ILE D 128 26.98 -45.32 25.53
C ILE D 128 28.13 -46.02 26.25
N ARG D 129 29.05 -45.24 26.80
CA ARG D 129 30.20 -45.81 27.48
C ARG D 129 29.79 -46.61 28.70
N LYS D 130 28.82 -46.13 29.46
CA LYS D 130 28.34 -46.92 30.59
C LYS D 130 27.79 -48.26 30.12
N LEU D 131 26.91 -48.23 29.12
CA LEU D 131 26.32 -49.47 28.65
C LEU D 131 27.37 -50.42 28.09
N ALA D 132 28.36 -49.89 27.38
CA ALA D 132 29.41 -50.72 26.82
C ALA D 132 30.23 -51.38 27.92
N ASP D 133 30.69 -50.59 28.88
CA ASP D 133 31.52 -51.13 29.95
C ASP D 133 30.75 -52.10 30.84
N GLN D 134 29.42 -52.01 30.88
CA GLN D 134 28.68 -53.02 31.63
C GLN D 134 28.60 -54.34 30.87
N CYS D 135 28.97 -54.37 29.59
CA CYS D 135 28.97 -55.58 28.78
C CYS D 135 30.37 -56.16 28.68
N THR D 136 30.44 -57.40 28.21
CA THR D 136 31.72 -58.11 28.11
C THR D 136 32.07 -58.50 26.69
N GLY D 137 31.13 -59.09 25.95
CA GLY D 137 31.41 -59.54 24.59
C GLY D 137 30.73 -58.68 23.55
N LEU D 138 30.83 -57.36 23.72
CA LEU D 138 30.18 -56.41 22.83
C LEU D 138 30.51 -56.72 21.37
N GLN D 139 29.46 -56.90 20.56
CA GLN D 139 29.65 -57.21 19.15
C GLN D 139 29.73 -55.94 18.31
N GLY D 140 28.73 -55.07 18.42
CA GLY D 140 28.74 -53.85 17.61
C GLY D 140 27.50 -53.01 17.83
N PHE D 141 27.28 -52.09 16.90
CA PHE D 141 26.28 -51.04 17.05
C PHE D 141 25.17 -51.18 16.02
N LEU D 142 23.96 -50.86 16.45
CA LEU D 142 22.80 -50.78 15.57
C LEU D 142 22.24 -49.37 15.66
N VAL D 143 22.51 -48.56 14.66
CA VAL D 143 21.99 -47.21 14.58
C VAL D 143 20.72 -47.23 13.75
N PHE D 144 19.60 -46.84 14.35
CA PHE D 144 18.33 -46.74 13.65
C PHE D 144 18.05 -45.26 13.41
N HIS D 145 18.22 -44.82 12.17
CA HIS D 145 18.11 -43.40 11.89
C HIS D 145 17.64 -43.20 10.47
N SER D 146 16.87 -42.14 10.26
CA SER D 146 16.39 -41.80 8.93
C SER D 146 17.49 -41.08 8.16
N PHE D 147 17.14 -40.54 7.01
CA PHE D 147 18.10 -39.84 6.17
C PHE D 147 17.69 -38.41 5.85
N GLY D 148 16.40 -38.10 5.87
CA GLY D 148 15.96 -36.77 5.52
C GLY D 148 15.91 -35.83 6.71
N GLY D 149 15.47 -36.35 7.85
CA GLY D 149 15.34 -35.51 9.02
C GLY D 149 16.65 -34.87 9.43
N GLY D 150 16.55 -33.67 10.00
CA GLY D 150 17.76 -32.97 10.42
C GLY D 150 18.48 -33.68 11.55
N THR D 151 17.72 -34.06 12.59
CA THR D 151 18.33 -34.79 13.69
C THR D 151 18.98 -36.07 13.19
N GLY D 152 18.22 -36.88 12.46
CA GLY D 152 18.76 -38.10 11.89
C GLY D 152 20.11 -37.90 11.24
N SER D 153 20.15 -37.12 10.16
CA SER D 153 21.39 -36.97 9.41
C SER D 153 22.51 -36.38 10.28
N GLY D 154 22.28 -35.20 10.84
CA GLY D 154 23.34 -34.51 11.54
C GLY D 154 23.84 -35.24 12.77
N PHE D 155 22.90 -35.58 13.66
CA PHE D 155 23.26 -36.26 14.89
C PHE D 155 23.87 -37.62 14.62
N THR D 156 23.36 -38.35 13.63
CA THR D 156 23.96 -39.65 13.31
C THR D 156 25.37 -39.48 12.79
N SER D 157 25.61 -38.50 11.92
CA SER D 157 26.97 -38.28 11.45
C SER D 157 27.90 -37.98 12.62
N LEU D 158 27.48 -37.08 13.49
CA LEU D 158 28.30 -36.73 14.65
C LEU D 158 28.56 -37.95 15.52
N LEU D 159 27.51 -38.73 15.80
CA LEU D 159 27.64 -39.87 16.69
C LEU D 159 28.52 -40.94 16.10
N MET D 160 28.41 -41.18 14.79
CA MET D 160 29.26 -42.17 14.15
C MET D 160 30.71 -41.75 14.19
N GLU D 161 30.99 -40.48 13.92
CA GLU D 161 32.37 -40.02 14.01
C GLU D 161 32.91 -40.21 15.43
N ARG D 162 32.10 -39.85 16.43
CA ARG D 162 32.56 -39.97 17.81
C ARG D 162 32.82 -41.43 18.18
N LEU D 163 31.89 -42.33 17.83
CA LEU D 163 32.07 -43.73 18.19
C LEU D 163 33.28 -44.32 17.48
N SER D 164 33.45 -44.02 16.18
CA SER D 164 34.61 -44.51 15.46
C SER D 164 35.89 -44.00 16.08
N VAL D 165 35.88 -42.77 16.61
CA VAL D 165 37.04 -42.29 17.35
C VAL D 165 37.25 -43.12 18.60
N ASP D 166 36.16 -43.40 19.33
CA ASP D 166 36.29 -44.06 20.61
C ASP D 166 36.54 -45.55 20.46
N TYR D 167 35.60 -46.26 19.85
CA TYR D 167 35.71 -47.71 19.65
C TYR D 167 36.36 -47.93 18.30
N GLY D 168 37.66 -48.20 18.31
CA GLY D 168 38.44 -48.25 17.10
C GLY D 168 37.93 -49.23 16.06
N LYS D 169 37.89 -50.51 16.40
CA LYS D 169 37.49 -51.56 15.46
C LYS D 169 36.35 -52.37 16.05
N LYS D 170 35.12 -51.95 15.76
CA LYS D 170 33.95 -52.70 16.13
C LYS D 170 32.87 -52.51 15.08
N SER D 171 31.91 -53.43 15.07
CA SER D 171 30.86 -53.42 14.06
C SER D 171 29.95 -52.22 14.25
N LYS D 172 29.63 -51.54 13.14
CA LYS D 172 28.75 -50.37 13.17
C LYS D 172 27.75 -50.49 12.02
N LEU D 173 26.53 -50.87 12.34
CA LEU D 173 25.49 -51.09 11.36
C LEU D 173 24.40 -50.04 11.48
N GLU D 174 23.98 -49.51 10.33
CA GLU D 174 22.95 -48.48 10.28
C GLU D 174 21.75 -49.00 9.51
N PHE D 175 20.58 -48.46 9.83
CA PHE D 175 19.36 -48.75 9.09
C PHE D 175 18.80 -47.42 8.59
N SER D 176 19.34 -46.94 7.48
CA SER D 176 18.91 -45.66 6.98
C SER D 176 17.58 -45.79 6.26
N ILE D 177 16.87 -44.69 6.17
CA ILE D 177 15.62 -44.60 5.42
C ILE D 177 15.92 -43.81 4.16
N TYR D 178 16.25 -44.50 3.09
CA TYR D 178 16.68 -43.85 1.87
C TYR D 178 15.55 -42.97 1.34
N PRO D 179 15.83 -41.73 0.95
CA PRO D 179 14.76 -40.85 0.46
C PRO D 179 14.19 -41.36 -0.86
N ALA D 180 12.86 -41.45 -0.91
CA ALA D 180 12.19 -42.04 -2.05
C ALA D 180 12.38 -41.17 -3.30
N PRO D 181 12.28 -41.77 -4.48
CA PRO D 181 12.42 -40.97 -5.71
C PRO D 181 11.30 -39.99 -5.94
N GLN D 182 10.06 -40.32 -5.56
CA GLN D 182 8.93 -39.47 -5.90
C GLN D 182 8.13 -38.98 -4.70
N VAL D 183 8.07 -39.74 -3.61
CA VAL D 183 7.36 -39.33 -2.40
C VAL D 183 8.42 -38.79 -1.45
N SER D 184 8.39 -37.47 -1.21
CA SER D 184 9.28 -36.82 -0.26
C SER D 184 8.45 -35.97 0.69
N THR D 185 8.48 -36.31 1.98
CA THR D 185 7.80 -35.51 2.97
C THR D 185 8.56 -34.22 3.28
N ALA D 186 9.89 -34.25 3.21
CA ALA D 186 10.69 -33.06 3.44
C ALA D 186 10.90 -32.31 2.14
N VAL D 187 11.59 -31.18 2.23
CA VAL D 187 11.86 -30.35 1.06
C VAL D 187 13.36 -30.21 0.87
N VAL D 188 14.10 -30.38 1.95
CA VAL D 188 15.55 -30.28 1.89
C VAL D 188 16.22 -31.65 1.98
N GLU D 189 15.50 -32.71 1.62
CA GLU D 189 16.07 -34.06 1.65
C GLU D 189 17.40 -34.18 0.93
N PRO D 190 17.60 -33.62 -0.27
CA PRO D 190 18.91 -33.78 -0.91
C PRO D 190 20.07 -33.26 -0.06
N TYR D 191 19.89 -32.13 0.61
CA TYR D 191 20.99 -31.56 1.38
C TYR D 191 21.37 -32.48 2.54
N ASN D 192 20.38 -32.85 3.35
CA ASN D 192 20.65 -33.74 4.47
C ASN D 192 21.26 -35.05 4.00
N SER D 193 20.70 -35.62 2.94
CA SER D 193 21.20 -36.90 2.46
C SER D 193 22.65 -36.80 2.02
N ILE D 194 22.98 -35.79 1.20
CA ILE D 194 24.34 -35.68 0.70
C ILE D 194 25.31 -35.45 1.84
N LEU D 195 24.96 -34.55 2.77
CA LEU D 195 25.88 -34.27 3.86
C LEU D 195 26.09 -35.50 4.75
N THR D 196 25.01 -36.14 5.17
CA THR D 196 25.16 -37.29 6.04
C THR D 196 25.87 -38.44 5.33
N THR D 197 25.70 -38.58 4.02
CA THR D 197 26.41 -39.63 3.31
C THR D 197 27.89 -39.32 3.22
N HIS D 198 28.24 -38.08 2.87
CA HIS D 198 29.64 -37.71 2.83
C HIS D 198 30.30 -37.93 4.18
N THR D 199 29.57 -37.72 5.26
CA THR D 199 30.17 -37.95 6.58
C THR D 199 30.29 -39.44 6.89
N THR D 200 29.16 -40.15 6.85
CA THR D 200 29.12 -41.55 7.26
C THR D 200 29.85 -42.48 6.30
N LEU D 201 30.26 -42.00 5.13
CA LEU D 201 30.91 -42.87 4.17
C LEU D 201 32.24 -43.42 4.68
N GLU D 202 32.84 -42.77 5.67
CA GLU D 202 34.14 -43.18 6.18
C GLU D 202 34.06 -43.88 7.52
N HIS D 203 32.87 -44.05 8.05
CA HIS D 203 32.79 -44.63 9.39
C HIS D 203 31.86 -45.83 9.47
N SER D 204 30.73 -45.78 8.77
CA SER D 204 29.77 -46.87 8.87
C SER D 204 30.31 -48.13 8.22
N ASP D 205 30.33 -49.23 8.96
CA ASP D 205 30.79 -50.49 8.39
C ASP D 205 29.84 -50.96 7.31
N CYS D 206 28.55 -50.98 7.60
CA CYS D 206 27.56 -51.48 6.66
C CYS D 206 26.23 -50.80 6.94
N ALA D 207 25.72 -50.06 5.98
CA ALA D 207 24.40 -49.45 6.08
C ALA D 207 23.36 -50.46 5.62
N PHE D 208 22.09 -50.07 5.65
CA PHE D 208 21.00 -50.97 5.26
C PHE D 208 19.91 -50.13 4.61
N MET D 209 19.92 -50.09 3.28
CA MET D 209 18.97 -49.24 2.58
C MET D 209 17.56 -49.83 2.65
N VAL D 210 16.63 -48.97 3.05
CA VAL D 210 15.19 -49.23 3.08
C VAL D 210 14.50 -47.92 2.72
N ASP D 211 13.37 -48.01 2.03
CA ASP D 211 12.60 -46.84 1.64
C ASP D 211 11.14 -47.02 2.02
N ASN D 212 10.44 -45.91 2.21
CA ASN D 212 9.03 -45.98 2.53
C ASN D 212 8.16 -46.30 1.32
N GLU D 213 8.53 -45.81 0.14
CA GLU D 213 7.71 -46.02 -1.04
C GLU D 213 7.57 -47.51 -1.37
N ALA D 214 8.69 -48.22 -1.34
CA ALA D 214 8.64 -49.65 -1.65
C ALA D 214 7.80 -50.39 -0.64
N ILE D 215 7.86 -49.98 0.62
CA ILE D 215 7.07 -50.67 1.63
C ILE D 215 5.59 -50.37 1.44
N TYR D 216 5.25 -49.14 1.04
CA TYR D 216 3.87 -48.85 0.66
C TYR D 216 3.42 -49.81 -0.44
N ASP D 217 4.24 -49.94 -1.47
CA ASP D 217 3.91 -50.82 -2.59
C ASP D 217 3.69 -52.25 -2.11
N ILE D 218 4.58 -52.75 -1.27
CA ILE D 218 4.49 -54.13 -0.79
C ILE D 218 3.23 -54.31 0.05
N CYS D 219 2.94 -53.35 0.92
CA CYS D 219 1.75 -53.46 1.75
C CYS D 219 0.48 -53.47 0.90
N ARG D 220 0.45 -52.65 -0.14
CA ARG D 220 -0.74 -52.63 -0.99
C ARG D 220 -0.89 -53.92 -1.78
N ARG D 221 0.18 -54.35 -2.44
CA ARG D 221 0.05 -55.47 -3.38
C ARG D 221 0.00 -56.81 -2.66
N ASN D 222 0.98 -57.08 -1.82
CA ASN D 222 1.10 -58.42 -1.23
C ASN D 222 0.18 -58.59 -0.03
N LEU D 223 0.27 -57.70 0.95
CA LEU D 223 -0.55 -57.85 2.15
C LEU D 223 -2.00 -57.46 1.94
N ASP D 224 -2.32 -56.81 0.83
CA ASP D 224 -3.70 -56.42 0.51
C ASP D 224 -4.29 -55.51 1.59
N ILE D 225 -3.50 -54.54 2.04
CA ILE D 225 -3.99 -53.43 2.85
C ILE D 225 -3.76 -52.16 2.04
N GLU D 226 -4.84 -51.44 1.75
CA GLU D 226 -4.73 -50.26 0.90
C GLU D 226 -4.41 -48.99 1.67
N ARG D 227 -4.60 -48.98 2.99
CA ARG D 227 -4.41 -47.79 3.81
C ARG D 227 -3.54 -48.12 5.01
N PRO D 228 -2.22 -48.18 4.82
CA PRO D 228 -1.31 -48.50 5.92
C PRO D 228 -0.79 -47.27 6.64
N THR D 229 -0.63 -47.42 7.95
CA THR D 229 -0.02 -46.42 8.78
C THR D 229 1.46 -46.72 8.95
N TYR D 230 2.19 -45.76 9.53
CA TYR D 230 3.61 -45.98 9.78
C TYR D 230 3.84 -47.17 10.68
N THR D 231 2.83 -47.56 11.46
CA THR D 231 2.93 -48.76 12.28
C THR D 231 3.29 -49.97 11.44
N ASN D 232 2.70 -50.08 10.25
CA ASN D 232 2.92 -51.28 9.44
C ASN D 232 4.33 -51.32 8.87
N LEU D 233 4.80 -50.19 8.31
CA LEU D 233 6.18 -50.14 7.83
C LEU D 233 7.15 -50.43 8.96
N ASN D 234 6.87 -49.88 10.14
CA ASN D 234 7.74 -50.14 11.28
C ASN D 234 7.75 -51.61 11.65
N ARG D 235 6.59 -52.26 11.61
CA ARG D 235 6.55 -53.69 11.91
C ARG D 235 7.36 -54.49 10.91
N LEU D 236 7.28 -54.13 9.63
CA LEU D 236 8.05 -54.85 8.63
C LEU D 236 9.55 -54.68 8.86
N ILE D 237 9.99 -53.45 9.11
CA ILE D 237 11.42 -53.26 9.32
C ILE D 237 11.87 -53.94 10.60
N SER D 238 11.01 -53.99 11.61
CA SER D 238 11.35 -54.71 12.83
C SER D 238 11.51 -56.20 12.54
N GLN D 239 10.64 -56.75 11.69
CA GLN D 239 10.81 -58.15 11.31
C GLN D 239 12.14 -58.38 10.61
N ILE D 240 12.54 -57.45 9.74
CA ILE D 240 13.83 -57.58 9.07
C ILE D 240 14.95 -57.59 10.11
N VAL D 241 14.91 -56.66 11.05
CA VAL D 241 15.96 -56.60 12.06
C VAL D 241 16.01 -57.87 12.89
N SER D 242 14.84 -58.38 13.27
CA SER D 242 14.80 -59.61 14.06
C SER D 242 15.40 -60.77 13.28
N SER D 243 15.12 -60.85 11.98
CA SER D 243 15.73 -61.90 11.18
C SER D 243 17.24 -61.72 11.10
N ILE D 244 17.71 -60.47 11.11
CA ILE D 244 19.16 -60.25 11.11
C ILE D 244 19.79 -60.78 12.38
N THR D 245 19.16 -60.52 13.53
CA THR D 245 19.78 -60.86 14.81
C THR D 245 19.41 -62.25 15.33
N ALA D 246 18.53 -62.97 14.64
CA ALA D 246 18.13 -64.28 15.14
C ALA D 246 19.31 -65.22 15.29
N SER D 247 20.36 -65.02 14.50
CA SER D 247 21.55 -65.86 14.64
C SER D 247 22.18 -65.68 16.02
N LEU D 248 22.40 -64.44 16.44
CA LEU D 248 22.94 -64.20 17.76
C LEU D 248 21.98 -64.66 18.83
N ARG D 249 20.69 -64.40 18.65
CA ARG D 249 19.73 -64.59 19.72
C ARG D 249 19.14 -65.99 19.77
N PHE D 250 19.60 -66.91 18.93
CA PHE D 250 19.00 -68.23 18.92
C PHE D 250 19.98 -69.27 18.41
N ASP D 251 19.63 -70.53 18.64
CA ASP D 251 20.43 -71.66 18.21
C ASP D 251 20.05 -72.04 16.79
N GLY D 252 21.03 -72.07 15.89
CA GLY D 252 20.76 -72.33 14.49
C GLY D 252 21.77 -73.31 13.91
N ALA D 253 21.32 -74.03 12.88
CA ALA D 253 22.17 -75.02 12.25
C ALA D 253 23.33 -74.42 11.50
N LEU D 254 23.25 -73.14 11.15
CA LEU D 254 24.39 -72.44 10.57
C LEU D 254 24.25 -70.97 10.95
N ASN D 255 24.93 -70.60 12.04
CA ASN D 255 24.81 -69.26 12.58
C ASN D 255 25.79 -68.31 11.91
N VAL D 256 25.61 -67.02 12.18
CA VAL D 256 26.41 -65.98 11.54
C VAL D 256 26.36 -64.73 12.41
N ASP D 257 27.53 -64.12 12.61
CA ASP D 257 27.67 -62.92 13.41
C ASP D 257 27.92 -61.71 12.53
N LEU D 258 27.71 -60.53 13.10
CA LEU D 258 27.69 -59.31 12.31
C LEU D 258 29.02 -59.06 11.62
N THR D 259 30.12 -59.49 12.24
CA THR D 259 31.40 -59.41 11.55
C THR D 259 31.39 -60.21 10.27
N GLU D 260 30.73 -61.36 10.23
CA GLU D 260 30.60 -62.08 8.95
C GLU D 260 29.79 -61.28 7.94
N PHE D 261 28.76 -60.53 8.43
CA PHE D 261 28.05 -59.65 7.51
C PHE D 261 28.98 -58.66 6.86
N GLN D 262 29.74 -57.92 7.67
CA GLN D 262 30.60 -56.90 7.07
C GLN D 262 31.69 -57.50 6.22
N THR D 263 32.14 -58.72 6.56
CA THR D 263 33.16 -59.36 5.74
C THR D 263 32.60 -59.81 4.40
N ASN D 264 31.40 -60.38 4.40
CA ASN D 264 30.84 -60.95 3.19
C ASN D 264 30.28 -59.91 2.23
N LEU D 265 29.52 -58.95 2.73
CA LEU D 265 28.77 -58.06 1.86
C LEU D 265 29.50 -56.79 1.49
N VAL D 266 30.75 -56.62 1.91
CA VAL D 266 31.45 -55.37 1.65
C VAL D 266 32.74 -55.65 0.88
N PRO D 267 32.70 -55.65 -0.45
CA PRO D 267 33.92 -55.94 -1.20
C PRO D 267 34.98 -54.85 -1.06
N TYR D 268 34.57 -53.59 -1.03
CA TYR D 268 35.50 -52.48 -0.98
C TYR D 268 35.16 -51.56 0.18
N PRO D 269 36.11 -50.75 0.64
CA PRO D 269 35.83 -49.92 1.82
C PRO D 269 34.63 -49.01 1.65
N ARG D 270 34.39 -48.48 0.46
CA ARG D 270 33.34 -47.48 0.31
C ARG D 270 31.99 -48.09 -0.05
N ILE D 271 31.97 -49.12 -0.88
CA ILE D 271 30.72 -49.65 -1.42
C ILE D 271 30.16 -50.60 -0.36
N HIS D 272 29.38 -50.05 0.56
CA HIS D 272 28.82 -50.83 1.65
C HIS D 272 27.37 -50.44 1.89
N PHE D 273 26.57 -50.39 0.84
CA PHE D 273 25.16 -50.01 0.93
C PHE D 273 24.27 -51.12 0.41
N PRO D 274 24.09 -52.19 1.18
CA PRO D 274 23.18 -53.25 0.77
C PRO D 274 21.74 -52.93 1.12
N LEU D 275 20.84 -53.31 0.23
CA LEU D 275 19.42 -53.08 0.43
C LEU D 275 18.76 -54.32 1.01
N ALA D 276 17.69 -54.10 1.76
CA ALA D 276 17.04 -55.19 2.46
C ALA D 276 15.94 -55.82 1.61
N THR D 277 15.49 -57.00 2.04
CA THR D 277 14.33 -57.67 1.44
C THR D 277 13.89 -58.76 2.39
N TYR D 278 12.58 -59.02 2.44
CA TYR D 278 12.03 -60.02 3.34
C TYR D 278 10.98 -60.84 2.62
N ALA D 279 10.82 -62.09 3.04
CA ALA D 279 9.78 -62.96 2.51
C ALA D 279 9.54 -64.08 3.49
N PRO D 280 8.34 -64.69 3.50
CA PRO D 280 7.15 -64.34 2.73
C PRO D 280 6.34 -63.25 3.41
N VAL D 281 5.61 -62.47 2.62
CA VAL D 281 4.74 -61.42 3.13
C VAL D 281 3.37 -61.66 2.50
N ILE D 282 2.52 -62.40 3.20
CA ILE D 282 1.20 -62.76 2.68
C ILE D 282 0.17 -62.57 3.77
N SER D 283 -1.02 -62.14 3.37
CA SER D 283 -2.09 -61.87 4.31
C SER D 283 -2.62 -63.18 4.91
N ALA D 284 -3.39 -63.04 5.99
CA ALA D 284 -3.91 -64.21 6.68
C ALA D 284 -4.86 -65.00 5.79
N GLU D 285 -5.69 -64.32 4.99
CA GLU D 285 -6.62 -65.03 4.12
C GLU D 285 -5.90 -65.79 3.02
N LYS D 286 -4.79 -65.26 2.53
CA LYS D 286 -4.00 -65.93 1.50
C LYS D 286 -2.93 -66.82 2.10
N ALA D 287 -2.97 -67.05 3.41
CA ALA D 287 -1.99 -67.93 4.04
C ALA D 287 -2.07 -69.33 3.47
N TYR D 288 -3.29 -69.83 3.27
CA TYR D 288 -3.48 -71.11 2.61
C TYR D 288 -3.29 -70.89 1.11
N HIS D 289 -3.72 -71.85 0.30
CA HIS D 289 -3.63 -71.75 -1.15
C HIS D 289 -2.19 -71.68 -1.64
N GLU D 290 -1.22 -71.94 -0.76
CA GLU D 290 0.17 -72.03 -1.14
C GLU D 290 0.95 -72.66 0.01
N GLN D 291 1.80 -73.63 -0.32
CA GLN D 291 2.55 -74.36 0.69
C GLN D 291 3.82 -73.66 1.13
N LEU D 292 4.21 -72.58 0.47
CA LEU D 292 5.36 -71.77 0.86
C LEU D 292 6.66 -72.58 0.82
N SER D 293 7.00 -73.05 -0.38
CA SER D 293 8.26 -73.75 -0.56
C SER D 293 9.43 -72.82 -0.28
N VAL D 294 10.51 -73.40 0.24
CA VAL D 294 11.70 -72.60 0.47
C VAL D 294 12.27 -72.12 -0.86
N ALA D 295 12.17 -72.94 -1.91
CA ALA D 295 12.53 -72.47 -3.23
C ALA D 295 11.59 -71.37 -3.69
N GLU D 296 10.29 -71.52 -3.37
CA GLU D 296 9.32 -70.48 -3.70
C GLU D 296 9.68 -69.17 -3.00
N ILE D 297 9.97 -69.22 -1.70
CA ILE D 297 10.25 -67.99 -0.99
C ILE D 297 11.58 -67.41 -1.43
N THR D 298 12.53 -68.25 -1.84
CA THR D 298 13.76 -67.71 -2.42
C THR D 298 13.46 -66.93 -3.69
N ASN D 299 12.63 -67.50 -4.56
CA ASN D 299 12.24 -66.80 -5.77
C ASN D 299 11.52 -65.50 -5.43
N ALA D 300 10.68 -65.52 -4.41
CA ALA D 300 10.00 -64.31 -3.96
C ALA D 300 11.02 -63.26 -3.54
N CYS D 301 12.05 -63.67 -2.81
CA CYS D 301 13.09 -62.74 -2.40
C CYS D 301 13.79 -62.13 -3.59
N PHE D 302 14.03 -62.92 -4.63
CA PHE D 302 14.71 -62.35 -5.80
C PHE D 302 13.77 -61.66 -6.77
N GLU D 303 12.47 -61.65 -6.51
CA GLU D 303 11.54 -60.99 -7.41
C GLU D 303 11.73 -59.48 -7.33
N PRO D 304 11.89 -58.79 -8.46
CA PRO D 304 12.16 -57.35 -8.42
C PRO D 304 11.06 -56.53 -7.79
N ALA D 305 9.85 -57.08 -7.69
CA ALA D 305 8.74 -56.38 -7.07
C ALA D 305 8.70 -56.54 -5.57
N ASN D 306 9.55 -57.38 -4.99
CA ASN D 306 9.54 -57.61 -3.56
C ASN D 306 10.66 -56.90 -2.82
N GLN D 307 11.57 -56.24 -3.54
CA GLN D 307 12.63 -55.54 -2.84
C GLN D 307 12.09 -54.29 -2.16
N MET D 308 12.75 -53.89 -1.07
CA MET D 308 12.28 -52.79 -0.24
C MET D 308 13.02 -51.49 -0.56
N VAL D 309 13.56 -51.38 -1.76
CA VAL D 309 14.13 -50.13 -2.25
C VAL D 309 13.69 -49.97 -3.69
N LYS D 310 13.19 -48.78 -4.04
CA LYS D 310 12.63 -48.58 -5.36
C LYS D 310 13.76 -48.53 -6.38
N CYS D 311 14.34 -49.70 -6.66
CA CYS D 311 15.38 -49.83 -7.67
C CYS D 311 15.22 -51.18 -8.33
N ASP D 312 15.17 -51.20 -9.66
CA ASP D 312 15.06 -52.47 -10.35
C ASP D 312 16.41 -53.17 -10.33
N PRO D 313 16.52 -54.35 -9.72
CA PRO D 313 17.81 -55.04 -9.70
C PRO D 313 18.31 -55.39 -11.09
N ARG D 314 17.40 -55.55 -12.05
CA ARG D 314 17.80 -55.90 -13.40
C ARG D 314 18.67 -54.84 -14.06
N HIS D 315 18.64 -53.60 -13.58
CA HIS D 315 19.50 -52.57 -14.13
C HIS D 315 20.90 -52.62 -13.58
N GLY D 316 21.17 -53.47 -12.61
CA GLY D 316 22.50 -53.62 -12.06
C GLY D 316 22.86 -55.08 -11.85
N LYS D 317 23.92 -55.34 -11.09
CA LYS D 317 24.37 -56.69 -10.84
C LYS D 317 24.54 -56.89 -9.33
N TYR D 318 24.08 -58.04 -8.84
CA TYR D 318 24.25 -58.38 -7.43
C TYR D 318 25.71 -58.68 -7.16
N MET D 319 26.41 -57.73 -6.53
CA MET D 319 27.80 -58.00 -6.15
C MET D 319 27.88 -59.00 -5.01
N ALA D 320 26.88 -59.03 -4.13
CA ALA D 320 26.87 -60.03 -3.07
C ALA D 320 25.46 -60.16 -2.52
N CYS D 321 25.17 -61.33 -1.96
CA CYS D 321 23.88 -61.58 -1.36
C CYS D 321 24.09 -62.36 -0.07
N CYS D 322 23.19 -62.14 0.89
CA CYS D 322 23.24 -62.88 2.14
C CYS D 322 21.81 -63.23 2.53
N LEU D 323 21.47 -64.51 2.51
CA LEU D 323 20.12 -64.97 2.78
C LEU D 323 20.11 -65.66 4.13
N LEU D 324 19.27 -65.16 5.04
CA LEU D 324 19.16 -65.70 6.38
C LEU D 324 17.78 -66.33 6.51
N TYR D 325 17.74 -67.65 6.64
CA TYR D 325 16.50 -68.40 6.75
C TYR D 325 16.24 -68.73 8.21
N ARG D 326 14.98 -68.97 8.52
CA ARG D 326 14.62 -69.35 9.88
C ARG D 326 13.34 -70.16 9.83
N GLY D 327 13.21 -71.07 10.79
CA GLY D 327 12.12 -72.01 10.83
C GLY D 327 12.54 -73.39 10.38
N ASP D 328 11.55 -74.18 9.99
CA ASP D 328 11.77 -75.55 9.54
C ASP D 328 12.38 -75.51 8.14
N VAL D 329 13.70 -75.38 8.11
CA VAL D 329 14.44 -75.31 6.86
C VAL D 329 15.43 -76.46 6.82
N VAL D 330 15.71 -76.96 5.62
CA VAL D 330 16.63 -78.07 5.41
C VAL D 330 17.67 -77.61 4.41
N PRO D 331 18.97 -77.78 4.69
CA PRO D 331 20.00 -77.16 3.86
C PRO D 331 20.00 -77.60 2.41
N LYS D 332 19.64 -78.86 2.13
CA LYS D 332 19.68 -79.34 0.76
C LYS D 332 18.75 -78.51 -0.12
N ASP D 333 17.56 -78.20 0.38
CA ASP D 333 16.62 -77.41 -0.40
C ASP D 333 17.19 -76.02 -0.67
N VAL D 334 17.85 -75.42 0.32
CA VAL D 334 18.46 -74.13 0.13
C VAL D 334 19.52 -74.21 -0.96
N ASN D 335 20.34 -75.25 -0.92
CA ASN D 335 21.37 -75.42 -1.94
C ASN D 335 20.75 -75.55 -3.32
N ALA D 336 19.69 -76.34 -3.43
CA ALA D 336 19.05 -76.52 -4.73
C ALA D 336 18.46 -75.21 -5.23
N ALA D 337 17.77 -74.48 -4.37
CA ALA D 337 17.16 -73.24 -4.78
C ALA D 337 18.20 -72.22 -5.22
N ILE D 338 19.30 -72.11 -4.48
CA ILE D 338 20.32 -71.16 -4.84
C ILE D 338 21.01 -71.58 -6.13
N ALA D 339 21.19 -72.88 -6.34
CA ALA D 339 21.72 -73.33 -7.62
C ALA D 339 20.82 -72.90 -8.77
N THR D 340 19.51 -73.09 -8.61
CA THR D 340 18.57 -72.67 -9.64
C THR D 340 18.67 -71.18 -9.88
N ILE D 341 18.74 -70.39 -8.81
CA ILE D 341 18.86 -68.94 -8.96
C ILE D 341 20.12 -68.59 -9.73
N LYS D 342 21.22 -69.27 -9.44
CA LYS D 342 22.45 -69.02 -10.18
C LYS D 342 22.32 -69.41 -11.64
N THR D 343 21.46 -70.37 -11.95
CA THR D 343 21.33 -70.80 -13.33
C THR D 343 20.71 -69.73 -14.22
N LYS D 344 19.75 -68.97 -13.70
CA LYS D 344 19.01 -68.04 -14.54
C LYS D 344 19.88 -66.84 -14.94
N ARG D 345 19.52 -66.26 -16.09
CA ARG D 345 20.32 -65.22 -16.72
C ARG D 345 19.95 -63.82 -16.23
N SER D 346 18.67 -63.58 -15.93
CA SER D 346 18.25 -62.26 -15.48
C SER D 346 18.84 -61.87 -14.14
N ILE D 347 19.42 -62.81 -13.41
CA ILE D 347 20.12 -62.55 -12.17
C ILE D 347 21.59 -62.76 -12.46
N GLN D 348 22.28 -61.69 -12.85
CA GLN D 348 23.64 -61.79 -13.36
C GLN D 348 24.58 -61.09 -12.39
N PHE D 349 25.37 -61.87 -11.67
CA PHE D 349 26.36 -61.31 -10.78
C PHE D 349 27.52 -60.74 -11.58
N VAL D 350 28.44 -60.08 -10.88
CA VAL D 350 29.67 -59.63 -11.52
C VAL D 350 30.53 -60.83 -11.87
N ASP D 351 31.31 -60.71 -12.94
CA ASP D 351 32.20 -61.78 -13.35
C ASP D 351 33.23 -62.09 -12.27
N TRP D 352 33.75 -61.06 -11.59
CA TRP D 352 34.88 -61.25 -10.71
C TRP D 352 34.50 -61.83 -9.35
N CYS D 353 33.21 -61.98 -9.06
CA CYS D 353 32.78 -62.64 -7.83
C CYS D 353 31.99 -63.88 -8.21
N PRO D 354 32.62 -65.05 -8.32
CA PRO D 354 31.89 -66.26 -8.71
C PRO D 354 31.06 -66.86 -7.60
N THR D 355 31.35 -66.52 -6.35
CA THR D 355 30.63 -67.04 -5.20
C THR D 355 29.86 -65.87 -4.58
N GLY D 356 28.58 -65.78 -4.90
CA GLY D 356 27.81 -64.63 -4.49
C GLY D 356 26.76 -64.89 -3.43
N PHE D 357 27.08 -65.69 -2.42
CA PHE D 357 26.08 -66.01 -1.40
C PHE D 357 26.73 -66.27 -0.06
N LYS D 358 26.07 -65.80 1.00
CA LYS D 358 26.26 -66.33 2.34
C LYS D 358 24.93 -66.82 2.86
N VAL D 359 24.92 -68.02 3.42
CA VAL D 359 23.68 -68.65 3.84
C VAL D 359 23.72 -68.82 5.35
N GLY D 360 22.58 -68.54 5.98
CA GLY D 360 22.46 -68.76 7.40
C GLY D 360 21.11 -69.37 7.71
N ILE D 361 21.07 -70.33 8.61
CA ILE D 361 19.85 -71.01 8.97
C ILE D 361 19.65 -70.92 10.48
N ASN D 362 18.44 -70.61 10.89
CA ASN D 362 18.08 -70.56 12.30
C ASN D 362 16.95 -71.55 12.54
N TYR D 363 16.87 -72.04 13.77
CA TYR D 363 15.84 -73.00 14.11
C TYR D 363 14.55 -72.35 14.57
N GLN D 364 14.60 -71.09 15.01
CA GLN D 364 13.40 -70.46 15.52
C GLN D 364 12.58 -69.83 14.40
N PRO D 365 11.31 -70.17 14.27
CA PRO D 365 10.47 -69.53 13.26
C PRO D 365 10.17 -68.09 13.64
N PRO D 366 9.80 -67.24 12.68
CA PRO D 366 9.36 -65.90 13.02
C PRO D 366 8.04 -65.96 13.80
N THR D 367 7.89 -65.05 14.75
CA THR D 367 6.69 -64.98 15.56
C THR D 367 5.86 -63.79 15.12
N VAL D 368 4.55 -63.99 14.99
CA VAL D 368 3.64 -62.95 14.54
C VAL D 368 3.16 -62.16 15.75
N VAL D 369 3.23 -60.84 15.65
CA VAL D 369 2.79 -59.94 16.71
C VAL D 369 1.27 -59.86 16.71
N PRO D 370 0.62 -60.14 17.84
CA PRO D 370 -0.84 -60.05 17.89
C PRO D 370 -1.31 -58.64 17.53
N GLY D 371 -2.43 -58.57 16.83
CA GLY D 371 -2.86 -57.31 16.25
C GLY D 371 -2.09 -56.91 15.02
N GLY D 372 -1.25 -57.80 14.48
CA GLY D 372 -0.45 -57.50 13.32
C GLY D 372 -1.21 -57.73 12.04
N ASP D 373 -0.46 -57.84 10.94
CA ASP D 373 -1.06 -57.90 9.61
C ASP D 373 -0.64 -59.16 8.86
N LEU D 374 0.52 -59.70 9.20
CA LEU D 374 1.01 -60.89 8.53
C LEU D 374 0.38 -62.15 9.13
N ALA D 375 0.73 -63.29 8.56
CA ALA D 375 0.18 -64.57 8.97
C ALA D 375 1.27 -65.46 9.53
N LYS D 376 0.88 -66.35 10.44
CA LYS D 376 1.80 -67.27 11.07
C LYS D 376 2.43 -68.20 10.02
N VAL D 377 3.72 -68.02 9.77
CA VAL D 377 4.43 -68.85 8.81
C VAL D 377 5.42 -69.72 9.56
N GLN D 378 5.85 -70.80 8.90
CA GLN D 378 6.83 -71.70 9.48
C GLN D 378 8.23 -71.46 8.96
N ARG D 379 8.38 -70.85 7.79
CA ARG D 379 9.68 -70.52 7.24
C ARG D 379 9.72 -69.06 6.83
N ALA D 380 10.88 -68.45 7.00
CA ALA D 380 11.05 -67.06 6.61
C ALA D 380 12.48 -66.86 6.15
N VAL D 381 12.69 -65.84 5.33
CA VAL D 381 13.99 -65.57 4.76
C VAL D 381 14.15 -64.07 4.58
N CYS D 382 15.24 -63.54 5.11
CA CYS D 382 15.60 -62.14 4.92
C CYS D 382 16.86 -62.08 4.05
N MET D 383 16.79 -61.33 2.96
CA MET D 383 17.91 -61.17 2.05
C MET D 383 18.50 -59.78 2.23
N LEU D 384 19.79 -59.72 2.48
CA LEU D 384 20.53 -58.47 2.44
C LEU D 384 21.42 -58.53 1.20
N SER D 385 21.15 -57.68 0.23
CA SER D 385 21.80 -57.80 -1.07
C SER D 385 22.52 -56.50 -1.41
N ASN D 386 23.80 -56.60 -1.73
CA ASN D 386 24.59 -55.48 -2.18
C ASN D 386 24.72 -55.58 -3.69
N THR D 387 24.09 -54.65 -4.40
CA THR D 387 24.04 -54.63 -5.85
C THR D 387 24.64 -53.34 -6.41
N THR D 388 24.51 -53.17 -7.72
CA THR D 388 24.98 -51.97 -8.38
C THR D 388 23.84 -51.07 -8.83
N ALA D 389 22.60 -51.57 -8.84
CA ALA D 389 21.47 -50.74 -9.24
C ALA D 389 21.35 -49.52 -8.34
N ILE D 390 21.65 -49.68 -7.05
CA ILE D 390 21.52 -48.57 -6.09
C ILE D 390 22.31 -47.37 -6.56
N ALA D 391 23.35 -47.58 -7.36
CA ALA D 391 24.15 -46.48 -7.86
C ALA D 391 23.30 -45.45 -8.58
N GLU D 392 22.41 -45.93 -9.46
CA GLU D 392 21.53 -45.02 -10.18
C GLU D 392 20.76 -44.12 -9.21
N ALA D 393 20.34 -44.68 -8.08
CA ALA D 393 19.60 -43.90 -7.10
C ALA D 393 20.40 -42.69 -6.65
N TRP D 394 21.69 -42.90 -6.37
CA TRP D 394 22.55 -41.78 -6.01
C TRP D 394 22.48 -40.70 -7.06
N ALA D 395 22.55 -41.09 -8.33
CA ALA D 395 22.46 -40.13 -9.42
C ALA D 395 21.24 -39.23 -9.23
N ARG D 396 20.08 -39.84 -8.97
CA ARG D 396 18.87 -39.05 -8.77
C ARG D 396 19.09 -38.00 -7.69
N LEU D 397 19.56 -38.44 -6.52
CA LEU D 397 19.81 -37.48 -5.45
C LEU D 397 20.79 -36.43 -5.93
N ASP D 398 21.88 -36.87 -6.55
CA ASP D 398 22.86 -35.93 -7.08
C ASP D 398 22.15 -34.91 -7.94
N HIS D 399 21.33 -35.39 -8.88
CA HIS D 399 20.62 -34.50 -9.76
C HIS D 399 19.85 -33.47 -8.97
N LYS D 400 19.03 -33.95 -8.01
CA LYS D 400 18.24 -33.02 -7.20
C LYS D 400 19.15 -31.99 -6.58
N PHE D 401 20.21 -32.45 -5.94
CA PHE D 401 21.14 -31.55 -5.27
C PHE D 401 21.57 -30.45 -6.23
N ASP D 402 22.01 -30.86 -7.43
CA ASP D 402 22.52 -29.89 -8.39
C ASP D 402 21.52 -28.77 -8.61
N LEU D 403 20.26 -29.14 -8.88
CA LEU D 403 19.25 -28.11 -9.11
C LEU D 403 19.12 -27.22 -7.88
N MET D 404 18.92 -27.83 -6.72
CA MET D 404 18.72 -27.03 -5.54
C MET D 404 19.97 -26.28 -5.14
N TYR D 405 21.12 -26.62 -5.73
CA TYR D 405 22.31 -25.84 -5.49
C TYR D 405 22.59 -24.84 -6.60
N ALA D 406 22.05 -25.07 -7.80
CA ALA D 406 22.28 -24.13 -8.89
C ALA D 406 21.69 -22.76 -8.59
N LYS D 407 20.63 -22.70 -7.79
CA LYS D 407 20.05 -21.44 -7.37
C LYS D 407 20.45 -21.05 -5.97
N ARG D 408 21.32 -21.82 -5.31
CA ARG D 408 21.70 -21.58 -3.92
C ARG D 408 20.48 -21.54 -3.01
N ALA D 409 19.47 -22.33 -3.32
CA ALA D 409 18.26 -22.34 -2.51
C ALA D 409 18.54 -22.88 -1.12
N PHE D 410 17.87 -22.30 -0.13
CA PHE D 410 17.92 -22.77 1.25
C PHE D 410 19.32 -22.71 1.85
N VAL D 411 20.28 -22.18 1.09
CA VAL D 411 21.66 -22.20 1.53
C VAL D 411 21.84 -21.36 2.78
N HIS D 412 21.05 -20.29 2.93
CA HIS D 412 21.29 -19.34 4.01
C HIS D 412 21.12 -19.98 5.38
N TRP D 413 20.17 -20.89 5.55
CA TRP D 413 20.02 -21.56 6.84
C TRP D 413 21.29 -22.29 7.22
N TYR D 414 21.81 -23.14 6.32
CA TYR D 414 23.02 -23.89 6.63
C TYR D 414 24.21 -22.97 6.83
N VAL D 415 24.34 -21.94 6.00
CA VAL D 415 25.46 -21.02 6.14
C VAL D 415 25.44 -20.36 7.51
N GLY D 416 24.27 -19.86 7.92
CA GLY D 416 24.17 -19.18 9.18
C GLY D 416 24.12 -20.10 10.39
N GLU D 417 24.15 -21.41 10.17
CA GLU D 417 24.09 -22.36 11.29
C GLU D 417 25.39 -23.13 11.50
N GLY D 418 26.51 -22.63 11.00
CA GLY D 418 27.79 -23.25 11.28
C GLY D 418 28.32 -24.13 10.18
N MET D 419 28.23 -23.68 8.92
CA MET D 419 28.73 -24.45 7.80
C MET D 419 29.06 -23.49 6.66
N GLU D 420 29.84 -23.98 5.71
CA GLU D 420 30.33 -23.19 4.59
C GLU D 420 29.97 -23.84 3.26
N GLU D 421 29.93 -23.03 2.21
CA GLU D 421 29.59 -23.51 0.88
C GLU D 421 30.63 -24.50 0.36
N GLY D 422 31.91 -24.25 0.66
CA GLY D 422 32.94 -25.18 0.23
C GLY D 422 32.67 -26.59 0.71
N GLU D 423 32.03 -26.72 1.88
CA GLU D 423 31.63 -28.04 2.35
C GLU D 423 30.61 -28.67 1.42
N PHE D 424 29.64 -27.88 0.94
CA PHE D 424 28.67 -28.41 -0.01
C PHE D 424 29.36 -28.86 -1.28
N SER D 425 30.29 -28.05 -1.79
CA SER D 425 31.01 -28.43 -3.00
C SER D 425 31.80 -29.71 -2.79
N GLU D 426 32.45 -29.83 -1.63
CA GLU D 426 33.23 -31.03 -1.33
C GLU D 426 32.36 -32.26 -1.24
N ALA D 427 31.18 -32.14 -0.60
CA ALA D 427 30.28 -33.28 -0.51
C ALA D 427 29.79 -33.69 -1.89
N ARG D 428 29.53 -32.71 -2.75
CA ARG D 428 29.15 -33.03 -4.12
C ARG D 428 30.27 -33.78 -4.84
N GLU D 429 31.52 -33.33 -4.66
CA GLU D 429 32.65 -34.04 -5.24
C GLU D 429 32.71 -35.47 -4.72
N ASP D 430 32.48 -35.66 -3.42
CA ASP D 430 32.54 -36.99 -2.84
C ASP D 430 31.46 -37.89 -3.41
N MET D 431 30.24 -37.37 -3.56
CA MET D 431 29.17 -38.17 -4.15
C MET D 431 29.47 -38.53 -5.60
N ALA D 432 30.03 -37.58 -6.35
CA ALA D 432 30.46 -37.88 -7.72
C ALA D 432 31.50 -38.98 -7.73
N ALA D 433 32.44 -38.93 -6.79
CA ALA D 433 33.45 -39.97 -6.70
C ALA D 433 32.85 -41.33 -6.41
N LEU D 434 31.87 -41.37 -5.50
CA LEU D 434 31.22 -42.65 -5.20
C LEU D 434 30.49 -43.20 -6.41
N GLU D 435 29.77 -42.33 -7.14
CA GLU D 435 29.10 -42.79 -8.35
C GLU D 435 30.12 -43.30 -9.36
N LYS D 436 31.25 -42.61 -9.48
CA LYS D 436 32.30 -43.07 -10.37
C LYS D 436 32.80 -44.45 -9.97
N ASP D 437 32.99 -44.68 -8.67
CA ASP D 437 33.45 -45.97 -8.21
C ASP D 437 32.45 -47.07 -8.52
N TYR D 438 31.16 -46.78 -8.31
CA TYR D 438 30.13 -47.77 -8.65
C TYR D 438 30.17 -48.11 -10.13
N GLU D 439 30.28 -47.09 -10.98
CA GLU D 439 30.33 -47.34 -12.42
C GLU D 439 31.57 -48.15 -12.78
N GLU D 440 32.72 -47.81 -12.20
CA GLU D 440 33.96 -48.51 -12.51
C GLU D 440 33.88 -49.97 -12.10
N VAL D 441 33.31 -50.25 -10.93
CA VAL D 441 33.18 -51.64 -10.50
C VAL D 441 32.19 -52.39 -11.39
N GLY D 442 31.14 -51.71 -11.85
CA GLY D 442 30.14 -52.38 -12.67
C GLY D 442 30.67 -52.97 -13.96
N VAL D 443 31.80 -52.48 -14.46
CA VAL D 443 32.34 -52.95 -15.74
C VAL D 443 32.98 -54.32 -15.56
N ASP D 444 33.30 -54.96 -16.66
CA ASP D 444 33.93 -56.28 -16.66
C ASP D 444 35.44 -56.17 -16.81
N SER D 445 36.12 -57.25 -16.47
CA SER D 445 37.58 -57.29 -16.53
C SER D 445 38.04 -57.89 -17.84
N VAL D 446 39.26 -57.52 -18.24
CA VAL D 446 39.86 -58.04 -19.46
C VAL D 446 40.84 -59.14 -19.10
N GLU D 447 41.16 -59.96 -20.10
CA GLU D 447 42.10 -61.09 -19.95
C GLU D 447 41.62 -62.07 -18.89
N LEU E 140 53.21 -49.41 -20.61
CA LEU E 140 53.79 -48.11 -20.13
C LEU E 140 54.17 -48.11 -18.65
N VAL E 141 53.53 -49.00 -17.87
CA VAL E 141 53.78 -49.12 -16.42
C VAL E 141 55.26 -49.45 -16.11
N ALA E 142 55.83 -50.35 -16.91
CA ALA E 142 57.20 -50.83 -16.70
C ALA E 142 58.25 -49.77 -17.02
N LEU E 143 57.95 -48.91 -18.01
CA LEU E 143 58.88 -47.88 -18.49
C LEU E 143 58.55 -46.48 -17.97
N ARG E 144 57.60 -46.39 -17.03
CA ARG E 144 57.32 -45.16 -16.30
C ARG E 144 58.34 -45.10 -15.17
N PRO E 145 59.30 -44.14 -15.18
CA PRO E 145 60.36 -44.10 -14.17
C PRO E 145 59.81 -44.09 -12.74
N THR E 146 60.43 -44.86 -11.86
CA THR E 146 60.02 -44.96 -10.47
C THR E 146 60.32 -43.69 -9.68
N ASN E 147 61.22 -42.85 -10.21
CA ASN E 147 61.61 -41.58 -9.58
C ASN E 147 61.25 -40.35 -10.42
N MET E 148 60.18 -40.45 -11.22
CA MET E 148 59.82 -39.42 -12.19
C MET E 148 59.53 -38.06 -11.54
N ASP E 149 58.86 -38.08 -10.38
CA ASP E 149 58.49 -36.87 -9.65
C ASP E 149 59.71 -36.14 -9.09
N ARG E 150 60.59 -36.88 -8.40
CA ARG E 150 61.81 -36.31 -7.82
C ARG E 150 62.74 -35.72 -8.88
N GLU E 151 62.73 -36.32 -10.08
CA GLU E 151 63.55 -35.84 -11.20
C GLU E 151 62.89 -34.67 -11.93
N ARG E 152 61.56 -34.61 -11.90
CA ARG E 152 60.80 -33.49 -12.46
C ARG E 152 61.01 -32.22 -11.66
N ASP E 153 60.87 -32.31 -10.34
CA ASP E 153 61.14 -31.20 -9.43
C ASP E 153 62.57 -30.70 -9.60
N LYS E 154 63.53 -31.63 -9.68
CA LYS E 154 64.93 -31.31 -9.95
C LYS E 154 65.09 -30.52 -11.25
N PHE E 155 64.45 -31.01 -12.33
CA PHE E 155 64.51 -30.42 -13.66
C PHE E 155 63.96 -29.00 -13.68
N PHE E 156 62.74 -28.84 -13.15
CA PHE E 156 62.05 -27.56 -13.08
C PHE E 156 62.82 -26.56 -12.22
N GLN E 157 63.22 -26.99 -11.02
CA GLN E 157 63.94 -26.16 -10.05
C GLN E 157 65.32 -25.68 -10.51
N SER E 158 65.91 -26.41 -11.48
CA SER E 158 67.18 -26.02 -12.10
C SER E 158 66.97 -25.13 -13.34
N HIS E 159 65.71 -24.75 -13.59
CA HIS E 159 65.30 -23.98 -14.76
C HIS E 159 65.67 -24.72 -16.05
N TYR E 160 65.33 -26.01 -16.09
CA TYR E 160 65.40 -26.87 -17.27
C TYR E 160 66.81 -27.17 -17.80
N THR E 161 67.82 -27.01 -16.94
CA THR E 161 69.22 -27.27 -17.30
C THR E 161 69.72 -28.66 -16.87
N TYR E 162 69.09 -29.21 -15.82
CA TYR E 162 69.40 -30.54 -15.29
C TYR E 162 68.97 -31.63 -16.27
N ASN E 163 69.76 -32.70 -16.34
CA ASN E 163 69.42 -33.90 -17.11
C ASN E 163 68.89 -34.97 -16.16
N PRO E 164 67.59 -35.34 -16.25
CA PRO E 164 67.02 -36.38 -15.40
C PRO E 164 67.82 -37.69 -15.42
N GLN E 165 68.09 -38.23 -14.23
CA GLN E 165 68.69 -39.55 -14.04
C GLN E 165 67.60 -40.49 -13.55
N PHE E 166 66.86 -41.07 -14.50
CA PHE E 166 65.72 -41.95 -14.22
C PHE E 166 66.15 -43.33 -13.74
N GLU E 167 65.30 -43.95 -12.90
CA GLU E 167 65.44 -45.35 -12.52
C GLU E 167 64.10 -46.04 -12.69
N TYR E 168 64.15 -47.37 -12.86
CA TYR E 168 62.99 -48.18 -13.24
C TYR E 168 62.87 -49.42 -12.37
N GLN E 169 61.67 -50.03 -12.40
CA GLN E 169 61.39 -51.27 -11.69
C GLN E 169 62.12 -52.41 -12.39
N GLU E 170 63.00 -53.10 -11.65
CA GLU E 170 63.84 -54.16 -12.20
C GLU E 170 63.04 -55.44 -12.42
N PRO E 171 63.31 -56.24 -13.46
CA PRO E 171 64.32 -55.89 -14.48
C PRO E 171 63.70 -55.05 -15.57
N MET E 172 64.53 -54.36 -16.35
CA MET E 172 64.07 -53.58 -17.48
C MET E 172 63.73 -54.55 -18.62
N PRO E 173 62.66 -54.29 -19.39
CA PRO E 173 62.32 -55.12 -20.56
C PRO E 173 63.30 -54.89 -21.72
N THR E 174 64.50 -55.47 -21.56
CA THR E 174 65.63 -55.28 -22.48
C THR E 174 65.25 -55.50 -23.93
N ALA E 175 64.51 -56.58 -24.22
CA ALA E 175 64.07 -56.94 -25.56
C ALA E 175 63.27 -55.82 -26.23
N VAL E 176 62.33 -55.21 -25.47
CA VAL E 176 61.44 -54.17 -25.99
C VAL E 176 62.17 -52.84 -26.16
N LEU E 177 63.09 -52.54 -25.23
CA LEU E 177 63.98 -51.38 -25.33
C LEU E 177 64.82 -51.42 -26.61
N GLU E 178 65.43 -52.58 -26.86
CA GLU E 178 66.26 -52.81 -28.05
C GLU E 178 65.45 -52.74 -29.34
N LYS E 179 64.21 -53.24 -29.30
CA LYS E 179 63.32 -53.22 -30.47
C LYS E 179 62.97 -51.80 -30.90
N TYR E 180 62.87 -50.89 -29.93
CA TYR E 180 62.48 -49.50 -30.17
C TYR E 180 63.59 -48.51 -29.78
N CYS E 181 64.86 -48.90 -30.02
CA CYS E 181 66.02 -48.09 -29.68
C CYS E 181 66.40 -47.10 -30.79
N GLU E 182 65.90 -47.34 -32.00
CA GLU E 182 66.19 -46.51 -33.16
C GLU E 182 64.95 -45.77 -33.65
N ALA E 183 65.09 -44.45 -33.87
CA ALA E 183 64.01 -43.61 -34.40
C ALA E 183 64.05 -43.61 -35.91
N SER E 184 62.87 -43.47 -36.53
CA SER E 184 62.73 -43.33 -37.97
C SER E 184 62.51 -41.85 -38.34
N GLY E 185 62.86 -41.50 -39.57
CA GLY E 185 62.62 -40.19 -40.13
C GLY E 185 61.80 -40.23 -41.41
N GLN E 186 61.16 -41.38 -41.66
CA GLN E 186 60.43 -41.60 -42.90
C GLN E 186 59.32 -40.59 -43.11
N PHE E 187 58.62 -40.24 -42.02
CA PHE E 187 57.48 -39.34 -42.06
C PHE E 187 57.67 -38.05 -41.27
N ILE E 188 58.94 -37.68 -41.03
CA ILE E 188 59.27 -36.50 -40.21
C ILE E 188 58.71 -35.20 -40.79
N HIS E 189 58.70 -35.09 -42.12
CA HIS E 189 58.17 -33.92 -42.82
C HIS E 189 56.65 -33.86 -42.83
N GLN E 190 56.01 -35.01 -42.65
CA GLN E 190 54.56 -35.09 -42.51
C GLN E 190 54.18 -34.61 -41.11
N ALA E 191 54.95 -35.07 -40.12
CA ALA E 191 54.78 -34.66 -38.72
C ALA E 191 54.85 -33.14 -38.60
N VAL E 192 55.96 -32.58 -39.10
CA VAL E 192 56.19 -31.14 -39.09
C VAL E 192 55.13 -30.43 -39.91
N GLY E 193 54.70 -31.04 -41.01
CA GLY E 193 53.60 -30.54 -41.84
C GLY E 193 52.31 -30.34 -41.06
N ILE E 194 51.98 -31.32 -40.21
CA ILE E 194 50.77 -31.29 -39.38
C ILE E 194 50.89 -30.24 -38.28
N ILE E 195 52.04 -30.23 -37.61
CA ILE E 195 52.34 -29.29 -36.53
C ILE E 195 52.23 -27.84 -37.03
N GLU E 196 52.89 -27.54 -38.16
CA GLU E 196 52.87 -26.22 -38.77
C GLU E 196 51.48 -25.82 -39.25
N ALA E 197 50.71 -26.78 -39.78
CA ALA E 197 49.33 -26.54 -40.22
C ALA E 197 48.46 -26.05 -39.06
N VAL E 198 48.66 -26.64 -37.88
CA VAL E 198 47.97 -26.24 -36.67
C VAL E 198 48.36 -24.83 -36.26
N LEU E 199 49.66 -24.59 -36.14
CA LEU E 199 50.20 -23.31 -35.71
C LEU E 199 49.90 -22.15 -36.68
N GLU E 200 49.73 -22.48 -37.97
CA GLU E 200 49.36 -21.52 -38.99
C GLU E 200 47.93 -21.05 -38.81
N LYS E 201 47.05 -21.99 -38.47
CA LYS E 201 45.62 -21.71 -38.32
C LYS E 201 45.25 -21.18 -36.93
N PHE E 202 45.94 -21.65 -35.89
CA PHE E 202 45.61 -21.35 -34.50
C PHE E 202 46.67 -20.57 -33.74
N GLY E 203 47.81 -20.31 -34.39
CA GLY E 203 48.88 -19.52 -33.79
C GLY E 203 49.73 -20.31 -32.82
N THR E 204 49.11 -20.80 -31.74
CA THR E 204 49.74 -21.64 -30.74
C THR E 204 48.95 -22.92 -30.51
N TYR E 205 49.59 -23.90 -29.86
CA TYR E 205 48.91 -25.11 -29.42
C TYR E 205 47.89 -24.76 -28.35
N GLU E 206 48.30 -23.89 -27.42
CA GLU E 206 47.45 -23.45 -26.32
C GLU E 206 46.06 -23.04 -26.81
N HIS E 207 46.01 -22.21 -27.86
CA HIS E 207 44.73 -21.78 -28.45
C HIS E 207 44.03 -22.92 -29.21
N PHE E 208 44.80 -23.74 -29.93
CA PHE E 208 44.27 -24.91 -30.62
C PHE E 208 43.51 -25.81 -29.65
N GLU E 209 44.18 -26.14 -28.54
CA GLU E 209 43.64 -27.00 -27.49
C GLU E 209 42.29 -26.49 -26.97
N ALA E 210 42.26 -25.22 -26.56
CA ALA E 210 41.08 -24.61 -25.96
C ALA E 210 39.95 -24.39 -26.97
N ALA E 211 40.30 -23.98 -28.19
CA ALA E 211 39.33 -23.67 -29.24
C ALA E 211 38.65 -24.92 -29.79
N THR E 212 39.44 -25.98 -30.03
CA THR E 212 38.95 -27.21 -30.65
C THR E 212 38.57 -28.30 -29.63
N GLY E 213 39.28 -28.32 -28.50
CA GLY E 213 39.12 -29.34 -27.48
C GLY E 213 37.87 -29.21 -26.62
N GLY E 214 37.44 -27.97 -26.38
CA GLY E 214 36.31 -27.68 -25.52
C GLY E 214 36.79 -27.47 -24.11
N GLN E 215 35.85 -27.35 -23.18
CA GLN E 215 36.11 -27.17 -21.77
C GLN E 215 36.75 -28.39 -21.11
N LEU E 216 37.56 -28.13 -20.08
CA LEU E 216 38.05 -29.15 -19.18
C LEU E 216 36.85 -29.77 -18.47
N LEU E 217 36.88 -31.11 -18.31
CA LEU E 217 35.75 -31.86 -17.76
C LEU E 217 35.93 -32.20 -16.29
N THR E 218 34.80 -32.18 -15.55
CA THR E 218 34.74 -32.71 -14.19
C THR E 218 34.60 -34.22 -14.29
N LYS E 219 34.81 -34.89 -13.15
CA LYS E 219 34.68 -36.35 -13.05
C LYS E 219 33.30 -36.78 -13.51
N CYS E 220 32.27 -36.09 -13.00
CA CYS E 220 30.87 -36.33 -13.34
C CYS E 220 30.61 -36.32 -14.84
N GLN E 221 31.17 -35.32 -15.53
CA GLN E 221 31.00 -35.15 -16.97
C GLN E 221 31.69 -36.26 -17.76
N ILE E 222 32.87 -36.67 -17.28
CA ILE E 222 33.63 -37.78 -17.87
C ILE E 222 32.82 -39.07 -17.81
N TRP E 223 32.34 -39.43 -16.62
CA TRP E 223 31.51 -40.63 -16.42
C TRP E 223 30.28 -40.62 -17.31
N SER E 224 29.63 -39.46 -17.42
CA SER E 224 28.44 -39.29 -18.23
C SER E 224 28.70 -39.61 -19.70
N ILE E 225 29.79 -39.01 -20.24
CA ILE E 225 30.19 -39.22 -21.63
C ILE E 225 30.58 -40.68 -21.90
N VAL E 226 31.29 -41.29 -20.94
CA VAL E 226 31.72 -42.68 -21.02
C VAL E 226 30.51 -43.61 -21.05
N ARG E 227 29.58 -43.42 -20.11
CA ARG E 227 28.37 -44.24 -20.02
C ARG E 227 27.57 -44.20 -21.31
N LYS E 228 27.39 -42.99 -21.87
CA LYS E 228 26.71 -42.80 -23.13
C LYS E 228 27.40 -43.55 -24.27
N TYR E 229 28.75 -43.52 -24.26
CA TYR E 229 29.54 -44.19 -25.28
C TYR E 229 29.40 -45.71 -25.23
N MET E 230 29.58 -46.30 -24.03
CA MET E 230 29.48 -47.75 -23.84
C MET E 230 28.17 -48.31 -24.36
N GLN E 231 27.07 -47.60 -24.08
CA GLN E 231 25.74 -47.97 -24.53
C GLN E 231 25.62 -47.87 -26.06
N LYS E 232 26.19 -46.81 -26.62
CA LYS E 232 26.22 -46.57 -28.06
C LYS E 232 26.99 -47.68 -28.79
N GLU E 233 28.02 -48.22 -28.14
CA GLU E 233 28.89 -49.25 -28.70
C GLU E 233 28.39 -50.67 -28.41
N GLY E 234 27.39 -50.78 -27.52
CA GLY E 234 26.80 -52.05 -27.14
C GLY E 234 27.67 -52.90 -26.22
N CYS E 235 28.68 -52.26 -25.60
CA CYS E 235 29.58 -52.93 -24.67
C CYS E 235 29.42 -52.37 -23.24
N ALA E 236 28.19 -52.01 -22.89
CA ALA E 236 27.84 -51.55 -21.55
C ALA E 236 28.08 -52.67 -20.55
N GLY E 237 28.78 -52.34 -19.46
CA GLY E 237 29.01 -53.24 -18.35
C GLY E 237 30.16 -54.22 -18.49
N GLU E 238 30.93 -54.10 -19.58
CA GLU E 238 32.03 -55.00 -19.88
C GLU E 238 33.38 -54.51 -19.35
N VAL E 239 33.54 -53.19 -19.29
CA VAL E 239 34.80 -52.55 -18.95
C VAL E 239 34.69 -51.75 -17.66
N VAL E 240 35.65 -51.93 -16.76
CA VAL E 240 35.80 -51.10 -15.58
C VAL E 240 36.45 -49.80 -16.02
N VAL E 241 35.91 -48.67 -15.51
CA VAL E 241 36.43 -47.34 -15.77
C VAL E 241 37.07 -46.79 -14.50
N GLN E 242 38.30 -46.27 -14.64
CA GLN E 242 39.04 -45.66 -13.53
C GLN E 242 39.55 -44.28 -13.94
N LEU E 243 39.62 -43.37 -12.96
CA LEU E 243 40.10 -42.01 -13.16
C LEU E 243 41.39 -41.82 -12.39
N SER E 244 42.40 -41.29 -13.09
CA SER E 244 43.76 -41.13 -12.54
C SER E 244 44.39 -39.81 -12.99
N GLU E 245 45.38 -39.34 -12.23
CA GLU E 245 46.16 -38.13 -12.54
C GLU E 245 47.55 -38.45 -13.07
N ASP E 246 47.99 -39.70 -12.84
CA ASP E 246 49.36 -40.16 -13.11
C ASP E 246 49.48 -41.05 -14.37
N LEU E 247 48.86 -40.60 -15.46
CA LEU E 247 48.97 -41.22 -16.77
C LEU E 247 49.78 -40.32 -17.70
N LEU E 248 50.72 -40.93 -18.44
CA LEU E 248 51.52 -40.21 -19.42
C LEU E 248 50.77 -39.96 -20.73
N SER E 249 49.55 -40.52 -20.85
CA SER E 249 48.65 -40.26 -21.97
C SER E 249 47.24 -39.92 -21.46
N GLN E 250 46.33 -39.63 -22.39
CA GLN E 250 44.93 -39.33 -22.09
C GLN E 250 44.25 -40.51 -21.41
N ALA E 251 44.49 -41.71 -21.95
CA ALA E 251 43.92 -42.94 -21.41
C ALA E 251 44.74 -44.17 -21.81
N VAL E 252 44.67 -45.22 -21.00
CA VAL E 252 45.28 -46.51 -21.29
C VAL E 252 44.29 -47.65 -21.02
N MET E 253 44.09 -48.50 -22.02
CA MET E 253 43.27 -49.71 -21.90
C MET E 253 44.17 -50.81 -21.36
N MET E 254 43.73 -51.50 -20.31
CA MET E 254 44.56 -52.47 -19.57
C MET E 254 43.83 -53.80 -19.41
N VAL E 255 44.52 -54.75 -18.76
CA VAL E 255 43.94 -56.01 -18.30
C VAL E 255 44.33 -56.26 -16.83
N GLU E 256 43.66 -55.52 -15.92
CA GLU E 256 43.80 -55.67 -14.47
C GLU E 256 42.84 -56.75 -13.96
N ASN E 257 43.35 -57.63 -13.08
CA ASN E 257 42.59 -58.75 -12.53
C ASN E 257 42.01 -59.67 -13.62
N SER E 258 42.81 -59.87 -14.69
CA SER E 258 42.41 -60.64 -15.89
C SER E 258 41.13 -60.11 -16.55
N ARG E 259 40.87 -58.80 -16.40
CA ARG E 259 39.64 -58.16 -16.87
C ARG E 259 39.94 -56.77 -17.46
N PRO E 260 39.24 -56.35 -18.53
CA PRO E 260 39.52 -55.06 -19.15
C PRO E 260 39.28 -53.88 -18.23
N THR E 261 40.20 -52.92 -18.23
CA THR E 261 40.15 -51.72 -17.41
C THR E 261 40.56 -50.51 -18.26
N LEU E 262 39.67 -49.52 -18.33
CA LEU E 262 39.93 -48.24 -18.99
C LEU E 262 40.29 -47.20 -17.94
N ALA E 263 41.57 -46.79 -17.91
CA ALA E 263 42.05 -45.74 -17.05
C ALA E 263 42.08 -44.44 -17.85
N ILE E 264 41.34 -43.43 -17.37
CA ILE E 264 41.25 -42.13 -18.03
C ILE E 264 41.96 -41.09 -17.17
N ASN E 265 42.81 -40.29 -17.82
CA ASN E 265 43.50 -39.19 -17.16
C ASN E 265 42.53 -38.04 -17.00
N LEU E 266 42.20 -37.71 -15.73
CA LEU E 266 41.31 -36.59 -15.43
C LEU E 266 41.98 -35.23 -15.67
N THR E 267 43.31 -35.20 -15.55
CA THR E 267 44.12 -34.02 -15.82
C THR E 267 44.15 -33.71 -17.32
N GLY E 268 43.42 -32.66 -17.73
CA GLY E 268 43.39 -32.24 -19.12
C GLY E 268 42.35 -32.91 -20.00
N ALA E 269 41.41 -33.64 -19.39
CA ALA E 269 40.28 -34.21 -20.13
C ALA E 269 39.36 -33.08 -20.64
N ARG E 270 39.00 -33.13 -21.93
CA ARG E 270 38.24 -32.06 -22.59
C ARG E 270 37.06 -32.60 -23.37
N GLN E 271 36.02 -31.78 -23.46
CA GLN E 271 34.69 -32.13 -23.99
C GLN E 271 34.72 -32.83 -25.35
N TYR E 272 35.19 -32.12 -26.38
CA TYR E 272 35.15 -32.61 -27.76
C TYR E 272 36.26 -33.63 -28.04
N TRP E 273 37.29 -33.64 -27.20
CA TRP E 273 38.41 -34.59 -27.31
C TRP E 273 38.11 -35.95 -26.67
N LEU E 274 37.33 -35.96 -25.57
CA LEU E 274 37.14 -37.20 -24.78
C LEU E 274 36.42 -38.33 -25.57
N GLU E 275 35.39 -37.91 -26.32
CA GLU E 275 34.66 -38.79 -27.23
C GLU E 275 35.60 -39.52 -28.19
N GLY E 276 36.61 -38.81 -28.69
CA GLY E 276 37.65 -39.38 -29.53
C GLY E 276 38.48 -40.43 -28.86
N MET E 277 38.89 -40.16 -27.61
CA MET E 277 39.64 -41.12 -26.79
C MET E 277 38.89 -42.46 -26.70
N LEU E 278 37.58 -42.37 -26.47
CA LEU E 278 36.72 -43.54 -26.37
C LEU E 278 36.62 -44.31 -27.71
N ARG E 279 36.63 -43.57 -28.82
CA ARG E 279 36.65 -44.19 -30.16
C ARG E 279 37.98 -44.90 -30.41
N HIS E 280 39.05 -44.37 -29.82
CA HIS E 280 40.39 -44.93 -29.88
C HIS E 280 40.49 -46.19 -29.01
N GLN E 281 40.35 -46.03 -27.69
CA GLN E 281 40.53 -47.17 -26.79
C GLN E 281 39.45 -48.24 -26.87
N ILE E 282 38.19 -47.80 -26.91
CA ILE E 282 37.07 -48.76 -26.89
C ILE E 282 36.66 -49.15 -28.30
N GLY E 283 36.40 -48.15 -29.14
CA GLY E 283 35.98 -48.35 -30.51
C GLY E 283 36.97 -49.14 -31.38
N THR E 284 38.26 -49.04 -31.03
CA THR E 284 39.33 -49.71 -31.77
C THR E 284 40.02 -50.80 -30.92
N HIS E 285 40.82 -50.41 -29.93
CA HIS E 285 41.62 -51.37 -29.15
C HIS E 285 40.79 -52.47 -28.52
N TYR E 286 39.70 -52.09 -27.83
CA TYR E 286 38.86 -53.05 -27.12
C TYR E 286 38.12 -54.00 -28.06
N LEU E 287 37.46 -53.44 -29.09
CA LEU E 287 36.69 -54.24 -30.05
C LEU E 287 37.58 -55.19 -30.85
N ARG E 288 38.74 -54.68 -31.28
CA ARG E 288 39.75 -55.51 -31.96
C ARG E 288 40.18 -56.66 -31.04
N GLY E 289 40.44 -56.34 -29.77
CA GLY E 289 40.83 -57.31 -28.75
C GLY E 289 39.84 -58.43 -28.55
N VAL E 290 38.55 -58.08 -28.43
CA VAL E 290 37.47 -59.06 -28.24
C VAL E 290 37.28 -59.92 -29.48
N ASN E 291 37.35 -59.30 -30.67
CA ASN E 291 37.27 -60.01 -31.94
C ASN E 291 38.44 -60.98 -32.12
N ASN E 292 39.64 -60.51 -31.75
CA ASN E 292 40.87 -61.29 -31.82
C ASN E 292 40.86 -62.53 -30.95
N ALA E 293 40.21 -62.43 -29.78
CA ALA E 293 40.12 -63.54 -28.83
C ALA E 293 39.34 -64.72 -29.41
N ARG E 294 38.45 -64.42 -30.37
CA ARG E 294 37.63 -65.41 -31.06
C ARG E 294 38.34 -66.07 -32.25
N GLN E 295 39.52 -65.57 -32.63
CA GLN E 295 40.24 -66.04 -33.84
C GLN E 295 41.31 -67.09 -33.55
N PRO E 296 41.68 -67.92 -34.56
CA PRO E 296 42.76 -68.90 -34.39
C PRO E 296 44.09 -68.30 -33.97
N TRP E 297 44.32 -67.02 -34.29
CA TRP E 297 45.55 -66.30 -33.97
C TRP E 297 45.39 -65.43 -32.72
N HIS E 298 44.62 -65.95 -31.74
CA HIS E 298 44.30 -65.22 -30.51
C HIS E 298 45.47 -65.14 -29.52
N ASN E 299 46.49 -65.99 -29.72
CA ASN E 299 47.71 -65.96 -28.92
C ASN E 299 48.96 -66.03 -29.79
N ALA E 300 50.13 -65.94 -29.16
CA ALA E 300 51.43 -65.96 -29.82
C ALA E 300 51.60 -67.11 -30.83
N GLU E 301 51.30 -68.34 -30.39
CA GLU E 301 51.37 -69.54 -31.23
C GLU E 301 50.49 -69.39 -32.47
N GLY E 302 49.26 -68.92 -32.26
CA GLY E 302 48.31 -68.71 -33.33
C GLY E 302 48.78 -67.71 -34.38
N ARG E 303 49.48 -66.67 -33.92
CA ARG E 303 50.08 -65.66 -34.80
C ARG E 303 51.15 -66.30 -35.69
N LEU E 304 52.04 -67.09 -35.07
CA LEU E 304 53.10 -67.82 -35.78
C LEU E 304 52.53 -68.78 -36.80
N ARG E 305 51.60 -69.63 -36.35
CA ARG E 305 50.97 -70.67 -37.17
C ARG E 305 50.32 -70.08 -38.43
N TYR E 306 49.62 -68.95 -38.27
CA TYR E 306 48.90 -68.30 -39.37
C TYR E 306 49.73 -67.22 -40.08
N GLY E 307 50.97 -67.03 -39.61
CA GLY E 307 51.95 -66.17 -40.26
C GLY E 307 51.55 -64.71 -40.31
N LEU E 308 51.27 -64.15 -39.13
CA LEU E 308 50.79 -62.77 -39.02
C LEU E 308 51.95 -61.79 -38.89
N ARG E 309 51.86 -60.69 -39.64
CA ARG E 309 52.67 -59.50 -39.40
C ARG E 309 52.23 -58.90 -38.06
N PRO E 310 53.08 -58.10 -37.38
CA PRO E 310 52.70 -57.44 -36.14
C PRO E 310 51.42 -56.61 -36.28
N ALA E 311 50.67 -56.48 -35.18
CA ALA E 311 49.43 -55.72 -35.12
C ALA E 311 49.67 -54.25 -35.41
N ASN E 312 50.76 -53.72 -34.86
CA ASN E 312 51.22 -52.38 -35.11
C ASN E 312 52.06 -52.36 -36.39
N PRO E 313 52.05 -51.28 -37.19
CA PRO E 313 51.42 -50.02 -36.80
C PRO E 313 49.92 -49.86 -37.13
N THR E 314 49.29 -50.91 -37.70
CA THR E 314 47.89 -50.86 -38.11
C THR E 314 46.98 -50.57 -36.92
N GLU E 315 47.29 -51.13 -35.75
CA GLU E 315 46.47 -50.99 -34.55
C GLU E 315 46.32 -49.52 -34.12
N GLU E 316 47.46 -48.89 -33.82
CA GLU E 316 47.49 -47.53 -33.30
C GLU E 316 47.23 -46.48 -34.39
N GLY E 317 47.49 -46.86 -35.65
CA GLY E 317 47.13 -46.04 -36.81
C GLY E 317 45.63 -45.90 -36.93
N LEU E 318 44.93 -47.03 -36.86
CA LEU E 318 43.47 -47.09 -36.91
C LEU E 318 42.86 -46.34 -35.73
N ALA E 319 43.43 -46.55 -34.54
CA ALA E 319 42.96 -45.94 -33.30
C ALA E 319 43.10 -44.41 -33.33
N SER E 320 44.22 -43.93 -33.90
CA SER E 320 44.50 -42.50 -34.00
C SER E 320 43.59 -41.79 -35.00
N LEU E 321 43.34 -42.43 -36.14
CA LEU E 321 42.38 -41.92 -37.12
C LEU E 321 40.99 -41.84 -36.52
N HIS E 322 40.63 -42.84 -35.71
CA HIS E 322 39.32 -42.91 -35.09
C HIS E 322 39.12 -41.87 -33.98
N SER E 323 40.21 -41.42 -33.36
CA SER E 323 40.14 -40.42 -32.29
C SER E 323 39.67 -39.07 -32.84
N VAL E 324 40.12 -38.74 -34.05
CA VAL E 324 39.80 -37.47 -34.69
C VAL E 324 38.69 -37.58 -35.74
N LEU E 325 37.99 -38.71 -35.74
CA LEU E 325 37.00 -39.03 -36.78
C LEU E 325 35.93 -37.97 -37.09
N PHE E 326 35.11 -37.58 -36.10
CA PHE E 326 33.98 -36.67 -36.28
C PHE E 326 34.25 -35.22 -35.86
N ARG E 327 35.52 -34.87 -35.66
CA ARG E 327 35.92 -33.53 -35.28
C ARG E 327 35.86 -32.60 -36.49
N LYS E 328 35.62 -31.31 -36.24
CA LYS E 328 35.52 -30.30 -37.29
C LYS E 328 36.90 -29.86 -37.78
N GLN E 329 37.88 -29.90 -36.87
CA GLN E 329 39.29 -29.63 -37.21
C GLN E 329 40.16 -30.81 -36.78
N PRO E 330 40.12 -31.94 -37.51
CA PRO E 330 40.76 -33.17 -37.05
C PRO E 330 42.28 -33.23 -37.28
N PHE E 331 43.01 -32.26 -36.73
CA PHE E 331 44.47 -32.23 -36.82
C PHE E 331 45.05 -33.31 -35.92
N LEU E 332 46.04 -34.05 -36.46
CA LEU E 332 46.67 -35.16 -35.75
C LEU E 332 47.90 -34.69 -34.99
N TRP E 333 47.68 -33.71 -34.11
CA TRP E 333 48.75 -33.02 -33.38
C TRP E 333 49.59 -33.99 -32.54
N ARG E 334 48.89 -34.75 -31.69
CA ARG E 334 49.51 -35.70 -30.75
C ARG E 334 50.44 -36.67 -31.48
N ALA E 335 49.91 -37.30 -32.55
CA ALA E 335 50.67 -38.25 -33.37
C ALA E 335 51.93 -37.60 -33.95
N ALA E 336 51.75 -36.43 -34.55
CA ALA E 336 52.81 -35.70 -35.22
C ALA E 336 53.92 -35.25 -34.26
N LEU E 337 53.53 -34.73 -33.09
CA LEU E 337 54.49 -34.22 -32.11
C LEU E 337 55.27 -35.35 -31.43
N LEU E 338 54.59 -36.47 -31.18
CA LEU E 338 55.25 -37.68 -30.68
C LEU E 338 56.31 -38.19 -31.66
N TYR E 339 55.94 -38.27 -32.94
CA TYR E 339 56.84 -38.68 -34.01
C TYR E 339 58.07 -37.77 -34.05
N TYR E 340 57.82 -36.45 -34.06
CA TYR E 340 58.86 -35.43 -34.08
C TYR E 340 59.80 -35.53 -32.86
N THR E 341 59.21 -35.64 -31.66
CA THR E 341 59.96 -35.62 -30.40
C THR E 341 60.95 -36.79 -30.32
N ILE E 342 60.50 -37.97 -30.78
CA ILE E 342 61.32 -39.17 -30.81
C ILE E 342 62.49 -39.01 -31.76
N HIS E 343 62.22 -38.48 -32.95
CA HIS E 343 63.23 -38.19 -33.95
C HIS E 343 64.38 -37.34 -33.37
N ARG E 344 64.01 -36.28 -32.62
CA ARG E 344 64.99 -35.41 -31.98
C ARG E 344 65.66 -36.06 -30.76
N ALA E 345 64.87 -36.83 -30.00
CA ALA E 345 65.35 -37.50 -28.78
C ALA E 345 66.55 -38.41 -29.06
N ALA E 346 66.52 -39.07 -30.23
CA ALA E 346 67.60 -39.92 -30.72
C ALA E 346 68.95 -39.19 -30.83
N ARG E 347 68.89 -37.88 -31.09
CA ARG E 347 70.06 -37.02 -31.25
C ARG E 347 70.41 -36.20 -30.01
N MET E 348 69.42 -35.97 -29.14
CA MET E 348 69.49 -34.95 -28.10
C MET E 348 69.47 -35.48 -26.68
N SER E 349 70.05 -34.71 -25.76
CA SER E 349 69.85 -34.87 -24.33
C SER E 349 68.44 -34.41 -23.98
N PHE E 350 68.03 -34.67 -22.73
CA PHE E 350 66.71 -34.28 -22.23
C PHE E 350 66.59 -32.76 -22.30
N ARG E 351 67.58 -32.08 -21.70
CA ARG E 351 67.72 -30.63 -21.71
C ARG E 351 67.49 -30.05 -23.11
N GLN E 352 68.25 -30.57 -24.08
CA GLN E 352 68.18 -30.14 -25.46
C GLN E 352 66.81 -30.39 -26.07
N LEU E 353 66.25 -31.58 -25.81
CA LEU E 353 64.95 -31.99 -26.33
C LEU E 353 63.83 -31.09 -25.79
N PHE E 354 63.90 -30.81 -24.48
CA PHE E 354 62.92 -29.97 -23.80
C PHE E 354 62.92 -28.56 -24.37
N GLN E 355 64.12 -28.01 -24.61
CA GLN E 355 64.29 -26.69 -25.21
C GLN E 355 63.77 -26.67 -26.65
N ASP E 356 64.13 -27.70 -27.42
CA ASP E 356 63.75 -27.82 -28.82
C ASP E 356 62.24 -27.74 -29.03
N LEU E 357 61.47 -28.34 -28.13
CA LEU E 357 60.01 -28.40 -28.21
C LEU E 357 59.32 -27.07 -27.95
N GLU E 358 60.05 -26.13 -27.33
CA GLU E 358 59.52 -24.81 -27.01
C GLU E 358 58.92 -24.13 -28.24
N ARG E 359 59.52 -24.40 -29.40
CA ARG E 359 59.07 -23.84 -30.68
C ARG E 359 57.63 -24.25 -31.05
N TYR E 360 57.18 -25.39 -30.54
CA TYR E 360 55.84 -25.92 -30.86
C TYR E 360 54.83 -25.86 -29.71
N VAL E 361 55.30 -25.95 -28.48
CA VAL E 361 54.45 -25.90 -27.31
C VAL E 361 55.19 -25.32 -26.11
N GLN E 362 54.55 -24.34 -25.46
CA GLN E 362 55.17 -23.54 -24.41
C GLN E 362 55.10 -24.23 -23.06
N ASP E 363 53.92 -24.77 -22.74
CA ASP E 363 53.64 -25.38 -21.43
C ASP E 363 54.74 -26.39 -21.06
N ALA E 364 55.41 -26.14 -19.93
CA ALA E 364 56.50 -26.97 -19.43
C ALA E 364 56.03 -28.37 -19.04
N ASP E 365 54.83 -28.46 -18.47
CA ASP E 365 54.23 -29.73 -18.08
C ASP E 365 53.93 -30.61 -19.29
N VAL E 366 53.36 -30.01 -20.33
CA VAL E 366 53.08 -30.71 -21.59
C VAL E 366 54.39 -31.22 -22.20
N ARG E 367 55.40 -30.34 -22.26
CA ARG E 367 56.72 -30.70 -22.80
C ARG E 367 57.40 -31.81 -22.02
N TRP E 368 57.27 -31.77 -20.69
CA TRP E 368 57.84 -32.81 -19.81
C TRP E 368 57.26 -34.18 -20.15
N GLU E 369 55.95 -34.25 -20.34
CA GLU E 369 55.27 -35.47 -20.76
C GLU E 369 55.87 -36.04 -22.05
N TYR E 370 55.94 -35.20 -23.11
CA TYR E 370 56.43 -35.63 -24.41
C TYR E 370 57.91 -36.10 -24.36
N CYS E 371 58.72 -35.42 -23.53
CA CYS E 371 60.13 -35.76 -23.37
C CYS E 371 60.33 -37.13 -22.70
N VAL E 372 59.58 -37.37 -21.62
CA VAL E 372 59.63 -38.64 -20.88
C VAL E 372 59.17 -39.80 -21.75
N ARG E 373 58.05 -39.61 -22.46
CA ARG E 373 57.54 -40.60 -23.40
C ARG E 373 58.57 -41.00 -24.46
N ALA E 374 59.30 -39.99 -24.96
CA ALA E 374 60.32 -40.18 -25.99
C ALA E 374 61.59 -40.84 -25.44
N LYS E 375 61.85 -40.66 -24.15
CA LYS E 375 63.05 -41.20 -23.48
C LYS E 375 62.75 -42.29 -22.42
N ARG E 376 61.58 -42.93 -22.53
CA ARG E 376 61.21 -44.07 -21.69
C ARG E 376 62.29 -45.13 -21.77
N GLY E 377 62.84 -45.50 -20.60
CA GLY E 377 63.84 -46.53 -20.50
C GLY E 377 65.25 -46.00 -20.37
N GLN E 378 65.48 -44.78 -20.88
CA GLN E 378 66.77 -44.10 -20.74
C GLN E 378 66.99 -43.82 -19.26
N THR E 379 68.14 -44.23 -18.74
CA THR E 379 68.53 -43.96 -17.36
C THR E 379 69.17 -42.58 -17.27
N ASP E 380 70.34 -42.44 -17.90
CA ASP E 380 71.07 -41.17 -17.98
C ASP E 380 70.66 -40.42 -19.25
N THR E 381 69.66 -39.52 -19.10
CA THR E 381 69.08 -38.79 -20.23
C THR E 381 69.96 -37.65 -20.78
N SER E 382 71.14 -37.45 -20.18
CA SER E 382 72.15 -36.53 -20.69
C SER E 382 72.70 -36.97 -22.04
N LEU E 383 72.62 -38.27 -22.32
CA LEU E 383 73.07 -38.85 -23.58
C LEU E 383 71.93 -38.87 -24.59
N PRO E 384 72.22 -38.90 -25.91
CA PRO E 384 71.17 -39.10 -26.91
C PRO E 384 70.55 -40.49 -26.76
N GLY E 385 69.33 -40.65 -27.27
CA GLY E 385 68.62 -41.92 -27.22
C GLY E 385 67.13 -41.76 -27.03
N CYS E 386 66.38 -42.76 -27.49
CA CYS E 386 64.94 -42.72 -27.51
C CYS E 386 64.30 -44.08 -27.34
N PHE E 387 63.01 -44.06 -26.96
CA PHE E 387 62.11 -45.19 -27.09
C PHE E 387 61.19 -44.81 -28.23
N SER E 388 61.35 -45.48 -29.37
CA SER E 388 60.72 -45.09 -30.63
C SER E 388 59.27 -45.54 -30.82
N LYS E 389 58.72 -46.25 -29.82
CA LYS E 389 57.38 -46.82 -29.88
C LYS E 389 56.29 -45.86 -30.36
N ASP E 390 56.29 -44.64 -29.84
CA ASP E 390 55.22 -43.67 -30.11
C ASP E 390 55.22 -43.10 -31.55
N GLN E 391 56.25 -43.45 -32.33
CA GLN E 391 56.25 -43.14 -33.77
C GLN E 391 55.21 -43.96 -34.53
N VAL E 392 54.72 -45.01 -33.89
CA VAL E 392 53.75 -45.94 -34.49
C VAL E 392 52.47 -45.24 -34.95
N TYR E 393 52.04 -44.20 -34.22
CA TYR E 393 50.79 -43.51 -34.48
C TYR E 393 50.77 -42.89 -35.88
N LEU E 394 51.73 -41.99 -36.15
CA LEU E 394 51.82 -41.35 -37.45
C LEU E 394 52.14 -42.34 -38.55
N ASP E 395 53.04 -43.28 -38.24
CA ASP E 395 53.45 -44.35 -39.15
C ASP E 395 52.22 -45.13 -39.64
N GLY E 396 51.36 -45.52 -38.70
CA GLY E 396 50.10 -46.20 -39.00
C GLY E 396 49.11 -45.36 -39.78
N ILE E 397 48.93 -44.10 -39.36
CA ILE E 397 48.03 -43.15 -40.01
C ILE E 397 48.33 -43.05 -41.51
N VAL E 398 49.60 -42.75 -41.83
CA VAL E 398 50.03 -42.53 -43.20
C VAL E 398 49.75 -43.76 -44.07
N ARG E 399 50.13 -44.94 -43.55
CA ARG E 399 49.98 -46.21 -44.25
C ARG E 399 48.53 -46.57 -44.53
N ILE E 400 47.67 -46.43 -43.51
CA ILE E 400 46.25 -46.74 -43.63
C ILE E 400 45.56 -45.79 -44.61
N LEU E 401 45.89 -44.49 -44.51
CA LEU E 401 45.31 -43.48 -45.40
C LEU E 401 45.73 -43.71 -46.84
N ARG E 402 47.02 -44.00 -47.03
CA ARG E 402 47.59 -44.36 -48.34
C ARG E 402 46.83 -45.50 -49.02
N HIS E 403 46.48 -46.52 -48.24
CA HIS E 403 45.86 -47.74 -48.75
C HIS E 403 44.38 -47.89 -48.43
N ARG E 404 43.74 -46.78 -48.00
CA ARG E 404 42.34 -46.78 -47.56
C ARG E 404 41.38 -47.36 -48.60
N GLN E 405 41.67 -47.10 -49.88
CA GLN E 405 40.82 -47.51 -51.00
C GLN E 405 40.71 -49.02 -51.18
N THR E 406 41.76 -49.75 -50.76
CA THR E 406 41.82 -51.21 -50.87
C THR E 406 41.57 -51.96 -49.55
N ILE E 407 41.49 -51.21 -48.44
CA ILE E 407 41.21 -51.76 -47.11
C ILE E 407 39.71 -51.87 -46.87
N ASP E 408 39.28 -53.03 -46.36
CA ASP E 408 37.92 -53.27 -45.88
C ASP E 408 37.97 -53.07 -44.36
N PHE E 409 37.51 -51.89 -43.92
CA PHE E 409 37.65 -51.46 -42.54
C PHE E 409 36.83 -52.26 -41.53
N PRO E 410 35.55 -52.61 -41.83
CA PRO E 410 34.80 -53.55 -41.00
C PRO E 410 35.51 -54.90 -40.83
N LEU E 411 35.93 -55.50 -41.95
CA LEU E 411 36.65 -56.76 -41.97
C LEU E 411 37.97 -56.67 -41.18
N LEU E 412 38.70 -55.57 -41.38
CA LEU E 412 39.94 -55.31 -40.69
C LEU E 412 39.78 -55.31 -39.16
N THR E 413 38.68 -54.73 -38.69
CA THR E 413 38.35 -54.71 -37.27
C THR E 413 37.86 -56.08 -36.78
N SER E 414 37.05 -56.75 -37.61
CA SER E 414 36.49 -58.07 -37.30
C SER E 414 37.53 -59.18 -37.13
N LEU E 415 38.65 -59.08 -37.87
CA LEU E 415 39.71 -60.08 -37.84
C LEU E 415 40.62 -60.00 -36.61
N GLY E 416 40.49 -58.91 -35.84
CA GLY E 416 41.21 -58.74 -34.58
C GLY E 416 42.49 -57.96 -34.75
N LYS E 417 43.50 -58.29 -33.94
CA LYS E 417 44.79 -57.58 -33.88
C LYS E 417 45.68 -57.93 -35.08
N VAL E 418 45.24 -57.55 -36.29
CA VAL E 418 45.91 -57.91 -37.53
C VAL E 418 46.31 -56.66 -38.35
N SER E 419 47.41 -56.80 -39.11
CA SER E 419 47.87 -55.80 -40.06
C SER E 419 46.89 -55.67 -41.23
N TYR E 420 46.79 -54.46 -41.79
CA TYR E 420 45.94 -54.20 -42.96
C TYR E 420 46.40 -55.02 -44.16
N GLU E 421 47.69 -55.37 -44.16
CA GLU E 421 48.30 -56.17 -45.20
C GLU E 421 47.93 -57.65 -45.15
N ASP E 422 47.52 -58.13 -43.96
CA ASP E 422 47.17 -59.55 -43.75
C ASP E 422 45.70 -59.90 -44.02
N VAL E 423 44.89 -58.90 -44.39
CA VAL E 423 43.44 -59.07 -44.49
C VAL E 423 43.04 -60.16 -45.50
N ASP E 424 43.63 -60.11 -46.70
CA ASP E 424 43.37 -61.11 -47.75
C ASP E 424 43.89 -62.50 -47.36
N HIS E 425 45.07 -62.53 -46.72
CA HIS E 425 45.68 -63.76 -46.21
C HIS E 425 44.80 -64.46 -45.18
N LEU E 426 44.21 -63.68 -44.27
CA LEU E 426 43.48 -64.20 -43.11
C LEU E 426 41.96 -64.33 -43.29
N ARG E 427 41.41 -63.63 -44.28
CA ARG E 427 39.97 -63.65 -44.55
C ARG E 427 39.40 -65.06 -44.62
N PRO E 428 40.03 -66.01 -45.35
CA PRO E 428 39.53 -67.39 -45.42
C PRO E 428 39.48 -68.14 -44.09
N HIS E 429 40.32 -67.72 -43.12
CA HIS E 429 40.47 -68.41 -41.84
C HIS E 429 39.84 -67.69 -40.64
N GLY E 430 39.24 -66.52 -40.88
CA GLY E 430 38.60 -65.74 -39.83
C GLY E 430 37.21 -66.26 -39.51
N VAL E 431 36.85 -66.24 -38.22
CA VAL E 431 35.50 -66.57 -37.77
C VAL E 431 34.77 -65.27 -37.42
N LEU E 432 33.78 -64.91 -38.25
CA LEU E 432 33.19 -63.58 -38.28
C LEU E 432 31.71 -63.53 -37.88
N ASP E 433 31.20 -64.63 -37.32
CA ASP E 433 29.79 -64.73 -36.96
C ASP E 433 29.40 -63.66 -35.95
N ASN E 434 30.09 -63.68 -34.80
CA ASN E 434 29.79 -62.80 -33.67
C ASN E 434 30.94 -61.85 -33.35
N THR E 435 31.53 -61.26 -34.39
CA THR E 435 32.55 -60.22 -34.25
C THR E 435 31.86 -58.88 -34.30
N ARG E 436 32.36 -57.92 -33.50
CA ARG E 436 31.77 -56.59 -33.39
C ARG E 436 32.55 -55.53 -34.17
N VAL E 437 31.79 -54.73 -34.95
CA VAL E 437 32.30 -53.57 -35.67
C VAL E 437 31.85 -52.31 -34.92
N PRO E 438 32.72 -51.30 -34.73
CA PRO E 438 32.32 -50.09 -34.01
C PRO E 438 31.14 -49.35 -34.66
N HIS E 439 30.36 -48.64 -33.84
CA HIS E 439 29.15 -47.92 -34.25
C HIS E 439 29.44 -46.89 -35.35
N PHE E 440 30.60 -46.26 -35.27
CA PHE E 440 30.98 -45.20 -36.22
C PHE E 440 31.38 -45.70 -37.61
N MET E 441 31.40 -47.03 -37.78
CA MET E 441 31.73 -47.69 -39.04
C MET E 441 30.49 -48.23 -39.77
N GLN E 442 29.31 -48.13 -39.13
CA GLN E 442 28.05 -48.64 -39.70
C GLN E 442 27.64 -47.87 -40.96
N ASP E 443 27.70 -46.54 -40.88
CA ASP E 443 27.58 -45.67 -42.04
C ASP E 443 28.98 -45.56 -42.64
N LEU E 444 29.30 -46.49 -43.53
CA LEU E 444 30.64 -46.67 -44.08
C LEU E 444 30.99 -45.57 -45.09
N ALA E 445 30.00 -45.15 -45.87
CA ALA E 445 30.13 -44.04 -46.80
C ALA E 445 30.61 -42.79 -46.08
N ARG E 446 29.98 -42.50 -44.93
CA ARG E 446 30.34 -41.35 -44.09
C ARG E 446 31.73 -41.51 -43.48
N TYR E 447 32.04 -42.74 -43.04
CA TYR E 447 33.34 -43.07 -42.46
C TYR E 447 34.47 -42.70 -43.42
N ARG E 448 34.30 -43.03 -44.71
CA ARG E 448 35.31 -42.77 -45.74
C ARG E 448 35.45 -41.27 -46.03
N GLN E 449 34.31 -40.56 -46.02
CA GLN E 449 34.30 -39.10 -46.13
C GLN E 449 35.14 -38.45 -45.03
N GLN E 450 34.96 -38.95 -43.80
CA GLN E 450 35.73 -38.49 -42.65
C GLN E 450 37.25 -38.66 -42.85
N LEU E 451 37.64 -39.81 -43.42
CA LEU E 451 39.04 -40.11 -43.71
C LEU E 451 39.62 -39.10 -44.71
N GLU E 452 38.84 -38.78 -45.75
CA GLU E 452 39.19 -37.75 -46.74
C GLU E 452 39.36 -36.39 -46.06
N HIS E 453 38.42 -36.05 -45.16
CA HIS E 453 38.45 -34.82 -44.40
C HIS E 453 39.71 -34.74 -43.51
N ILE E 454 40.10 -35.89 -42.95
CA ILE E 454 41.29 -35.98 -42.10
C ILE E 454 42.58 -35.75 -42.90
N MET E 455 42.64 -36.29 -44.13
CA MET E 455 43.78 -36.10 -45.01
C MET E 455 43.90 -34.62 -45.37
N ALA E 456 42.83 -34.06 -45.94
CA ALA E 456 42.78 -32.66 -46.33
C ALA E 456 43.31 -31.78 -45.19
N THR E 457 42.69 -31.92 -44.02
CA THR E 457 43.03 -31.13 -42.85
C THR E 457 44.52 -31.20 -42.49
N ASN E 458 45.10 -32.40 -42.59
CA ASN E 458 46.49 -32.64 -42.17
C ASN E 458 47.55 -32.53 -43.25
N ARG E 459 47.16 -32.00 -44.42
CA ARG E 459 48.05 -31.80 -45.57
C ARG E 459 48.68 -33.13 -46.02
N LEU E 460 47.84 -34.17 -46.09
CA LEU E 460 48.22 -35.50 -46.54
C LEU E 460 47.34 -35.89 -47.72
N ASP E 461 47.43 -35.11 -48.81
CA ASP E 461 46.67 -35.37 -50.03
C ASP E 461 47.16 -36.63 -50.76
N GLU E 462 46.28 -37.19 -51.59
CA GLU E 462 46.51 -38.44 -52.34
C GLU E 462 47.88 -38.49 -53.01
N ALA E 463 48.20 -37.43 -53.78
CA ALA E 463 49.42 -37.33 -54.55
C ALA E 463 50.67 -37.48 -53.67
N GLU E 464 50.64 -36.86 -52.49
CA GLU E 464 51.74 -36.90 -51.53
C GLU E 464 51.92 -38.28 -50.92
N LEU E 465 50.80 -38.92 -50.56
CA LEU E 465 50.80 -40.30 -50.07
C LEU E 465 51.32 -41.26 -51.17
N GLY E 466 50.93 -40.99 -52.42
CA GLY E 466 51.39 -41.73 -53.58
C GLY E 466 52.91 -41.73 -53.74
N ARG E 467 53.53 -40.55 -53.62
CA ARG E 467 54.98 -40.40 -53.69
C ARG E 467 55.69 -40.99 -52.46
N LEU E 468 55.06 -40.84 -51.28
CA LEU E 468 55.58 -41.35 -50.02
C LEU E 468 55.75 -42.87 -50.05
N LEU E 469 54.72 -43.56 -50.53
CA LEU E 469 54.67 -45.01 -50.61
C LEU E 469 54.21 -45.42 -52.01
N PRO E 470 55.12 -45.52 -53.00
CA PRO E 470 54.75 -45.97 -54.35
C PRO E 470 54.46 -47.47 -54.42
N ASP E 471 53.53 -47.94 -53.57
CA ASP E 471 53.13 -49.34 -53.51
C ASP E 471 52.10 -49.65 -54.60
N LEU F 140 13.69 23.80 -17.38
CA LEU F 140 14.30 25.10 -16.95
C LEU F 140 14.66 25.15 -15.47
N VAL F 141 14.00 24.30 -14.66
CA VAL F 141 14.24 24.23 -13.21
C VAL F 141 15.70 23.87 -12.87
N ALA F 142 16.27 22.94 -13.64
CA ALA F 142 17.61 22.43 -13.40
C ALA F 142 18.69 23.46 -13.75
N LEU F 143 18.42 24.29 -14.77
CA LEU F 143 19.38 25.28 -15.27
C LEU F 143 19.07 26.70 -14.80
N ARG F 144 18.12 26.85 -13.88
CA ARG F 144 17.86 28.11 -13.20
C ARG F 144 18.88 28.19 -12.06
N PRO F 145 19.86 29.13 -12.09
CA PRO F 145 20.91 29.16 -11.07
C PRO F 145 20.35 29.24 -9.65
N THR F 146 20.95 28.48 -8.74
CA THR F 146 20.52 28.45 -7.35
C THR F 146 20.85 29.74 -6.60
N ASN F 147 21.77 30.53 -7.15
CA ASN F 147 22.19 31.81 -6.57
C ASN F 147 21.87 33.03 -7.45
N MET F 148 20.80 32.92 -8.25
CA MET F 148 20.46 33.93 -9.26
C MET F 148 20.20 35.32 -8.66
N ASP F 149 19.52 35.35 -7.51
CA ASP F 149 19.19 36.59 -6.82
C ASP F 149 20.41 37.31 -6.27
N ARG F 150 21.27 36.58 -5.56
CA ARG F 150 22.49 37.13 -4.98
C ARG F 150 23.45 37.67 -6.06
N GLU F 151 23.43 37.03 -7.24
CA GLU F 151 24.26 37.44 -8.36
C GLU F 151 23.65 38.62 -9.13
N ARG F 152 22.31 38.70 -9.12
CA ARG F 152 21.58 39.81 -9.73
C ARG F 152 21.82 41.12 -8.97
N ASP F 153 21.67 41.07 -7.64
CA ASP F 153 21.95 42.21 -6.77
C ASP F 153 23.40 42.67 -6.95
N LYS F 154 24.33 41.71 -6.98
CA LYS F 154 25.75 41.99 -7.26
C LYS F 154 25.93 42.73 -8.59
N PHE F 155 25.29 42.21 -9.64
CA PHE F 155 25.37 42.76 -11.00
C PHE F 155 24.85 44.20 -11.07
N PHE F 156 23.63 44.39 -10.55
CA PHE F 156 22.97 45.69 -10.54
C PHE F 156 23.76 46.71 -9.70
N GLN F 157 24.14 46.30 -8.48
CA GLN F 157 24.87 47.15 -7.54
C GLN F 157 26.27 47.58 -8.00
N SER F 158 26.84 46.82 -8.94
CA SER F 158 28.13 47.16 -9.58
C SER F 158 27.95 48.00 -10.84
N HIS F 159 26.70 48.41 -11.11
CA HIS F 159 26.31 49.14 -12.31
C HIS F 159 26.68 48.34 -13.57
N TYR F 160 26.31 47.05 -13.56
CA TYR F 160 26.37 46.17 -14.72
C TYR F 160 27.78 45.81 -15.23
N THR F 161 28.79 45.98 -14.37
CA THR F 161 30.19 45.68 -14.70
C THR F 161 30.64 44.29 -14.22
N TYR F 162 30.00 43.79 -13.17
CA TYR F 162 30.28 42.48 -12.58
C TYR F 162 29.82 41.36 -13.53
N ASN F 163 30.59 40.27 -13.56
CA ASN F 163 30.23 39.05 -14.29
C ASN F 163 29.66 38.03 -13.31
N PRO F 164 28.36 37.70 -13.40
CA PRO F 164 27.76 36.68 -12.52
C PRO F 164 28.53 35.35 -12.48
N GLN F 165 28.77 34.85 -11.27
CA GLN F 165 29.34 33.53 -11.04
C GLN F 165 28.22 32.63 -10.52
N PHE F 166 27.47 32.03 -11.46
CA PHE F 166 26.32 31.20 -11.16
C PHE F 166 26.72 29.82 -10.62
N GLU F 167 25.85 29.25 -9.77
CA GLU F 167 25.95 27.86 -9.34
C GLU F 167 24.60 27.19 -9.50
N TYR F 168 24.61 25.86 -9.61
CA TYR F 168 23.44 25.07 -9.98
C TYR F 168 23.28 23.86 -9.07
N GLN F 169 22.07 23.28 -9.09
CA GLN F 169 21.76 22.07 -8.34
C GLN F 169 22.48 20.88 -8.99
N GLU F 170 23.32 20.20 -8.22
CA GLU F 170 24.14 19.10 -8.74
C GLU F 170 23.31 17.84 -8.92
N PRO F 171 23.59 17.00 -9.94
CA PRO F 171 24.60 17.29 -10.94
C PRO F 171 24.00 18.11 -12.07
N MET F 172 24.86 18.75 -12.87
CA MET F 172 24.43 19.50 -14.03
C MET F 172 24.07 18.51 -15.14
N PRO F 173 23.01 18.76 -15.94
CA PRO F 173 22.66 17.90 -17.07
C PRO F 173 23.66 18.06 -18.23
N THR F 174 24.84 17.45 -18.04
CA THR F 174 25.98 17.60 -18.95
C THR F 174 25.61 17.33 -20.41
N ALA F 175 24.86 16.26 -20.65
CA ALA F 175 24.41 15.87 -21.99
C ALA F 175 23.63 16.98 -22.70
N VAL F 176 22.72 17.63 -21.98
CA VAL F 176 21.85 18.67 -22.54
C VAL F 176 22.61 19.99 -22.75
N LEU F 177 23.53 20.30 -21.82
CA LEU F 177 24.45 21.43 -21.95
C LEU F 177 25.29 21.33 -23.22
N GLU F 178 25.88 20.15 -23.43
CA GLU F 178 26.71 19.86 -24.60
C GLU F 178 25.91 19.90 -25.90
N LYS F 179 24.67 19.43 -25.86
CA LYS F 179 23.79 19.43 -27.03
C LYS F 179 23.47 20.85 -27.52
N TYR F 180 23.38 21.79 -26.58
CA TYR F 180 23.03 23.17 -26.86
C TYR F 180 24.15 24.15 -26.50
N CYS F 181 25.41 23.72 -26.71
CA CYS F 181 26.59 24.53 -26.38
C CYS F 181 27.01 25.47 -27.52
N GLU F 182 26.51 25.20 -28.74
CA GLU F 182 26.83 25.99 -29.93
C GLU F 182 25.61 26.72 -30.46
N ALA F 183 25.78 28.03 -30.72
CA ALA F 183 24.72 28.88 -31.28
C ALA F 183 24.77 28.83 -32.79
N SER F 184 23.60 28.98 -33.42
CA SER F 184 23.47 29.08 -34.87
C SER F 184 23.29 30.53 -35.29
N GLY F 185 23.66 30.84 -36.53
CA GLY F 185 23.45 32.15 -37.13
C GLY F 185 22.64 32.08 -38.41
N GLN F 186 21.98 30.93 -38.63
CA GLN F 186 21.26 30.67 -39.88
C GLN F 186 20.18 31.71 -40.13
N PHE F 187 19.47 32.11 -39.05
CA PHE F 187 18.35 33.04 -39.14
C PHE F 187 18.56 34.34 -38.38
N ILE F 188 19.83 34.70 -38.15
CA ILE F 188 20.20 35.88 -37.37
C ILE F 188 19.67 37.19 -38.00
N HIS F 189 19.66 37.25 -39.33
CA HIS F 189 19.18 38.41 -40.07
C HIS F 189 17.65 38.50 -40.09
N GLN F 190 16.99 37.37 -39.88
CA GLN F 190 15.53 37.34 -39.75
C GLN F 190 15.16 37.86 -38.38
N ALA F 191 15.91 37.43 -37.36
CA ALA F 191 15.74 37.89 -35.98
C ALA F 191 15.84 39.40 -35.91
N VAL F 192 16.97 39.92 -36.42
CA VAL F 192 17.23 41.35 -36.45
C VAL F 192 16.19 42.07 -37.31
N GLY F 193 15.76 41.43 -38.40
CA GLY F 193 14.68 41.93 -39.24
C GLY F 193 13.39 42.17 -38.49
N ILE F 194 13.02 41.24 -37.60
CA ILE F 194 11.81 41.33 -36.79
C ILE F 194 11.95 42.41 -35.73
N ILE F 195 13.09 42.42 -35.04
CA ILE F 195 13.40 43.39 -34.00
C ILE F 195 13.33 44.81 -34.54
N GLU F 196 14.01 45.06 -35.67
CA GLU F 196 14.02 46.36 -36.33
C GLU F 196 12.64 46.78 -36.83
N ALA F 197 11.85 45.82 -37.34
CA ALA F 197 10.48 46.07 -37.80
C ALA F 197 9.61 46.63 -36.67
N VAL F 198 9.80 46.07 -35.46
CA VAL F 198 9.10 46.52 -34.27
C VAL F 198 9.51 47.94 -33.91
N LEU F 199 10.83 48.16 -33.79
CA LEU F 199 11.39 49.44 -33.39
C LEU F 199 11.12 50.56 -34.40
N GLU F 200 10.96 50.20 -35.68
CA GLU F 200 10.61 51.14 -36.74
C GLU F 200 9.20 51.64 -36.59
N LYS F 201 8.28 50.73 -36.22
CA LYS F 201 6.87 51.04 -36.09
C LYS F 201 6.50 51.64 -34.72
N PHE F 202 7.18 51.18 -33.67
CA PHE F 202 6.83 51.54 -32.29
C PHE F 202 7.92 52.32 -31.54
N GLY F 203 9.06 52.53 -32.19
CA GLY F 203 10.14 53.31 -31.61
C GLY F 203 10.97 52.54 -30.61
N THR F 204 10.32 52.10 -29.52
CA THR F 204 10.94 51.28 -28.49
C THR F 204 10.12 50.03 -28.22
N TYR F 205 10.73 49.06 -27.53
CA TYR F 205 10.02 47.88 -27.07
C TYR F 205 9.00 48.29 -26.00
N GLU F 206 9.42 49.18 -25.10
CA GLU F 206 8.58 49.68 -24.03
C GLU F 206 7.20 50.11 -24.54
N HIS F 207 7.17 50.90 -25.62
CA HIS F 207 5.91 51.34 -26.23
C HIS F 207 5.18 50.20 -26.96
N PHE F 208 5.94 49.34 -27.64
CA PHE F 208 5.38 48.15 -28.31
C PHE F 208 4.60 47.30 -27.30
N GLU F 209 5.26 46.98 -26.18
CA GLU F 209 4.68 46.18 -25.10
C GLU F 209 3.34 46.74 -24.63
N ALA F 210 3.35 48.02 -24.24
CA ALA F 210 2.17 48.68 -23.69
C ALA F 210 1.07 48.89 -24.71
N ALA F 211 1.44 49.25 -25.94
CA ALA F 211 0.47 49.54 -27.00
C ALA F 211 -0.23 48.29 -27.52
N THR F 212 0.54 47.21 -27.71
CA THR F 212 0.02 45.97 -28.30
C THR F 212 -0.39 44.93 -27.24
N GLY F 213 0.31 44.93 -26.10
CA GLY F 213 0.11 43.94 -25.05
C GLY F 213 -1.14 44.12 -24.21
N GLY F 214 -1.54 45.39 -24.03
CA GLY F 214 -2.67 45.74 -23.19
C GLY F 214 -2.19 45.98 -21.77
N GLN F 215 -3.14 46.15 -20.86
CA GLN F 215 -2.88 46.38 -19.45
C GLN F 215 -2.28 45.16 -18.74
N LEU F 216 -1.47 45.45 -17.71
CA LEU F 216 -1.01 44.43 -16.77
C LEU F 216 -2.23 43.87 -16.05
N LEU F 217 -2.23 42.55 -15.85
CA LEU F 217 -3.38 41.84 -15.28
C LEU F 217 -3.23 41.54 -13.80
N THR F 218 -4.35 41.60 -13.07
CA THR F 218 -4.43 41.14 -11.70
C THR F 218 -4.62 39.63 -11.75
N LYS F 219 -4.43 38.98 -10.58
CA LYS F 219 -4.59 37.54 -10.45
C LYS F 219 -5.99 37.12 -10.89
N CYS F 220 -7.00 37.85 -10.41
CA CYS F 220 -8.40 37.63 -10.75
C CYS F 220 -8.64 37.59 -12.26
N GLN F 221 -8.05 38.55 -12.97
CA GLN F 221 -8.21 38.69 -14.42
C GLN F 221 -7.54 37.52 -15.16
N ILE F 222 -6.36 37.11 -14.66
CA ILE F 222 -5.64 35.97 -15.21
C ILE F 222 -6.48 34.70 -15.12
N TRP F 223 -6.98 34.39 -13.92
CA TRP F 223 -7.83 33.22 -13.68
C TRP F 223 -9.06 33.22 -14.58
N SER F 224 -9.67 34.40 -14.74
CA SER F 224 -10.86 34.57 -15.56
C SER F 224 -10.59 34.19 -17.02
N ILE F 225 -9.49 34.73 -17.57
CA ILE F 225 -9.09 34.48 -18.94
C ILE F 225 -8.72 32.99 -19.16
N VAL F 226 -8.04 32.41 -18.17
CA VAL F 226 -7.64 31.00 -18.21
C VAL F 226 -8.86 30.10 -18.22
N ARG F 227 -9.80 30.34 -17.29
CA ARG F 227 -11.02 29.56 -17.17
C ARG F 227 -11.82 29.58 -18.49
N LYS F 228 -11.96 30.77 -19.08
CA LYS F 228 -12.64 30.93 -20.36
C LYS F 228 -11.95 30.12 -21.46
N TYR F 229 -10.60 30.12 -21.43
CA TYR F 229 -9.81 29.40 -22.43
C TYR F 229 -10.00 27.88 -22.33
N MET F 230 -9.84 27.34 -21.11
CA MET F 230 -9.97 25.90 -20.87
C MET F 230 -11.29 25.34 -21.38
N GLN F 231 -12.37 26.09 -21.13
CA GLN F 231 -13.71 25.73 -21.59
C GLN F 231 -13.82 25.79 -23.12
N LYS F 232 -13.21 26.81 -23.70
CA LYS F 232 -13.16 26.99 -25.15
C LYS F 232 -12.43 25.85 -25.84
N GLU F 233 -11.41 25.31 -25.16
CA GLU F 233 -10.56 24.24 -25.68
C GLU F 233 -11.10 22.84 -25.34
N GLY F 234 -12.11 22.78 -24.46
CA GLY F 234 -12.72 21.53 -24.04
C GLY F 234 -11.88 20.71 -23.09
N CYS F 235 -10.86 21.35 -22.48
CA CYS F 235 -9.98 20.69 -21.51
C CYS F 235 -10.13 21.30 -20.11
N ALA F 236 -11.37 21.69 -19.78
CA ALA F 236 -11.70 22.22 -18.47
C ALA F 236 -11.51 21.12 -17.42
N GLY F 237 -10.80 21.47 -16.34
CA GLY F 237 -10.61 20.60 -15.19
C GLY F 237 -9.48 19.59 -15.30
N GLU F 238 -8.70 19.66 -16.38
CA GLU F 238 -7.61 18.72 -16.65
C GLU F 238 -6.27 19.20 -16.12
N VAL F 239 -6.06 20.52 -16.11
CA VAL F 239 -4.79 21.14 -15.77
C VAL F 239 -4.91 21.99 -14.51
N VAL F 240 -3.95 21.81 -13.60
CA VAL F 240 -3.78 22.69 -12.44
C VAL F 240 -3.11 23.96 -12.92
N VAL F 241 -3.63 25.11 -12.46
CA VAL F 241 -3.07 26.42 -12.77
C VAL F 241 -2.42 27.00 -11.51
N GLN F 242 -1.19 27.49 -11.66
CA GLN F 242 -0.44 28.12 -10.56
C GLN F 242 0.09 29.48 -11.01
N LEU F 243 0.19 30.41 -10.06
CA LEU F 243 0.69 31.75 -10.29
C LEU F 243 1.99 31.94 -9.53
N SER F 244 3.02 32.43 -10.24
CA SER F 244 4.37 32.57 -9.68
C SER F 244 5.04 33.86 -10.18
N GLU F 245 6.03 34.33 -9.42
CA GLU F 245 6.83 35.52 -9.77
C GLU F 245 8.23 35.14 -10.26
N ASP F 246 8.63 33.89 -10.01
CA ASP F 246 10.00 33.40 -10.25
C ASP F 246 10.10 32.45 -11.46
N LEU F 247 9.50 32.90 -12.58
CA LEU F 247 9.61 32.22 -13.87
C LEU F 247 10.45 33.07 -14.82
N LEU F 248 11.37 32.42 -15.53
CA LEU F 248 12.20 33.09 -16.54
C LEU F 248 11.46 33.29 -17.85
N SER F 249 10.24 32.77 -17.96
CA SER F 249 9.35 33.01 -19.09
C SER F 249 7.95 33.40 -18.61
N GLN F 250 7.05 33.67 -19.56
CA GLN F 250 5.65 34.02 -19.28
C GLN F 250 4.94 32.88 -18.57
N ALA F 251 5.16 31.65 -19.06
CA ALA F 251 4.55 30.45 -18.49
C ALA F 251 5.35 29.20 -18.84
N VAL F 252 5.25 28.17 -17.99
CA VAL F 252 5.83 26.85 -18.24
C VAL F 252 4.81 25.75 -17.93
N MET F 253 4.60 24.87 -18.90
CA MET F 253 3.75 23.69 -18.76
C MET F 253 4.62 22.59 -18.16
N MET F 254 4.16 21.94 -17.09
CA MET F 254 4.96 20.98 -16.33
C MET F 254 4.21 19.67 -16.12
N VAL F 255 4.87 18.73 -15.42
CA VAL F 255 4.25 17.50 -14.93
C VAL F 255 4.63 17.30 -13.45
N GLU F 256 3.96 18.08 -12.57
CA GLU F 256 4.10 17.97 -11.12
C GLU F 256 3.11 16.94 -10.58
N ASN F 257 3.59 16.08 -9.67
CA ASN F 257 2.78 14.99 -9.08
C ASN F 257 2.20 14.04 -10.15
N SER F 258 3.00 13.79 -11.20
CA SER F 258 2.60 13.00 -12.37
C SER F 258 1.34 13.52 -13.07
N ARG F 259 1.11 14.85 -12.97
CA ARG F 259 -0.10 15.50 -13.47
C ARG F 259 0.23 16.86 -14.09
N PRO F 260 -0.46 17.26 -15.19
CA PRO F 260 -0.13 18.52 -15.86
C PRO F 260 -0.37 19.74 -14.97
N THR F 261 0.58 20.68 -15.00
CA THR F 261 0.55 21.90 -14.22
C THR F 261 0.99 23.07 -15.10
N LEU F 262 0.13 24.08 -15.22
CA LEU F 262 0.43 25.33 -15.92
C LEU F 262 0.81 26.40 -14.90
N ALA F 263 2.09 26.77 -14.88
CA ALA F 263 2.60 27.86 -14.04
C ALA F 263 2.66 29.13 -14.89
N ILE F 264 1.94 30.16 -14.45
CA ILE F 264 1.88 31.44 -15.15
C ILE F 264 2.62 32.50 -14.33
N ASN F 265 3.49 33.26 -14.99
CA ASN F 265 4.20 34.36 -14.37
C ASN F 265 3.25 35.54 -14.25
N LEU F 266 2.91 35.91 -13.01
CA LEU F 266 2.05 37.06 -12.75
C LEU F 266 2.76 38.40 -13.02
N THR F 267 4.09 38.40 -12.90
CA THR F 267 4.92 39.55 -13.20
C THR F 267 4.96 39.81 -14.71
N GLY F 268 4.27 40.86 -15.16
CA GLY F 268 4.25 41.24 -16.57
C GLY F 268 3.21 40.56 -17.43
N ALA F 269 2.24 39.87 -16.81
CA ALA F 269 1.10 39.30 -17.53
C ALA F 269 0.22 40.44 -18.09
N ARG F 270 -0.13 40.36 -19.38
CA ARG F 270 -0.86 41.41 -20.08
C ARG F 270 -2.05 40.88 -20.85
N GLN F 271 -3.07 41.72 -20.99
CA GLN F 271 -4.40 41.37 -21.51
C GLN F 271 -4.38 40.63 -22.84
N TYR F 272 -3.89 41.30 -23.89
CA TYR F 272 -3.92 40.75 -25.25
C TYR F 272 -2.84 39.70 -25.50
N TRP F 273 -1.81 39.70 -24.65
CA TRP F 273 -0.72 38.73 -24.71
C TRP F 273 -1.05 37.39 -24.02
N LEU F 274 -1.83 37.44 -22.94
CA LEU F 274 -2.06 36.22 -22.10
C LEU F 274 -2.81 35.09 -22.87
N GLU F 275 -3.82 35.51 -23.64
CA GLU F 275 -4.57 34.62 -24.52
C GLU F 275 -3.64 33.83 -25.44
N GLY F 276 -2.61 34.49 -25.97
CA GLY F 276 -1.56 33.87 -26.77
C GLY F 276 -0.76 32.83 -26.05
N MET F 277 -0.36 33.13 -24.81
CA MET F 277 0.36 32.18 -23.95
C MET F 277 -0.42 30.87 -23.82
N LEU F 278 -1.74 31.00 -23.61
CA LEU F 278 -2.61 29.85 -23.48
C LEU F 278 -2.71 29.03 -24.79
N ARG F 279 -2.69 29.73 -25.93
CA ARG F 279 -2.67 29.08 -27.24
C ARG F 279 -1.36 28.32 -27.46
N HIS F 280 -0.27 28.85 -26.89
CA HIS F 280 1.05 28.26 -26.91
C HIS F 280 1.10 27.03 -25.99
N GLN F 281 0.95 27.23 -24.69
CA GLN F 281 1.10 26.12 -23.75
C GLN F 281 0.00 25.08 -23.80
N ILE F 282 -1.25 25.54 -23.87
CA ILE F 282 -2.39 24.61 -23.82
C ILE F 282 -2.79 24.18 -25.22
N GLY F 283 -3.02 25.17 -26.10
CA GLY F 283 -3.43 24.92 -27.46
C GLY F 283 -2.46 24.08 -28.29
N THR F 284 -1.16 24.15 -27.94
CA THR F 284 -0.10 23.43 -28.65
C THR F 284 0.55 22.35 -27.76
N HIS F 285 1.35 22.77 -26.77
CA HIS F 285 2.13 21.82 -25.95
C HIS F 285 1.26 20.76 -25.29
N TYR F 286 0.18 21.19 -24.62
CA TYR F 286 -0.68 20.27 -23.88
C TYR F 286 -1.45 19.30 -24.80
N LEU F 287 -2.08 19.85 -25.86
CA LEU F 287 -2.87 19.04 -26.79
C LEU F 287 -1.99 18.04 -27.55
N ARG F 288 -0.81 18.49 -28.00
CA ARG F 288 0.17 17.63 -28.63
C ARG F 288 0.57 16.51 -27.67
N GLY F 289 0.83 16.86 -26.41
CA GLY F 289 1.20 15.91 -25.36
C GLY F 289 0.17 14.81 -25.13
N VAL F 290 -1.11 15.21 -25.02
CA VAL F 290 -2.21 14.26 -24.82
C VAL F 290 -2.41 13.36 -26.03
N ASN F 291 -2.32 13.95 -27.23
CA ASN F 291 -2.40 13.19 -28.48
C ASN F 291 -1.25 12.19 -28.62
N ASN F 292 -0.05 12.64 -28.26
CA ASN F 292 1.17 11.83 -28.29
C ASN F 292 1.12 10.63 -27.37
N ALA F 293 0.47 10.78 -26.22
CA ALA F 293 0.34 9.71 -25.23
C ALA F 293 -0.47 8.53 -25.77
N ARG F 294 -1.35 8.81 -26.75
CA ARG F 294 -2.17 7.81 -27.41
C ARG F 294 -1.48 7.09 -28.58
N GLN F 295 -0.27 7.55 -28.97
CA GLN F 295 0.44 7.04 -30.14
C GLN F 295 1.48 5.97 -29.82
N PRO F 296 1.84 5.10 -30.80
CA PRO F 296 2.90 4.10 -30.59
C PRO F 296 4.25 4.68 -30.18
N TRP F 297 4.49 5.95 -30.55
CA TRP F 297 5.75 6.65 -30.22
C TRP F 297 5.59 7.55 -29.01
N HIS F 298 4.81 7.10 -28.02
CA HIS F 298 4.49 7.88 -26.83
C HIS F 298 5.66 7.96 -25.82
N ASN F 299 6.65 7.08 -25.98
CA ASN F 299 7.87 7.11 -25.17
C ASN F 299 9.12 6.98 -26.03
N ALA F 300 10.29 7.06 -25.39
CA ALA F 300 11.60 6.99 -26.05
C ALA F 300 11.75 5.81 -27.01
N GLU F 301 11.42 4.61 -26.53
CA GLU F 301 11.47 3.37 -27.33
C GLU F 301 10.60 3.50 -28.59
N GLY F 302 9.38 4.00 -28.40
CA GLY F 302 8.44 4.20 -29.49
C GLY F 302 8.95 5.15 -30.56
N ARG F 303 9.67 6.19 -30.13
CA ARG F 303 10.29 7.15 -31.05
C ARG F 303 11.36 6.46 -31.90
N LEU F 304 12.22 5.68 -31.25
CA LEU F 304 13.27 4.90 -31.92
C LEU F 304 12.68 3.91 -32.91
N ARG F 305 11.74 3.10 -32.44
CA ARG F 305 11.09 2.05 -33.23
C ARG F 305 10.46 2.61 -34.51
N TYR F 306 9.78 3.75 -34.40
CA TYR F 306 9.09 4.38 -35.54
C TYR F 306 9.95 5.42 -36.27
N GLY F 307 11.19 5.61 -35.79
CA GLY F 307 12.20 6.41 -36.47
C GLY F 307 11.82 7.88 -36.56
N LEU F 308 11.55 8.49 -35.42
CA LEU F 308 11.10 9.87 -35.35
C LEU F 308 12.27 10.84 -35.24
N ARG F 309 12.21 11.91 -36.04
CA ARG F 309 13.06 13.10 -35.82
C ARG F 309 12.62 13.75 -34.51
N PRO F 310 13.49 14.55 -33.86
CA PRO F 310 13.11 15.26 -32.64
C PRO F 310 11.84 16.12 -32.83
N ALA F 311 11.10 16.30 -31.73
CA ALA F 311 9.87 17.09 -31.71
C ALA F 311 10.15 18.55 -32.05
N ASN F 312 11.25 19.06 -31.49
CA ASN F 312 11.74 20.39 -31.80
C ASN F 312 12.59 20.35 -33.07
N PRO F 313 12.62 21.40 -33.90
CA PRO F 313 12.00 22.69 -33.57
C PRO F 313 10.51 22.86 -33.91
N THR F 314 9.87 21.82 -34.45
CA THR F 314 8.48 21.88 -34.87
C THR F 314 7.56 22.23 -33.71
N GLU F 315 7.85 21.71 -32.51
CA GLU F 315 7.02 21.90 -31.33
C GLU F 315 6.91 23.39 -30.94
N GLU F 316 8.05 24.00 -30.66
CA GLU F 316 8.11 25.38 -30.19
C GLU F 316 7.89 26.39 -31.30
N GLY F 317 8.14 25.98 -32.55
CA GLY F 317 7.82 26.75 -33.74
C GLY F 317 6.32 26.92 -33.88
N LEU F 318 5.59 25.82 -33.78
CA LEU F 318 4.13 25.79 -33.84
C LEU F 318 3.52 26.60 -32.69
N ALA F 319 4.08 26.40 -31.49
CA ALA F 319 3.61 27.07 -30.27
C ALA F 319 3.80 28.59 -30.34
N SER F 320 4.92 29.03 -30.93
CA SER F 320 5.24 30.45 -31.09
C SER F 320 4.37 31.15 -32.12
N LEU F 321 4.09 30.46 -33.24
CA LEU F 321 3.16 30.97 -34.23
C LEU F 321 1.78 31.11 -33.64
N HIS F 322 1.38 30.14 -32.82
CA HIS F 322 0.06 30.12 -32.19
C HIS F 322 -0.12 31.21 -31.13
N SER F 323 0.97 31.65 -30.51
CA SER F 323 0.91 32.69 -29.48
C SER F 323 0.47 34.02 -30.08
N VAL F 324 0.95 34.31 -31.29
CA VAL F 324 0.67 35.57 -31.98
C VAL F 324 -0.44 35.44 -33.03
N LEU F 325 -1.17 34.32 -33.00
CA LEU F 325 -2.16 34.00 -34.03
C LEU F 325 -3.21 35.07 -34.40
N PHE F 326 -4.02 35.50 -33.42
CA PHE F 326 -5.12 36.44 -33.64
C PHE F 326 -4.83 37.90 -33.26
N ARG F 327 -3.55 38.22 -33.07
CA ARG F 327 -3.12 39.57 -32.73
C ARG F 327 -3.15 40.46 -33.98
N LYS F 328 -3.36 41.75 -33.77
CA LYS F 328 -3.43 42.73 -34.86
C LYS F 328 -2.04 43.12 -35.35
N GLN F 329 -1.06 43.09 -34.44
CA GLN F 329 0.34 43.32 -34.77
C GLN F 329 1.20 42.14 -34.29
N PRO F 330 1.14 40.97 -34.98
CA PRO F 330 1.74 39.75 -34.47
C PRO F 330 3.26 39.66 -34.70
N PHE F 331 4.01 40.62 -34.16
CA PHE F 331 5.47 40.62 -34.25
C PHE F 331 6.02 39.55 -33.31
N LEU F 332 7.00 38.78 -33.81
CA LEU F 332 7.59 37.67 -33.07
C LEU F 332 8.83 38.15 -32.31
N TRP F 333 8.63 39.16 -31.46
CA TRP F 333 9.70 39.84 -30.75
C TRP F 333 10.51 38.89 -29.87
N ARG F 334 9.80 38.17 -28.99
CA ARG F 334 10.39 37.25 -28.02
C ARG F 334 11.29 36.23 -28.72
N ALA F 335 10.76 35.57 -29.76
CA ALA F 335 11.50 34.57 -30.54
C ALA F 335 12.77 35.17 -31.13
N ALA F 336 12.63 36.33 -31.78
CA ALA F 336 13.72 37.02 -32.46
C ALA F 336 14.83 37.46 -31.51
N LEU F 337 14.44 38.04 -30.37
CA LEU F 337 15.39 38.56 -29.40
C LEU F 337 16.15 37.43 -28.67
N LEU F 338 15.45 36.34 -28.38
CA LEU F 338 16.07 35.13 -27.83
C LEU F 338 17.13 34.57 -28.79
N TYR F 339 16.76 34.46 -30.07
CA TYR F 339 17.67 33.99 -31.12
C TYR F 339 18.91 34.87 -31.17
N TYR F 340 18.69 36.19 -31.24
CA TYR F 340 19.76 37.19 -31.27
C TYR F 340 20.68 37.11 -30.05
N THR F 341 20.10 37.05 -28.85
CA THR F 341 20.83 37.10 -27.59
C THR F 341 21.79 35.90 -27.45
N ILE F 342 21.32 34.73 -27.88
CA ILE F 342 22.11 33.51 -27.86
C ILE F 342 23.30 33.61 -28.81
N HIS F 343 23.04 34.10 -30.02
CA HIS F 343 24.07 34.34 -31.02
C HIS F 343 25.22 35.18 -30.45
N ARG F 344 24.89 36.26 -29.75
CA ARG F 344 25.88 37.14 -29.14
C ARG F 344 26.51 36.52 -27.89
N ALA F 345 25.71 35.79 -27.10
CA ALA F 345 26.16 35.14 -25.87
C ALA F 345 27.35 34.21 -26.10
N ALA F 346 27.31 33.52 -27.25
CA ALA F 346 28.36 32.61 -27.69
C ALA F 346 29.73 33.31 -27.82
N ARG F 347 29.71 34.61 -28.13
CA ARG F 347 30.90 35.43 -28.31
C ARG F 347 31.26 36.30 -27.09
N MET F 348 30.26 36.58 -26.25
CA MET F 348 30.36 37.64 -25.23
C MET F 348 30.31 37.14 -23.79
N SER F 349 30.90 37.93 -22.90
CA SER F 349 30.70 37.83 -21.47
C SER F 349 29.29 38.33 -21.14
N PHE F 350 28.86 38.12 -19.89
CA PHE F 350 27.55 38.56 -19.42
C PHE F 350 27.46 40.08 -19.53
N ARG F 351 28.46 40.76 -18.95
CA ARG F 351 28.63 42.20 -19.01
C ARG F 351 28.43 42.74 -20.42
N GLN F 352 29.19 42.17 -21.37
CA GLN F 352 29.14 42.56 -22.78
C GLN F 352 27.76 42.31 -23.38
N LEU F 353 27.18 41.15 -23.09
CA LEU F 353 25.87 40.75 -23.60
C LEU F 353 24.77 41.69 -23.10
N PHE F 354 24.82 42.02 -21.80
CA PHE F 354 23.86 42.91 -21.15
C PHE F 354 23.90 44.30 -21.79
N GLN F 355 25.11 44.80 -22.02
CA GLN F 355 25.33 46.09 -22.66
C GLN F 355 24.81 46.08 -24.11
N ASP F 356 25.16 45.01 -24.85
CA ASP F 356 24.78 44.85 -26.25
C ASP F 356 23.28 44.97 -26.48
N LEU F 357 22.50 44.40 -25.55
CA LEU F 357 21.03 44.38 -25.65
C LEU F 357 20.37 45.74 -25.44
N GLU F 358 21.11 46.67 -24.84
CA GLU F 358 20.61 48.02 -24.57
C GLU F 358 20.04 48.67 -25.83
N ARG F 359 20.64 48.36 -26.99
CA ARG F 359 20.20 48.87 -28.27
C ARG F 359 18.77 48.49 -28.64
N TYR F 360 18.28 47.37 -28.09
CA TYR F 360 16.94 46.86 -28.42
C TYR F 360 15.92 46.99 -27.28
N VAL F 361 16.39 46.93 -26.03
CA VAL F 361 15.51 47.03 -24.87
C VAL F 361 16.26 47.65 -23.69
N GLN F 362 15.64 48.66 -23.08
CA GLN F 362 16.27 49.47 -22.05
C GLN F 362 16.17 48.83 -20.68
N ASP F 363 14.97 48.33 -20.35
CA ASP F 363 14.68 47.78 -19.03
C ASP F 363 15.75 46.76 -18.61
N ALA F 364 16.42 47.04 -17.49
CA ALA F 364 17.48 46.19 -16.94
C ALA F 364 16.99 44.82 -16.50
N ASP F 365 15.78 44.77 -15.96
CA ASP F 365 15.15 43.53 -15.52
C ASP F 365 14.83 42.62 -16.71
N VAL F 366 14.28 43.20 -17.77
CA VAL F 366 14.00 42.46 -19.00
C VAL F 366 15.30 41.89 -19.59
N ARG F 367 16.33 42.74 -19.67
CA ARG F 367 17.64 42.35 -20.19
C ARG F 367 18.29 41.25 -19.36
N TRP F 368 18.16 41.34 -18.04
CA TRP F 368 18.69 40.32 -17.11
C TRP F 368 18.09 38.95 -17.41
N GLU F 369 16.77 38.91 -17.62
CA GLU F 369 16.07 37.68 -18.00
C GLU F 369 16.68 37.06 -19.26
N TYR F 370 16.76 37.85 -20.35
CA TYR F 370 17.26 37.37 -21.64
C TYR F 370 18.72 36.87 -21.56
N CYS F 371 19.55 37.55 -20.74
CA CYS F 371 20.94 37.19 -20.56
C CYS F 371 21.10 35.84 -19.84
N VAL F 372 20.34 35.66 -18.75
CA VAL F 372 20.36 34.42 -17.98
C VAL F 372 19.88 33.24 -18.82
N ARG F 373 18.77 33.42 -19.53
CA ARG F 373 18.24 32.42 -20.44
C ARG F 373 19.27 31.96 -21.48
N ALA F 374 20.03 32.93 -22.01
CA ALA F 374 21.05 32.68 -23.02
C ALA F 374 22.30 32.01 -22.44
N LYS F 375 22.56 32.24 -21.15
CA LYS F 375 23.73 31.69 -20.46
C LYS F 375 23.40 30.65 -19.36
N ARG F 376 22.23 30.03 -19.46
CA ARG F 376 21.82 28.93 -18.59
C ARG F 376 22.87 27.83 -18.61
N GLY F 377 23.40 27.49 -17.43
CA GLY F 377 24.39 26.45 -17.29
C GLY F 377 25.81 26.96 -17.16
N GLN F 378 26.06 28.14 -17.71
CA GLN F 378 27.37 28.79 -17.59
C GLN F 378 27.59 29.13 -16.12
N THR F 379 28.73 28.71 -15.57
CA THR F 379 29.10 29.02 -14.20
C THR F 379 29.77 30.39 -14.16
N ASP F 380 30.96 30.48 -14.78
CA ASP F 380 31.72 31.72 -14.90
C ASP F 380 31.33 32.44 -16.19
N THR F 381 30.36 33.36 -16.08
CA THR F 381 29.79 34.07 -17.24
C THR F 381 30.70 35.17 -17.82
N SER F 382 31.88 35.36 -17.21
CA SER F 382 32.92 36.24 -17.74
C SER F 382 33.47 35.75 -19.08
N LEU F 383 33.37 34.44 -19.32
CA LEU F 383 33.82 33.81 -20.56
C LEU F 383 32.67 33.77 -21.57
N PRO F 384 32.97 33.69 -22.89
CA PRO F 384 31.94 33.48 -23.89
C PRO F 384 31.28 32.12 -23.70
N GLY F 385 30.05 31.96 -24.21
CA GLY F 385 29.33 30.71 -24.12
C GLY F 385 27.83 30.91 -23.95
N CYS F 386 27.06 29.91 -24.38
CA CYS F 386 25.61 29.99 -24.41
C CYS F 386 24.94 28.65 -24.20
N PHE F 387 23.66 28.71 -23.83
CA PHE F 387 22.73 27.60 -23.93
C PHE F 387 21.83 27.96 -25.10
N SER F 388 21.98 27.24 -26.22
CA SER F 388 21.38 27.61 -27.48
C SER F 388 19.92 27.18 -27.68
N LYS F 389 19.35 26.52 -26.66
CA LYS F 389 17.98 25.98 -26.71
C LYS F 389 16.93 26.95 -27.23
N ASP F 390 16.94 28.19 -26.75
CA ASP F 390 15.90 29.18 -27.06
C ASP F 390 15.93 29.69 -28.51
N GLN F 391 16.95 29.29 -29.28
CA GLN F 391 16.97 29.56 -30.72
C GLN F 391 15.92 28.73 -31.47
N VAL F 392 15.39 27.71 -30.81
CA VAL F 392 14.41 26.79 -31.37
C VAL F 392 13.15 27.50 -31.87
N TYR F 393 12.74 28.57 -31.17
CA TYR F 393 11.50 29.28 -31.47
C TYR F 393 11.51 29.86 -32.89
N LEU F 394 12.50 30.72 -33.19
CA LEU F 394 12.61 31.32 -34.50
C LEU F 394 12.92 30.27 -35.57
N ASP F 395 13.80 29.33 -35.22
CA ASP F 395 14.17 28.22 -36.09
C ASP F 395 12.94 27.46 -36.56
N GLY F 396 12.05 27.12 -35.62
CA GLY F 396 10.80 26.45 -35.90
C GLY F 396 9.83 27.28 -36.72
N ILE F 397 9.67 28.56 -36.34
CA ILE F 397 8.80 29.50 -37.04
C ILE F 397 9.11 29.55 -38.54
N VAL F 398 10.39 29.81 -38.86
CA VAL F 398 10.84 29.97 -40.24
C VAL F 398 10.53 28.72 -41.05
N ARG F 399 10.88 27.56 -40.49
CA ARG F 399 10.70 26.27 -41.15
C ARG F 399 9.25 25.93 -41.42
N ILE F 400 8.39 26.13 -40.42
CA ILE F 400 6.97 25.85 -40.54
C ILE F 400 6.30 26.78 -41.56
N LEU F 401 6.66 28.07 -41.50
CA LEU F 401 6.11 29.06 -42.42
C LEU F 401 6.54 28.77 -43.86
N ARG F 402 7.83 28.44 -44.03
CA ARG F 402 8.40 28.04 -45.31
C ARG F 402 7.62 26.88 -45.97
N HIS F 403 7.24 25.89 -45.16
CA HIS F 403 6.59 24.66 -45.63
C HIS F 403 5.10 24.58 -45.31
N ARG F 404 4.49 25.71 -44.93
CA ARG F 404 3.09 25.75 -44.49
C ARG F 404 2.11 25.17 -45.53
N GLN F 405 2.42 25.37 -46.82
CA GLN F 405 1.58 24.95 -47.92
C GLN F 405 1.44 23.43 -48.06
N THR F 406 2.46 22.69 -47.59
CA THR F 406 2.50 21.23 -47.66
C THR F 406 2.20 20.54 -46.32
N ILE F 407 2.14 21.32 -45.24
CA ILE F 407 1.84 20.82 -43.89
C ILE F 407 0.33 20.75 -43.66
N ASP F 408 -0.12 19.62 -43.11
CA ASP F 408 -1.49 19.42 -42.64
C ASP F 408 -1.45 19.68 -41.13
N PHE F 409 -1.89 20.88 -40.73
CA PHE F 409 -1.75 21.37 -39.36
C PHE F 409 -2.60 20.61 -38.33
N PRO F 410 -3.88 20.28 -38.63
CA PRO F 410 -4.66 19.38 -37.78
C PRO F 410 -3.97 18.03 -37.55
N LEU F 411 -3.56 17.39 -38.65
CA LEU F 411 -2.88 16.10 -38.62
C LEU F 411 -1.56 16.19 -37.83
N LEU F 412 -0.82 17.28 -38.05
CA LEU F 412 0.45 17.53 -37.36
C LEU F 412 0.27 17.58 -35.85
N THR F 413 -0.82 18.20 -35.40
CA THR F 413 -1.16 18.28 -33.97
C THR F 413 -1.68 16.93 -33.45
N SER F 414 -2.51 16.25 -34.26
CA SER F 414 -3.11 14.96 -33.92
C SER F 414 -2.08 13.83 -33.69
N LEU F 415 -0.96 13.88 -34.43
CA LEU F 415 0.08 12.86 -34.35
C LEU F 415 0.99 12.97 -33.12
N GLY F 416 0.88 14.08 -32.39
CA GLY F 416 1.59 14.28 -31.13
C GLY F 416 2.89 15.03 -31.32
N LYS F 417 3.88 14.70 -30.48
CA LYS F 417 5.18 15.38 -30.44
C LYS F 417 6.08 14.97 -31.62
N VAL F 418 5.65 15.32 -32.85
CA VAL F 418 6.33 14.90 -34.07
C VAL F 418 6.76 16.10 -34.93
N SER F 419 7.85 15.91 -35.67
CA SER F 419 8.35 16.88 -36.65
C SER F 419 7.38 16.99 -37.83
N TYR F 420 7.31 18.18 -38.44
CA TYR F 420 6.48 18.42 -39.62
C TYR F 420 6.93 17.55 -40.79
N GLU F 421 8.21 17.17 -40.77
CA GLU F 421 8.81 16.32 -41.78
C GLU F 421 8.40 14.85 -41.67
N ASP F 422 7.97 14.42 -40.48
CA ASP F 422 7.58 13.02 -40.22
C ASP F 422 6.11 12.69 -40.49
N VAL F 423 5.33 13.70 -40.91
CA VAL F 423 3.87 13.56 -41.02
C VAL F 423 3.46 12.45 -41.98
N ASP F 424 4.06 12.43 -43.18
CA ASP F 424 3.79 11.41 -44.19
C ASP F 424 4.27 10.02 -43.76
N HIS F 425 5.45 9.98 -43.11
CA HIS F 425 6.02 8.76 -42.55
C HIS F 425 5.11 8.12 -41.50
N LEU F 426 4.54 8.94 -40.63
CA LEU F 426 3.79 8.48 -39.45
C LEU F 426 2.28 8.38 -39.64
N ARG F 427 1.74 9.05 -40.65
CA ARG F 427 0.30 9.06 -40.94
C ARG F 427 -0.29 7.65 -40.97
N PRO F 428 0.32 6.68 -41.67
CA PRO F 428 -0.22 5.31 -41.69
C PRO F 428 -0.29 4.61 -40.33
N HIS F 429 0.55 5.03 -39.37
CA HIS F 429 0.66 4.38 -38.06
C HIS F 429 0.05 5.16 -36.89
N GLY F 430 -0.52 6.33 -37.18
CA GLY F 430 -1.14 7.17 -36.17
C GLY F 430 -2.54 6.68 -35.83
N VAL F 431 -2.91 6.76 -34.55
CA VAL F 431 -4.29 6.48 -34.10
C VAL F 431 -4.99 7.80 -33.80
N LEU F 432 -5.95 8.15 -34.65
CA LEU F 432 -6.52 9.49 -34.73
C LEU F 432 -7.99 9.59 -34.35
N ASP F 433 -8.54 8.52 -33.75
CA ASP F 433 -9.96 8.47 -33.41
C ASP F 433 -10.33 9.58 -32.43
N ASN F 434 -9.64 9.59 -31.28
CA ASN F 434 -9.94 10.52 -30.18
C ASN F 434 -8.76 11.45 -29.88
N THR F 435 -8.15 11.98 -30.94
CA THR F 435 -7.12 13.00 -30.83
C THR F 435 -7.77 14.37 -30.93
N ARG F 436 -7.26 15.33 -30.15
CA ARG F 436 -7.81 16.68 -30.10
C ARG F 436 -7.01 17.71 -30.90
N VAL F 437 -7.73 18.48 -31.72
CA VAL F 437 -7.20 19.61 -32.47
C VAL F 437 -7.62 20.90 -31.77
N PRO F 438 -6.73 21.90 -31.60
CA PRO F 438 -7.11 23.15 -30.94
C PRO F 438 -8.27 23.89 -31.62
N HIS F 439 -9.03 24.65 -30.82
CA HIS F 439 -10.22 25.37 -31.28
C HIS F 439 -9.91 26.35 -32.40
N PHE F 440 -8.73 26.97 -32.33
CA PHE F 440 -8.31 27.99 -33.32
C PHE F 440 -7.92 27.42 -34.69
N MET F 441 -7.93 26.09 -34.81
CA MET F 441 -7.60 25.39 -36.04
C MET F 441 -8.85 24.84 -36.77
N GLN F 442 -10.03 24.98 -36.14
CA GLN F 442 -11.30 24.50 -36.70
C GLN F 442 -11.69 25.22 -37.98
N ASP F 443 -11.60 26.57 -37.95
CA ASP F 443 -11.69 27.39 -39.16
C ASP F 443 -10.27 27.45 -39.73
N LEU F 444 -9.97 26.48 -40.60
CA LEU F 444 -8.63 26.25 -41.12
C LEU F 444 -8.25 27.31 -42.16
N ALA F 445 -9.23 27.72 -42.97
CA ALA F 445 -9.07 28.81 -43.94
C ALA F 445 -8.56 30.07 -43.25
N ARG F 446 -9.18 30.40 -42.12
CA ARG F 446 -8.81 31.57 -41.32
C ARG F 446 -7.43 31.40 -40.68
N TYR F 447 -7.15 30.18 -40.21
CA TYR F 447 -5.87 29.84 -39.61
C TYR F 447 -4.71 30.15 -40.56
N ARG F 448 -4.89 29.78 -41.84
CA ARG F 448 -3.87 29.98 -42.88
C ARG F 448 -3.69 31.46 -43.21
N GLN F 449 -4.80 32.21 -43.23
CA GLN F 449 -4.79 33.66 -43.41
C GLN F 449 -3.95 34.34 -42.32
N GLN F 450 -4.13 33.87 -41.08
CA GLN F 450 -3.36 34.36 -39.94
C GLN F 450 -1.86 34.15 -40.11
N LEU F 451 -1.48 32.96 -40.63
CA LEU F 451 -0.08 32.62 -40.91
C LEU F 451 0.53 33.58 -41.94
N GLU F 452 -0.24 33.90 -42.99
CA GLU F 452 0.14 34.89 -44.01
C GLU F 452 0.33 36.26 -43.39
N HIS F 453 -0.60 36.64 -42.51
CA HIS F 453 -0.55 37.91 -41.78
C HIS F 453 0.71 37.99 -40.89
N ILE F 454 1.07 36.85 -40.28
CA ILE F 454 2.24 36.76 -39.42
C ILE F 454 3.54 36.94 -40.22
N MET F 455 3.60 36.35 -41.43
CA MET F 455 4.74 36.49 -42.31
C MET F 455 4.91 37.94 -42.72
N ALA F 456 3.85 38.52 -43.31
CA ALA F 456 3.84 39.90 -43.75
C ALA F 456 4.38 40.80 -42.63
N THR F 457 3.74 40.72 -41.47
CA THR F 457 4.10 41.54 -40.32
C THR F 457 5.58 41.45 -39.95
N ASN F 458 6.15 40.23 -40.00
CA ASN F 458 7.52 39.97 -39.56
C ASN F 458 8.59 40.02 -40.64
N ARG F 459 8.22 40.52 -41.83
CA ARG F 459 9.12 40.66 -42.98
C ARG F 459 9.73 39.31 -43.38
N LEU F 460 8.87 38.28 -43.42
CA LEU F 460 9.22 36.93 -43.82
C LEU F 460 8.34 36.52 -45.00
N ASP F 461 8.45 37.25 -46.11
CA ASP F 461 7.70 36.98 -47.32
C ASP F 461 8.16 35.69 -48.00
N GLU F 462 7.27 35.11 -48.82
CA GLU F 462 7.48 33.84 -49.52
C GLU F 462 8.85 33.73 -50.20
N ALA F 463 9.20 34.75 -50.99
CA ALA F 463 10.44 34.80 -51.75
C ALA F 463 11.67 34.65 -50.86
N GLU F 464 11.65 35.32 -49.70
CA GLU F 464 12.74 35.28 -48.73
C GLU F 464 12.88 33.91 -48.07
N LEU F 465 11.74 33.32 -47.69
CA LEU F 465 11.72 31.95 -47.17
C LEU F 465 12.22 30.94 -48.21
N GLY F 466 11.84 31.18 -49.48
CA GLY F 466 12.30 30.39 -50.61
C GLY F 466 13.82 30.35 -50.76
N ARG F 467 14.46 31.52 -50.67
CA ARG F 467 15.91 31.64 -50.74
C ARG F 467 16.59 31.08 -49.48
N LEU F 468 15.97 31.28 -48.32
CA LEU F 468 16.47 30.80 -47.03
C LEU F 468 16.61 29.27 -47.01
N LEU F 469 15.55 28.59 -47.48
CA LEU F 469 15.47 27.14 -47.51
C LEU F 469 15.01 26.69 -48.89
N PRO F 470 15.93 26.55 -49.88
CA PRO F 470 15.56 26.06 -51.21
C PRO F 470 15.23 24.56 -51.24
N ASP F 471 14.29 24.14 -50.39
CA ASP F 471 13.86 22.75 -50.27
C ASP F 471 12.83 22.43 -51.36
#